data_2EC3
#
_entry.id   2EC3
#
_entity_poly.entity_id   1
_entity_poly.type   'polypeptide(L)'
_entity_poly.pdbx_seq_one_letter_code
;GSSGSSGGSGHFRCDSSRWCHDNGVNYKIGEKWDRQGENGQMMSCTCLGNGKGEFKCDPHEATCYDDG
;
_entity_poly.pdbx_strand_id   A
#
# COMPACT_ATOMS: atom_id res chain seq x y z
N GLY A 1 -21.69 -0.01 -18.27
CA GLY A 1 -21.65 1.41 -17.96
C GLY A 1 -20.57 1.76 -16.97
N SER A 2 -20.67 2.96 -16.39
CA SER A 2 -19.69 3.42 -15.42
C SER A 2 -20.35 4.24 -14.32
N SER A 3 -19.56 4.66 -13.35
CA SER A 3 -20.07 5.45 -12.23
C SER A 3 -21.29 4.78 -11.61
N GLY A 4 -21.19 3.47 -11.37
CA GLY A 4 -22.29 2.74 -10.79
C GLY A 4 -22.51 3.08 -9.33
N SER A 5 -21.47 2.91 -8.51
CA SER A 5 -21.56 3.20 -7.10
C SER A 5 -21.11 4.63 -6.81
N SER A 6 -21.43 5.12 -5.60
CA SER A 6 -21.07 6.47 -5.21
C SER A 6 -21.43 6.72 -3.74
N GLY A 7 -20.60 7.52 -3.07
CA GLY A 7 -20.85 7.82 -1.67
C GLY A 7 -19.57 8.04 -0.89
N GLY A 8 -19.54 9.09 -0.08
CA GLY A 8 -18.37 9.40 0.72
C GLY A 8 -17.61 10.60 0.19
N SER A 9 -18.09 11.79 0.52
CA SER A 9 -17.45 13.02 0.08
C SER A 9 -16.30 13.41 1.00
N GLY A 10 -15.61 14.49 0.66
CA GLY A 10 -14.49 14.94 1.46
C GLY A 10 -14.75 16.29 2.12
N HIS A 11 -15.69 16.30 3.07
CA HIS A 11 -16.04 17.53 3.77
C HIS A 11 -14.85 18.04 4.59
N PHE A 12 -14.22 17.15 5.34
CA PHE A 12 -13.08 17.51 6.16
C PHE A 12 -11.79 17.50 5.34
N ARG A 13 -10.78 18.22 5.82
CA ARG A 13 -9.49 18.29 5.13
C ARG A 13 -8.35 17.95 6.08
N CYS A 14 -8.28 16.69 6.48
CA CYS A 14 -7.23 16.24 7.40
C CYS A 14 -5.85 16.47 6.79
N ASP A 15 -4.81 16.22 7.58
CA ASP A 15 -3.44 16.39 7.12
C ASP A 15 -2.81 15.06 6.76
N SER A 16 -3.56 14.23 6.04
CA SER A 16 -3.08 12.92 5.63
C SER A 16 -2.83 12.88 4.13
N SER A 17 -1.59 13.16 3.73
CA SER A 17 -1.22 13.16 2.33
C SER A 17 -0.11 12.16 2.05
N ARG A 18 0.73 11.93 3.06
CA ARG A 18 1.84 10.99 2.93
C ARG A 18 1.67 9.81 3.89
N TRP A 19 0.45 9.28 3.94
CA TRP A 19 0.16 8.14 4.82
C TRP A 19 -0.76 7.15 4.12
N CYS A 20 -0.80 5.93 4.64
CA CYS A 20 -1.65 4.88 4.08
C CYS A 20 -2.60 4.31 5.13
N HIS A 21 -3.62 3.59 4.68
CA HIS A 21 -4.60 3.00 5.59
C HIS A 21 -5.17 1.71 4.99
N ASP A 22 -5.18 0.65 5.78
CA ASP A 22 -5.71 -0.64 5.33
C ASP A 22 -6.68 -1.21 6.35
N ASN A 23 -6.20 -1.44 7.57
CA ASN A 23 -7.03 -1.99 8.63
C ASN A 23 -6.97 -1.10 9.87
N GLY A 24 -7.03 0.21 9.66
CA GLY A 24 -6.98 1.14 10.77
C GLY A 24 -5.58 1.32 11.32
N VAL A 25 -4.60 1.40 10.42
CA VAL A 25 -3.21 1.57 10.84
C VAL A 25 -2.47 2.52 9.90
N ASN A 26 -1.70 3.45 10.47
CA ASN A 26 -0.95 4.41 9.68
C ASN A 26 0.42 3.86 9.30
N TYR A 27 0.62 3.61 8.01
CA TYR A 27 1.87 3.08 7.51
C TYR A 27 2.71 4.18 6.84
N LYS A 28 4.02 4.08 6.98
CA LYS A 28 4.92 5.05 6.39
C LYS A 28 5.41 4.58 5.02
N ILE A 29 5.44 5.50 4.07
CA ILE A 29 5.89 5.17 2.72
C ILE A 29 7.11 4.27 2.75
N GLY A 30 6.97 3.05 2.22
CA GLY A 30 8.06 2.12 2.19
C GLY A 30 7.87 0.98 3.18
N GLU A 31 7.33 1.30 4.35
CA GLU A 31 7.10 0.30 5.39
C GLU A 31 6.40 -0.93 4.81
N LYS A 32 6.29 -1.98 5.62
CA LYS A 32 5.64 -3.21 5.19
C LYS A 32 4.91 -3.87 6.37
N TRP A 33 3.78 -4.50 6.06
CA TRP A 33 2.99 -5.17 7.09
C TRP A 33 2.42 -6.49 6.57
N ASP A 34 1.80 -7.26 7.45
CA ASP A 34 1.20 -8.54 7.07
C ASP A 34 -0.31 -8.42 6.94
N ARG A 35 -0.90 -9.28 6.11
CA ARG A 35 -2.34 -9.27 5.90
C ARG A 35 -2.83 -10.64 5.43
N GLN A 36 -4.12 -10.74 5.17
CA GLN A 36 -4.72 -11.98 4.71
C GLN A 36 -4.82 -12.01 3.19
N GLY A 37 -4.76 -13.21 2.62
CA GLY A 37 -4.85 -13.35 1.18
C GLY A 37 -6.23 -13.79 0.72
N GLU A 38 -6.44 -13.78 -0.59
CA GLU A 38 -7.74 -14.18 -1.16
C GLU A 38 -8.06 -15.62 -0.79
N ASN A 39 -7.06 -16.49 -0.84
CA ASN A 39 -7.24 -17.90 -0.52
C ASN A 39 -7.24 -18.12 0.99
N GLY A 40 -6.16 -17.69 1.64
CA GLY A 40 -6.07 -17.85 3.08
C GLY A 40 -4.69 -17.49 3.60
N GLN A 41 -3.67 -17.69 2.79
CA GLN A 41 -2.30 -17.38 3.18
C GLN A 41 -2.16 -15.90 3.52
N MET A 42 -0.95 -15.50 3.92
CA MET A 42 -0.69 -14.11 4.29
C MET A 42 -0.01 -13.38 3.14
N MET A 43 -0.32 -12.08 3.01
CA MET A 43 0.27 -11.27 1.94
C MET A 43 0.99 -10.06 2.53
N SER A 44 2.11 -9.69 1.90
CA SER A 44 2.90 -8.55 2.37
C SER A 44 2.63 -7.32 1.51
N CYS A 45 2.35 -6.20 2.16
CA CYS A 45 2.08 -4.95 1.46
C CYS A 45 3.19 -3.93 1.72
N THR A 46 3.47 -3.12 0.71
CA THR A 46 4.51 -2.09 0.83
C THR A 46 3.98 -0.73 0.40
N CYS A 47 3.89 0.19 1.36
CA CYS A 47 3.41 1.53 1.09
C CYS A 47 4.28 2.23 0.04
N LEU A 48 3.64 2.79 -0.98
CA LEU A 48 4.35 3.47 -2.05
C LEU A 48 4.03 4.97 -2.03
N GLY A 49 2.75 5.29 -1.94
CA GLY A 49 2.33 6.68 -1.92
C GLY A 49 1.71 7.12 -3.23
N ASN A 50 2.52 7.72 -4.10
CA ASN A 50 2.04 8.19 -5.39
C ASN A 50 0.71 8.92 -5.25
N GLY A 51 0.58 9.70 -4.18
CA GLY A 51 -0.64 10.44 -3.94
C GLY A 51 -1.07 10.41 -2.49
N LYS A 52 -2.32 10.05 -2.25
CA LYS A 52 -2.85 9.99 -0.89
C LYS A 52 -2.08 8.97 -0.06
N GLY A 53 -1.83 7.80 -0.64
CA GLY A 53 -1.11 6.76 0.07
C GLY A 53 -1.27 5.40 -0.59
N GLU A 54 -1.09 5.35 -1.90
CA GLU A 54 -1.21 4.10 -2.64
C GLU A 54 -0.26 3.04 -2.09
N PHE A 55 -0.52 1.78 -2.43
CA PHE A 55 0.31 0.68 -1.97
C PHE A 55 0.01 -0.60 -2.74
N LYS A 56 0.88 -1.58 -2.63
CA LYS A 56 0.71 -2.85 -3.33
C LYS A 56 0.89 -4.02 -2.37
N CYS A 57 0.58 -5.22 -2.84
CA CYS A 57 0.71 -6.42 -2.03
C CYS A 57 1.01 -7.64 -2.91
N ASP A 58 2.03 -8.40 -2.52
CA ASP A 58 2.41 -9.59 -3.27
C ASP A 58 2.65 -10.78 -2.33
N PRO A 59 2.34 -11.99 -2.81
CA PRO A 59 2.51 -13.21 -2.02
C PRO A 59 3.97 -13.57 -1.81
N HIS A 60 4.36 -13.75 -0.55
CA HIS A 60 5.73 -14.09 -0.22
C HIS A 60 5.90 -15.60 -0.13
N GLU A 61 6.99 -16.11 -0.71
CA GLU A 61 7.27 -17.54 -0.70
C GLU A 61 8.74 -17.80 -1.03
N ALA A 62 9.20 -19.01 -0.69
CA ALA A 62 10.59 -19.38 -0.95
C ALA A 62 10.69 -20.26 -2.20
N THR A 63 10.05 -19.82 -3.28
CA THR A 63 10.07 -20.56 -4.54
C THR A 63 11.29 -20.20 -5.37
N CYS A 64 12.45 -20.13 -4.73
CA CYS A 64 13.69 -19.79 -5.41
C CYS A 64 14.60 -21.01 -5.53
N TYR A 65 14.90 -21.39 -6.77
CA TYR A 65 15.75 -22.55 -7.02
C TYR A 65 17.23 -22.18 -6.85
N ASP A 66 18.08 -23.20 -6.79
CA ASP A 66 19.51 -22.99 -6.64
C ASP A 66 20.24 -23.19 -7.97
N ASP A 67 21.35 -22.49 -8.13
CA ASP A 67 22.14 -22.59 -9.35
C ASP A 67 23.55 -23.09 -9.05
N GLY A 68 24.30 -23.42 -10.11
CA GLY A 68 25.65 -23.91 -9.93
C GLY A 68 25.88 -25.23 -10.63
N GLY A 1 4.03 -17.37 -11.93
CA GLY A 1 2.82 -16.96 -12.61
C GLY A 1 2.56 -15.47 -12.50
N SER A 2 1.42 -15.03 -13.01
CA SER A 2 1.06 -13.61 -12.97
C SER A 2 -0.44 -13.44 -13.17
N SER A 3 -1.01 -12.45 -12.46
CA SER A 3 -2.44 -12.17 -12.55
C SER A 3 -2.78 -10.87 -11.85
N GLY A 4 -3.91 -10.28 -12.21
CA GLY A 4 -4.33 -9.02 -11.61
C GLY A 4 -5.73 -9.10 -11.05
N SER A 5 -6.26 -7.96 -10.60
CA SER A 5 -7.59 -7.90 -10.02
C SER A 5 -8.05 -6.45 -9.85
N SER A 6 -9.30 -6.27 -9.44
CA SER A 6 -9.85 -4.95 -9.23
C SER A 6 -9.96 -4.62 -7.74
N GLY A 7 -9.90 -3.33 -7.42
CA GLY A 7 -9.99 -2.91 -6.04
C GLY A 7 -11.42 -2.75 -5.57
N GLY A 8 -11.59 -2.40 -4.30
CA GLY A 8 -12.93 -2.22 -3.75
C GLY A 8 -12.91 -1.99 -2.25
N SER A 9 -13.75 -1.07 -1.80
CA SER A 9 -13.82 -0.74 -0.37
C SER A 9 -15.15 -0.06 -0.04
N GLY A 10 -15.51 -0.06 1.24
CA GLY A 10 -16.74 0.56 1.67
C GLY A 10 -16.70 2.07 1.52
N HIS A 11 -17.19 2.77 2.54
CA HIS A 11 -17.22 4.24 2.53
C HIS A 11 -16.51 4.80 3.75
N PHE A 12 -15.19 4.99 3.63
CA PHE A 12 -14.40 5.53 4.73
C PHE A 12 -14.23 7.03 4.59
N ARG A 13 -14.49 7.76 5.68
CA ARG A 13 -14.36 9.22 5.67
C ARG A 13 -13.05 9.64 6.31
N CYS A 14 -11.96 9.56 5.54
CA CYS A 14 -10.65 9.95 6.02
C CYS A 14 -9.87 10.71 4.96
N ASP A 15 -8.99 11.61 5.40
CA ASP A 15 -8.19 12.40 4.48
C ASP A 15 -6.70 12.16 4.72
N SER A 16 -6.18 11.09 4.12
CA SER A 16 -4.77 10.74 4.26
C SER A 16 -3.98 11.15 3.02
N SER A 17 -2.86 11.83 3.24
CA SER A 17 -2.01 12.28 2.14
C SER A 17 -0.92 11.26 1.84
N ARG A 18 -0.15 10.92 2.86
CA ARG A 18 0.93 9.96 2.72
C ARG A 18 0.58 8.63 3.36
N TRP A 19 0.18 8.68 4.63
CA TRP A 19 -0.19 7.48 5.37
C TRP A 19 -0.99 6.53 4.50
N CYS A 20 -0.90 5.23 4.79
CA CYS A 20 -1.61 4.22 4.03
C CYS A 20 -2.68 3.55 4.89
N HIS A 21 -3.94 3.84 4.59
CA HIS A 21 -5.05 3.26 5.33
C HIS A 21 -5.51 1.96 4.69
N ASP A 22 -4.98 0.84 5.18
CA ASP A 22 -5.34 -0.47 4.65
C ASP A 22 -6.28 -1.19 5.61
N ASN A 23 -5.77 -1.54 6.79
CA ASN A 23 -6.57 -2.24 7.79
C ASN A 23 -6.69 -1.41 9.07
N GLY A 24 -6.98 -0.13 8.91
CA GLY A 24 -7.12 0.75 10.06
C GLY A 24 -5.79 1.08 10.70
N VAL A 25 -4.75 1.21 9.87
CA VAL A 25 -3.42 1.52 10.37
C VAL A 25 -2.70 2.50 9.44
N ASN A 26 -2.01 3.46 10.02
CA ASN A 26 -1.28 4.46 9.25
C ASN A 26 0.19 4.07 9.12
N TYR A 27 0.57 3.63 7.92
CA TYR A 27 1.95 3.23 7.67
C TYR A 27 2.73 4.35 6.98
N LYS A 28 4.03 4.14 6.82
CA LYS A 28 4.89 5.13 6.18
C LYS A 28 5.47 4.58 4.89
N ILE A 29 5.73 5.48 3.93
CA ILE A 29 6.29 5.08 2.65
C ILE A 29 7.48 4.15 2.84
N GLY A 30 7.34 2.92 2.37
CA GLY A 30 8.41 1.95 2.48
C GLY A 30 8.07 0.82 3.45
N GLU A 31 7.38 1.17 4.53
CA GLU A 31 6.99 0.17 5.53
C GLU A 31 6.30 -1.02 4.87
N LYS A 32 6.24 -2.13 5.60
CA LYS A 32 5.60 -3.34 5.11
C LYS A 32 4.95 -4.13 6.23
N TRP A 33 3.70 -4.56 6.01
CA TRP A 33 2.97 -5.31 7.02
C TRP A 33 2.47 -6.64 6.43
N ASP A 34 2.13 -7.57 7.32
CA ASP A 34 1.64 -8.87 6.90
C ASP A 34 0.21 -9.09 7.36
N ARG A 35 -0.71 -9.20 6.40
CA ARG A 35 -2.12 -9.40 6.71
C ARG A 35 -2.63 -10.70 6.09
N GLN A 36 -3.86 -11.08 6.44
CA GLN A 36 -4.46 -12.29 5.91
C GLN A 36 -5.04 -12.06 4.52
N GLY A 37 -4.67 -12.93 3.58
CA GLY A 37 -5.16 -12.80 2.21
C GLY A 37 -6.66 -12.98 2.11
N GLU A 38 -7.25 -12.47 1.04
CA GLU A 38 -8.69 -12.58 0.84
C GLU A 38 -9.20 -13.94 1.28
N ASN A 39 -8.61 -14.99 0.74
CA ASN A 39 -9.01 -16.36 1.09
C ASN A 39 -8.42 -16.77 2.43
N GLY A 40 -7.13 -16.47 2.63
CA GLY A 40 -6.48 -16.82 3.87
C GLY A 40 -4.98 -16.69 3.79
N GLN A 41 -4.40 -17.13 2.67
CA GLN A 41 -2.96 -17.05 2.46
C GLN A 41 -2.42 -15.68 2.84
N MET A 42 -1.44 -15.66 3.73
CA MET A 42 -0.83 -14.41 4.17
C MET A 42 -0.28 -13.63 2.98
N MET A 43 -0.09 -12.33 3.18
CA MET A 43 0.42 -11.46 2.13
C MET A 43 1.30 -10.35 2.70
N SER A 44 1.94 -9.59 1.84
CA SER A 44 2.82 -8.50 2.26
C SER A 44 2.55 -7.23 1.45
N CYS A 45 2.50 -6.10 2.15
CA CYS A 45 2.25 -4.82 1.51
C CYS A 45 3.48 -3.93 1.56
N THR A 46 3.59 -3.01 0.60
CA THR A 46 4.72 -2.10 0.54
C THR A 46 4.25 -0.66 0.35
N CYS A 47 4.08 0.05 1.45
CA CYS A 47 3.64 1.45 1.41
C CYS A 47 4.39 2.22 0.33
N LEU A 48 3.65 2.82 -0.60
CA LEU A 48 4.24 3.58 -1.68
C LEU A 48 4.10 5.08 -1.43
N GLY A 49 2.89 5.51 -1.08
CA GLY A 49 2.65 6.91 -0.81
C GLY A 49 2.62 7.75 -2.09
N ASN A 50 1.64 7.49 -2.94
CA ASN A 50 1.50 8.22 -4.20
C ASN A 50 0.16 8.93 -4.26
N GLY A 51 0.18 10.24 -4.02
CA GLY A 51 -1.04 11.03 -4.06
C GLY A 51 -1.76 11.05 -2.72
N LYS A 52 -2.71 10.14 -2.54
CA LYS A 52 -3.47 10.07 -1.30
C LYS A 52 -2.88 9.01 -0.36
N GLY A 53 -2.52 7.86 -0.92
CA GLY A 53 -1.94 6.79 -0.13
C GLY A 53 -1.92 5.46 -0.87
N GLU A 54 -1.48 5.50 -2.13
CA GLU A 54 -1.42 4.29 -2.94
C GLU A 54 -0.48 3.26 -2.31
N PHE A 55 -0.80 1.99 -2.53
CA PHE A 55 0.02 0.91 -1.98
C PHE A 55 -0.31 -0.42 -2.67
N LYS A 56 0.68 -1.31 -2.70
CA LYS A 56 0.50 -2.62 -3.34
C LYS A 56 0.73 -3.73 -2.34
N CYS A 57 0.30 -4.94 -2.68
CA CYS A 57 0.47 -6.10 -1.83
C CYS A 57 0.54 -7.39 -2.64
N ASP A 58 1.61 -8.14 -2.45
CA ASP A 58 1.81 -9.40 -3.17
C ASP A 58 2.37 -10.47 -2.25
N PRO A 59 2.14 -11.74 -2.61
CA PRO A 59 2.62 -12.89 -1.83
C PRO A 59 4.14 -13.04 -1.89
N HIS A 60 4.78 -12.85 -0.75
CA HIS A 60 6.24 -12.97 -0.66
C HIS A 60 6.64 -14.27 0.01
N GLU A 61 7.81 -14.80 -0.37
CA GLU A 61 8.30 -16.04 0.20
C GLU A 61 9.82 -16.13 0.08
N ALA A 62 10.45 -16.85 1.01
CA ALA A 62 11.89 -17.01 1.00
C ALA A 62 12.31 -18.24 0.21
N THR A 63 11.38 -19.17 0.05
CA THR A 63 11.64 -20.41 -0.69
C THR A 63 10.76 -20.51 -1.92
N CYS A 64 11.36 -20.84 -3.05
CA CYS A 64 10.63 -20.98 -4.31
C CYS A 64 10.60 -22.43 -4.77
N TYR A 65 9.71 -22.72 -5.71
CA TYR A 65 9.58 -24.08 -6.23
C TYR A 65 10.36 -24.25 -7.53
N ASP A 66 11.66 -24.47 -7.40
CA ASP A 66 12.53 -24.65 -8.57
C ASP A 66 12.15 -23.67 -9.68
N ASP A 67 11.77 -22.46 -9.28
CA ASP A 67 11.38 -21.43 -10.25
C ASP A 67 12.25 -20.18 -10.09
N GLY A 68 12.91 -19.79 -11.17
CA GLY A 68 13.76 -18.60 -11.12
C GLY A 68 15.21 -18.94 -11.37
N GLY A 1 13.08 -3.36 -15.34
CA GLY A 1 11.71 -3.78 -15.54
C GLY A 1 10.86 -2.69 -16.18
N SER A 2 11.01 -2.50 -17.48
CA SER A 2 10.26 -1.49 -18.20
C SER A 2 8.80 -1.91 -18.35
N SER A 3 7.96 -0.97 -18.80
CA SER A 3 6.54 -1.24 -18.99
C SER A 3 6.16 -1.11 -20.46
N GLY A 4 5.03 -1.72 -20.82
CA GLY A 4 4.57 -1.66 -22.20
C GLY A 4 3.21 -0.98 -22.33
N SER A 5 2.19 -1.77 -22.62
CA SER A 5 0.83 -1.25 -22.78
C SER A 5 0.31 -0.68 -21.47
N SER A 6 -0.04 0.60 -21.47
CA SER A 6 -0.56 1.26 -20.27
C SER A 6 -1.54 2.35 -20.63
N GLY A 7 -2.22 2.89 -19.63
CA GLY A 7 -3.18 3.95 -19.86
C GLY A 7 -3.06 5.08 -18.86
N GLY A 8 -4.12 5.88 -18.74
CA GLY A 8 -4.10 7.00 -17.81
C GLY A 8 -5.46 7.65 -17.66
N SER A 9 -5.50 8.80 -17.00
CA SER A 9 -6.74 9.52 -16.80
C SER A 9 -6.48 10.88 -16.13
N GLY A 10 -7.13 11.91 -16.65
CA GLY A 10 -6.95 13.25 -16.10
C GLY A 10 -7.12 13.28 -14.59
N HIS A 11 -8.30 13.70 -14.13
CA HIS A 11 -8.58 13.77 -12.71
C HIS A 11 -7.34 14.20 -11.93
N PHE A 12 -6.63 15.19 -12.47
CA PHE A 12 -5.42 15.70 -11.83
C PHE A 12 -5.71 16.13 -10.39
N ARG A 13 -4.91 15.63 -9.45
CA ARG A 13 -5.08 15.96 -8.04
C ARG A 13 -3.79 15.70 -7.27
N CYS A 14 -3.55 16.50 -6.23
CA CYS A 14 -2.36 16.35 -5.41
C CYS A 14 -2.71 15.80 -4.03
N ASP A 15 -2.06 14.72 -3.65
CA ASP A 15 -2.31 14.10 -2.35
C ASP A 15 -1.15 14.33 -1.40
N SER A 16 -1.30 15.33 -0.53
CA SER A 16 -0.25 15.66 0.44
C SER A 16 -0.10 14.56 1.49
N SER A 17 -1.23 14.07 1.98
CA SER A 17 -1.23 13.02 2.98
C SER A 17 -0.52 11.77 2.47
N ARG A 18 0.58 11.41 3.12
CA ARG A 18 1.34 10.23 2.72
C ARG A 18 1.18 9.11 3.73
N TRP A 19 0.04 8.43 3.68
CA TRP A 19 -0.25 7.33 4.60
C TRP A 19 -1.21 6.33 3.97
N CYS A 20 -1.19 5.10 4.46
CA CYS A 20 -2.06 4.05 3.95
C CYS A 20 -3.24 3.83 4.88
N HIS A 21 -4.42 3.60 4.30
CA HIS A 21 -5.63 3.37 5.09
C HIS A 21 -6.18 1.97 4.83
N ASP A 22 -5.31 0.96 4.97
CA ASP A 22 -5.70 -0.42 4.76
C ASP A 22 -6.48 -0.96 5.96
N ASN A 23 -5.82 -0.97 7.12
CA ASN A 23 -6.44 -1.46 8.35
C ASN A 23 -6.31 -0.43 9.46
N GLY A 24 -6.69 0.81 9.16
CA GLY A 24 -6.61 1.87 10.16
C GLY A 24 -5.23 1.98 10.78
N VAL A 25 -4.21 1.62 10.02
CA VAL A 25 -2.83 1.68 10.50
C VAL A 25 -2.10 2.88 9.93
N ASN A 26 -1.13 3.39 10.67
CA ASN A 26 -0.35 4.55 10.24
C ASN A 26 1.04 4.12 9.78
N TYR A 27 1.12 3.53 8.59
CA TYR A 27 2.38 3.06 8.04
C TYR A 27 3.19 4.24 7.48
N LYS A 28 4.35 3.93 6.90
CA LYS A 28 5.20 4.96 6.32
C LYS A 28 5.72 4.53 4.95
N ILE A 29 5.94 5.50 4.08
CA ILE A 29 6.42 5.23 2.73
C ILE A 29 7.57 4.22 2.77
N GLY A 30 7.31 3.02 2.26
CA GLY A 30 8.33 1.98 2.24
C GLY A 30 8.02 0.85 3.20
N GLU A 31 7.48 1.20 4.37
CA GLU A 31 7.14 0.21 5.38
C GLU A 31 6.37 -0.96 4.77
N LYS A 32 6.29 -2.06 5.51
CA LYS A 32 5.58 -3.25 5.04
C LYS A 32 4.94 -3.99 6.20
N TRP A 33 3.71 -4.46 5.99
CA TRP A 33 2.98 -5.18 7.02
C TRP A 33 2.41 -6.49 6.47
N ASP A 34 1.83 -7.30 7.35
CA ASP A 34 1.24 -8.56 6.94
C ASP A 34 -0.29 -8.48 6.89
N ARG A 35 -0.88 -9.11 5.89
CA ARG A 35 -2.33 -9.09 5.74
C ARG A 35 -2.83 -10.44 5.22
N GLN A 36 -4.15 -10.58 5.13
CA GLN A 36 -4.76 -11.82 4.66
C GLN A 36 -4.83 -11.84 3.12
N GLY A 37 -4.76 -13.03 2.56
CA GLY A 37 -4.81 -13.17 1.11
C GLY A 37 -6.16 -13.65 0.62
N GLU A 38 -6.18 -14.24 -0.56
CA GLU A 38 -7.41 -14.76 -1.15
C GLU A 38 -7.82 -16.08 -0.50
N ASN A 39 -6.85 -16.98 -0.36
CA ASN A 39 -7.10 -18.29 0.24
C ASN A 39 -6.44 -18.38 1.61
N GLY A 40 -6.55 -17.31 2.39
CA GLY A 40 -5.96 -17.31 3.72
C GLY A 40 -4.49 -16.91 3.70
N GLN A 41 -3.76 -17.43 2.73
CA GLN A 41 -2.33 -17.13 2.61
C GLN A 41 -2.05 -15.67 2.96
N MET A 42 -1.05 -15.45 3.80
CA MET A 42 -0.68 -14.11 4.21
C MET A 42 -0.04 -13.34 3.05
N MET A 43 -0.05 -12.01 3.15
CA MET A 43 0.52 -11.16 2.12
C MET A 43 1.23 -9.96 2.73
N SER A 44 2.13 -9.35 1.95
CA SER A 44 2.88 -8.19 2.42
C SER A 44 2.60 -6.97 1.54
N CYS A 45 2.10 -5.91 2.17
CA CYS A 45 1.78 -4.68 1.46
C CYS A 45 2.85 -3.62 1.71
N THR A 46 3.26 -2.93 0.65
CA THR A 46 4.27 -1.88 0.75
C THR A 46 3.67 -0.50 0.48
N CYS A 47 3.69 0.35 1.50
CA CYS A 47 3.16 1.70 1.37
C CYS A 47 3.91 2.49 0.31
N LEU A 48 3.46 2.38 -0.93
CA LEU A 48 4.10 3.09 -2.04
C LEU A 48 4.07 4.60 -1.81
N GLY A 49 2.86 5.16 -1.75
CA GLY A 49 2.72 6.59 -1.53
C GLY A 49 1.85 7.25 -2.60
N ASN A 50 2.05 6.84 -3.84
CA ASN A 50 1.29 7.40 -4.95
C ASN A 50 -0.21 7.44 -4.63
N GLY A 51 -0.90 8.45 -5.14
CA GLY A 51 -2.32 8.58 -4.90
C GLY A 51 -2.63 8.92 -3.46
N LYS A 52 -3.77 8.44 -2.97
CA LYS A 52 -4.18 8.70 -1.59
C LYS A 52 -3.65 7.62 -0.66
N GLY A 53 -2.40 7.21 -0.88
CA GLY A 53 -1.80 6.19 -0.04
C GLY A 53 -1.83 4.82 -0.69
N GLU A 54 -1.62 4.79 -2.00
CA GLU A 54 -1.63 3.52 -2.74
C GLU A 54 -0.54 2.58 -2.23
N PHE A 55 -0.85 1.30 -2.15
CA PHE A 55 0.09 0.30 -1.68
C PHE A 55 0.14 -0.90 -2.63
N LYS A 56 1.26 -1.61 -2.61
CA LYS A 56 1.43 -2.77 -3.47
C LYS A 56 1.61 -4.04 -2.64
N CYS A 57 0.62 -4.93 -2.69
CA CYS A 57 0.67 -6.18 -1.95
C CYS A 57 1.01 -7.35 -2.86
N ASP A 58 1.88 -8.23 -2.40
CA ASP A 58 2.29 -9.39 -3.17
C ASP A 58 2.58 -10.58 -2.26
N PRO A 59 2.27 -11.79 -2.76
CA PRO A 59 2.48 -13.03 -2.00
C PRO A 59 3.95 -13.37 -1.83
N HIS A 60 4.36 -13.62 -0.59
CA HIS A 60 5.75 -13.95 -0.29
C HIS A 60 6.33 -14.86 -1.37
N GLU A 61 7.59 -14.62 -1.72
CA GLU A 61 8.26 -15.42 -2.75
C GLU A 61 8.89 -16.67 -2.13
N ALA A 62 8.07 -17.70 -1.94
CA ALA A 62 8.55 -18.95 -1.36
C ALA A 62 9.24 -19.81 -2.41
N THR A 63 8.93 -19.54 -3.69
CA THR A 63 9.52 -20.29 -4.78
C THR A 63 10.31 -19.38 -5.72
N CYS A 64 11.63 -19.34 -5.53
CA CYS A 64 12.49 -18.51 -6.37
C CYS A 64 12.44 -18.95 -7.82
N TYR A 65 11.63 -18.27 -8.62
CA TYR A 65 11.48 -18.59 -10.03
C TYR A 65 12.27 -17.61 -10.90
N ASP A 66 12.59 -18.04 -12.11
CA ASP A 66 13.34 -17.20 -13.05
C ASP A 66 12.41 -16.58 -14.09
N ASP A 67 12.24 -15.27 -14.02
CA ASP A 67 11.38 -14.56 -14.96
C ASP A 67 12.21 -13.70 -15.89
N GLY A 68 11.63 -13.35 -17.05
CA GLY A 68 12.32 -12.54 -18.02
C GLY A 68 11.62 -11.22 -18.28
N GLY A 1 8.79 5.98 -14.79
CA GLY A 1 8.96 7.42 -14.68
C GLY A 1 7.89 8.06 -13.82
N SER A 2 7.93 9.39 -13.73
CA SER A 2 6.95 10.12 -12.93
C SER A 2 6.30 11.23 -13.75
N SER A 3 7.13 12.07 -14.36
CA SER A 3 6.62 13.18 -15.18
C SER A 3 6.15 12.67 -16.54
N GLY A 4 5.14 13.34 -17.09
CA GLY A 4 4.61 12.96 -18.38
C GLY A 4 3.22 12.37 -18.28
N SER A 5 3.12 11.04 -18.45
CA SER A 5 1.84 10.36 -18.39
C SER A 5 1.02 10.84 -17.19
N SER A 6 -0.24 11.19 -17.43
CA SER A 6 -1.11 11.67 -16.37
C SER A 6 -2.26 10.70 -16.13
N GLY A 7 -3.08 10.99 -15.14
CA GLY A 7 -4.21 10.13 -14.82
C GLY A 7 -5.53 10.85 -14.94
N GLY A 8 -5.94 11.13 -16.18
CA GLY A 8 -7.20 11.82 -16.40
C GLY A 8 -7.06 12.99 -17.33
N SER A 9 -8.18 13.51 -17.82
CA SER A 9 -8.18 14.64 -18.73
C SER A 9 -8.76 15.88 -18.07
N GLY A 10 -7.91 16.60 -17.32
CA GLY A 10 -8.36 17.80 -16.64
C GLY A 10 -8.24 17.69 -15.13
N HIS A 11 -8.66 16.54 -14.59
CA HIS A 11 -8.59 16.31 -13.15
C HIS A 11 -7.23 16.72 -12.59
N PHE A 12 -7.24 17.55 -11.55
CA PHE A 12 -6.01 18.02 -10.93
C PHE A 12 -6.05 17.78 -9.42
N ARG A 13 -5.19 16.87 -8.96
CA ARG A 13 -5.12 16.55 -7.53
C ARG A 13 -3.92 15.67 -7.23
N CYS A 14 -3.33 15.86 -6.06
CA CYS A 14 -2.16 15.08 -5.66
C CYS A 14 -2.32 14.57 -4.23
N ASP A 15 -1.80 13.37 -3.96
CA ASP A 15 -1.88 12.77 -2.64
C ASP A 15 -0.87 13.41 -1.69
N SER A 16 -1.28 14.49 -1.04
CA SER A 16 -0.41 15.21 -0.11
C SER A 16 -0.18 14.38 1.15
N SER A 17 -1.25 13.78 1.66
CA SER A 17 -1.15 12.96 2.87
C SER A 17 -0.03 11.93 2.75
N ARG A 18 0.00 11.22 1.63
CA ARG A 18 1.03 10.22 1.38
C ARG A 18 1.02 9.16 2.49
N TRP A 19 -0.16 8.88 3.02
CA TRP A 19 -0.31 7.89 4.09
C TRP A 19 -1.11 6.69 3.61
N CYS A 20 -0.99 5.58 4.33
CA CYS A 20 -1.70 4.36 3.98
C CYS A 20 -2.55 3.87 5.14
N HIS A 21 -3.86 3.83 4.94
CA HIS A 21 -4.78 3.38 5.98
C HIS A 21 -5.53 2.12 5.54
N ASP A 22 -5.26 1.01 6.21
CA ASP A 22 -5.89 -0.26 5.89
C ASP A 22 -6.69 -0.79 7.07
N ASN A 23 -6.01 -0.95 8.21
CA ASN A 23 -6.65 -1.44 9.42
C ASN A 23 -6.37 -0.53 10.60
N GLY A 24 -6.98 0.66 10.58
CA GLY A 24 -6.78 1.61 11.65
C GLY A 24 -5.32 1.78 12.01
N VAL A 25 -4.44 1.47 11.07
CA VAL A 25 -3.00 1.61 11.30
C VAL A 25 -2.34 2.38 10.17
N ASN A 26 -1.40 3.25 10.53
CA ASN A 26 -0.69 4.06 9.55
C ASN A 26 0.61 3.38 9.14
N TYR A 27 1.03 3.63 7.90
CA TYR A 27 2.26 3.04 7.37
C TYR A 27 3.07 4.07 6.60
N LYS A 28 4.28 4.35 7.08
CA LYS A 28 5.16 5.31 6.44
C LYS A 28 5.60 4.81 5.07
N ILE A 29 5.82 5.74 4.15
CA ILE A 29 6.26 5.40 2.79
C ILE A 29 7.40 4.40 2.83
N GLY A 30 7.14 3.18 2.35
CA GLY A 30 8.16 2.16 2.32
C GLY A 30 7.87 1.04 3.31
N GLU A 31 7.28 1.39 4.45
CA GLU A 31 6.95 0.41 5.48
C GLU A 31 6.16 -0.76 4.88
N LYS A 32 6.02 -1.81 5.68
CA LYS A 32 5.27 -2.99 5.23
C LYS A 32 4.56 -3.65 6.41
N TRP A 33 3.49 -4.38 6.10
CA TRP A 33 2.71 -5.07 7.13
C TRP A 33 2.15 -6.38 6.59
N ASP A 34 1.60 -7.19 7.49
CA ASP A 34 1.02 -8.48 7.11
C ASP A 34 -0.50 -8.37 6.97
N ARG A 35 -1.03 -9.01 5.93
CA ARG A 35 -2.47 -8.98 5.67
C ARG A 35 -2.97 -10.33 5.21
N GLN A 36 -4.28 -10.47 5.06
CA GLN A 36 -4.88 -11.72 4.61
C GLN A 36 -4.91 -11.81 3.09
N GLY A 37 -4.78 -13.02 2.57
CA GLY A 37 -4.79 -13.21 1.13
C GLY A 37 -6.11 -13.78 0.63
N GLU A 38 -6.03 -14.70 -0.31
CA GLU A 38 -7.22 -15.32 -0.88
C GLU A 38 -7.58 -16.60 -0.14
N ASN A 39 -6.61 -17.52 -0.07
CA ASN A 39 -6.81 -18.80 0.60
C ASN A 39 -6.09 -18.82 1.95
N GLY A 40 -6.74 -18.30 2.97
CA GLY A 40 -6.14 -18.27 4.30
C GLY A 40 -4.64 -18.07 4.26
N GLN A 41 -4.19 -17.24 3.32
CA GLN A 41 -2.76 -16.97 3.17
C GLN A 41 -2.43 -15.54 3.61
N MET A 42 -1.14 -15.23 3.67
CA MET A 42 -0.70 -13.90 4.08
C MET A 42 -0.04 -13.17 2.91
N MET A 43 -0.27 -11.87 2.83
CA MET A 43 0.31 -11.05 1.77
C MET A 43 1.06 -9.86 2.34
N SER A 44 2.25 -9.60 1.81
CA SER A 44 3.07 -8.48 2.27
C SER A 44 2.78 -7.22 1.46
N CYS A 45 2.22 -6.22 2.13
CA CYS A 45 1.88 -4.96 1.48
C CYS A 45 3.01 -3.94 1.65
N THR A 46 3.31 -3.21 0.59
CA THR A 46 4.36 -2.20 0.63
C THR A 46 3.79 -0.80 0.41
N CYS A 47 3.93 0.05 1.41
CA CYS A 47 3.44 1.42 1.34
C CYS A 47 4.21 2.22 0.29
N LEU A 48 3.49 2.72 -0.71
CA LEU A 48 4.12 3.50 -1.77
C LEU A 48 3.74 4.98 -1.64
N GLY A 49 2.44 5.25 -1.56
CA GLY A 49 1.98 6.61 -1.44
C GLY A 49 1.73 7.27 -2.79
N ASN A 50 1.17 6.51 -3.72
CA ASN A 50 0.89 7.02 -5.06
C ASN A 50 -0.57 6.79 -5.43
N GLY A 51 -1.47 7.15 -4.52
CA GLY A 51 -2.90 6.98 -4.76
C GLY A 51 -3.69 6.84 -3.48
N LYS A 52 -3.99 7.97 -2.86
CA LYS A 52 -4.76 7.98 -1.61
C LYS A 52 -4.43 6.75 -0.77
N GLY A 53 -3.16 6.37 -0.76
CA GLY A 53 -2.74 5.21 0.01
C GLY A 53 -2.45 4.00 -0.85
N GLU A 54 -1.95 4.24 -2.05
CA GLU A 54 -1.64 3.16 -2.98
C GLU A 54 -0.46 2.34 -2.49
N PHE A 55 -0.67 1.04 -2.32
CA PHE A 55 0.38 0.14 -1.85
C PHE A 55 0.34 -1.19 -2.61
N LYS A 56 1.51 -1.65 -3.04
CA LYS A 56 1.62 -2.90 -3.78
C LYS A 56 1.73 -4.09 -2.83
N CYS A 57 0.87 -5.07 -3.02
CA CYS A 57 0.87 -6.26 -2.17
C CYS A 57 1.05 -7.53 -3.02
N ASP A 58 2.11 -8.28 -2.74
CA ASP A 58 2.39 -9.51 -3.46
C ASP A 58 2.59 -10.68 -2.50
N PRO A 59 2.22 -11.88 -2.95
CA PRO A 59 2.35 -13.10 -2.15
C PRO A 59 3.81 -13.51 -1.96
N HIS A 60 4.14 -13.96 -0.75
CA HIS A 60 5.50 -14.39 -0.44
C HIS A 60 6.03 -15.35 -1.51
N GLU A 61 7.32 -15.25 -1.79
CA GLU A 61 7.95 -16.09 -2.80
C GLU A 61 9.19 -16.79 -2.23
N ALA A 62 8.99 -18.00 -1.71
CA ALA A 62 10.09 -18.78 -1.14
C ALA A 62 11.29 -18.80 -2.08
N THR A 63 12.43 -18.30 -1.60
CA THR A 63 13.65 -18.26 -2.39
C THR A 63 14.82 -18.88 -1.64
N CYS A 64 15.27 -20.03 -2.10
CA CYS A 64 16.38 -20.73 -1.46
C CYS A 64 17.71 -20.13 -1.90
N TYR A 65 18.12 -19.04 -1.25
CA TYR A 65 19.36 -18.37 -1.57
C TYR A 65 19.97 -17.70 -0.34
N ASP A 66 21.29 -17.72 -0.24
CA ASP A 66 21.98 -17.12 0.89
C ASP A 66 21.77 -17.93 2.16
N ASP A 67 21.66 -19.24 2.00
CA ASP A 67 21.45 -20.13 3.15
C ASP A 67 22.15 -21.47 2.92
N GLY A 68 22.07 -22.35 3.91
CA GLY A 68 22.70 -23.65 3.82
C GLY A 68 22.33 -24.56 4.96
N GLY A 1 14.33 25.55 -10.05
CA GLY A 1 14.45 24.41 -10.94
C GLY A 1 13.59 24.55 -12.18
N SER A 2 14.23 24.65 -13.34
CA SER A 2 13.51 24.80 -14.60
C SER A 2 12.31 23.87 -14.64
N SER A 3 11.15 24.44 -14.98
CA SER A 3 9.91 23.67 -15.05
C SER A 3 8.88 24.39 -15.91
N GLY A 4 8.05 23.60 -16.60
CA GLY A 4 7.02 24.17 -17.44
C GLY A 4 5.79 23.30 -17.55
N SER A 5 5.01 23.25 -16.47
CA SER A 5 3.80 22.44 -16.43
C SER A 5 2.58 23.30 -16.13
N SER A 6 1.85 23.67 -17.18
CA SER A 6 0.66 24.50 -17.03
C SER A 6 -0.58 23.76 -17.52
N GLY A 7 -1.69 23.93 -16.80
CA GLY A 7 -2.92 23.27 -17.16
C GLY A 7 -4.04 23.53 -16.18
N GLY A 8 -4.10 22.70 -15.14
CA GLY A 8 -5.14 22.86 -14.13
C GLY A 8 -4.71 22.33 -12.77
N SER A 9 -3.74 23.00 -12.16
CA SER A 9 -3.23 22.60 -10.86
C SER A 9 -4.34 22.68 -9.81
N GLY A 10 -4.97 23.84 -9.71
CA GLY A 10 -6.04 24.04 -8.74
C GLY A 10 -5.55 24.74 -7.48
N HIS A 11 -6.44 24.86 -6.50
CA HIS A 11 -6.10 25.51 -5.24
C HIS A 11 -6.03 24.50 -4.10
N PHE A 12 -4.84 23.99 -3.83
CA PHE A 12 -4.65 23.02 -2.76
C PHE A 12 -3.93 23.65 -1.57
N ARG A 13 -4.58 23.63 -0.42
CA ARG A 13 -4.01 24.20 0.80
C ARG A 13 -3.08 23.19 1.49
N CYS A 14 -1.84 23.12 1.00
CA CYS A 14 -0.86 22.20 1.56
C CYS A 14 -1.52 20.91 2.04
N ASP A 15 -2.43 20.39 1.22
CA ASP A 15 -3.14 19.16 1.55
C ASP A 15 -2.54 17.97 0.81
N SER A 16 -2.21 16.91 1.54
CA SER A 16 -1.64 15.72 0.95
C SER A 16 -1.54 14.58 1.98
N SER A 17 -2.10 13.43 1.64
CA SER A 17 -2.10 12.28 2.53
C SER A 17 -0.80 11.51 2.40
N ARG A 18 -0.07 11.37 3.50
CA ARG A 18 1.20 10.65 3.50
C ARG A 18 1.11 9.39 4.36
N TRP A 19 -0.03 8.73 4.31
CA TRP A 19 -0.24 7.51 5.09
C TRP A 19 -1.09 6.50 4.31
N CYS A 20 -0.89 5.23 4.60
CA CYS A 20 -1.63 4.16 3.93
C CYS A 20 -2.75 3.63 4.83
N HIS A 21 -3.96 3.58 4.29
CA HIS A 21 -5.11 3.09 5.04
C HIS A 21 -5.34 1.61 4.76
N ASP A 22 -5.06 0.77 5.76
CA ASP A 22 -5.24 -0.67 5.62
C ASP A 22 -5.35 -1.34 6.99
N ASN A 23 -6.42 -2.09 7.19
CA ASN A 23 -6.64 -2.78 8.45
C ASN A 23 -6.66 -1.80 9.62
N GLY A 24 -7.04 -0.55 9.33
CA GLY A 24 -7.09 0.47 10.36
C GLY A 24 -5.72 0.77 10.94
N VAL A 25 -4.72 0.85 10.08
CA VAL A 25 -3.36 1.14 10.52
C VAL A 25 -2.62 2.00 9.49
N ASN A 26 -1.82 2.93 10.00
CA ASN A 26 -1.06 3.82 9.13
C ASN A 26 0.43 3.47 9.16
N TYR A 27 0.99 3.25 7.98
CA TYR A 27 2.41 2.90 7.86
C TYR A 27 3.20 4.03 7.19
N LYS A 28 4.47 4.12 7.53
CA LYS A 28 5.34 5.15 6.96
C LYS A 28 5.73 4.80 5.53
N ILE A 29 5.86 5.82 4.68
CA ILE A 29 6.24 5.61 3.29
C ILE A 29 7.43 4.65 3.18
N GLY A 30 7.18 3.49 2.59
CA GLY A 30 8.23 2.50 2.43
C GLY A 30 8.04 1.30 3.34
N GLU A 31 7.51 1.53 4.53
CA GLU A 31 7.28 0.47 5.50
C GLU A 31 6.43 -0.64 4.89
N LYS A 32 6.25 -1.71 5.64
CA LYS A 32 5.44 -2.85 5.18
C LYS A 32 4.63 -3.44 6.32
N TRP A 33 3.70 -4.32 5.98
CA TRP A 33 2.85 -4.96 6.99
C TRP A 33 2.30 -6.29 6.46
N ASP A 34 1.62 -7.02 7.34
CA ASP A 34 1.03 -8.30 6.97
C ASP A 34 -0.48 -8.20 6.89
N ARG A 35 -1.08 -8.98 5.99
CA ARG A 35 -2.53 -8.98 5.82
C ARG A 35 -3.03 -10.36 5.41
N GLN A 36 -4.35 -10.50 5.31
CA GLN A 36 -4.95 -11.78 4.93
C GLN A 36 -5.20 -11.82 3.42
N GLY A 37 -4.76 -12.91 2.78
CA GLY A 37 -4.96 -13.05 1.36
C GLY A 37 -6.41 -13.21 0.97
N GLU A 38 -6.66 -13.93 -0.11
CA GLU A 38 -8.03 -14.15 -0.58
C GLU A 38 -8.72 -15.22 0.26
N ASN A 39 -8.04 -16.34 0.46
CA ASN A 39 -8.58 -17.44 1.24
C ASN A 39 -8.00 -17.45 2.65
N GLY A 40 -6.68 -17.51 2.73
CA GLY A 40 -6.00 -17.52 4.03
C GLY A 40 -4.51 -17.63 3.91
N GLN A 41 -3.92 -16.77 3.07
CA GLN A 41 -2.48 -16.77 2.87
C GLN A 41 -1.87 -15.42 3.23
N MET A 42 -0.97 -15.43 4.21
CA MET A 42 -0.32 -14.20 4.66
C MET A 42 0.34 -13.47 3.49
N MET A 43 -0.08 -12.24 3.27
CA MET A 43 0.47 -11.43 2.18
C MET A 43 1.24 -10.23 2.73
N SER A 44 2.23 -9.76 1.96
CA SER A 44 3.03 -8.63 2.37
C SER A 44 2.83 -7.44 1.44
N CYS A 45 2.39 -6.32 2.01
CA CYS A 45 2.13 -5.11 1.24
C CYS A 45 3.16 -4.03 1.57
N THR A 46 3.34 -3.09 0.66
CA THR A 46 4.27 -1.99 0.86
C THR A 46 3.63 -0.64 0.57
N CYS A 47 3.99 0.36 1.36
CA CYS A 47 3.44 1.70 1.19
C CYS A 47 4.23 2.49 0.16
N LEU A 48 3.81 2.39 -1.10
CA LEU A 48 4.48 3.09 -2.18
C LEU A 48 4.32 4.60 -2.04
N GLY A 49 3.09 5.04 -1.83
CA GLY A 49 2.81 6.45 -1.68
C GLY A 49 2.95 7.22 -2.98
N ASN A 50 1.85 7.37 -3.71
CA ASN A 50 1.86 8.08 -4.99
C ASN A 50 0.73 9.11 -5.04
N GLY A 51 0.87 10.18 -4.28
CA GLY A 51 -0.13 11.21 -4.26
C GLY A 51 -1.12 11.04 -3.12
N LYS A 52 -1.92 9.98 -3.20
CA LYS A 52 -2.92 9.71 -2.17
C LYS A 52 -2.38 8.70 -1.15
N GLY A 53 -1.73 7.65 -1.65
CA GLY A 53 -1.18 6.64 -0.78
C GLY A 53 -1.43 5.24 -1.28
N GLU A 54 -1.26 5.04 -2.58
CA GLU A 54 -1.47 3.73 -3.20
C GLU A 54 -0.45 2.72 -2.68
N PHE A 55 -0.91 1.50 -2.41
CA PHE A 55 -0.04 0.45 -1.92
C PHE A 55 -0.29 -0.86 -2.67
N LYS A 56 0.79 -1.59 -2.93
CA LYS A 56 0.69 -2.86 -3.65
C LYS A 56 0.98 -4.04 -2.72
N CYS A 57 0.15 -5.06 -2.81
CA CYS A 57 0.32 -6.26 -1.98
C CYS A 57 0.52 -7.50 -2.83
N ASP A 58 1.60 -8.23 -2.55
CA ASP A 58 1.91 -9.44 -3.29
C ASP A 58 2.29 -10.57 -2.34
N PRO A 59 2.08 -11.82 -2.80
CA PRO A 59 2.39 -13.01 -2.00
C PRO A 59 3.88 -13.23 -1.84
N HIS A 60 4.30 -13.58 -0.64
CA HIS A 60 5.72 -13.82 -0.35
C HIS A 60 5.94 -15.25 0.12
N GLU A 61 7.16 -15.74 -0.07
CA GLU A 61 7.51 -17.11 0.33
C GLU A 61 9.01 -17.22 0.61
N ALA A 62 9.35 -17.71 1.80
CA ALA A 62 10.74 -17.88 2.18
C ALA A 62 11.33 -19.14 1.57
N THR A 63 11.97 -18.99 0.42
CA THR A 63 12.57 -20.12 -0.28
C THR A 63 13.82 -19.69 -1.04
N CYS A 64 14.96 -20.26 -0.66
CA CYS A 64 16.23 -19.93 -1.31
C CYS A 64 16.36 -20.68 -2.64
N TYR A 65 16.00 -20.02 -3.73
CA TYR A 65 16.09 -20.61 -5.05
C TYR A 65 17.52 -20.63 -5.56
N ASP A 66 18.18 -19.48 -5.48
CA ASP A 66 19.56 -19.36 -5.93
C ASP A 66 20.44 -18.78 -4.84
N ASP A 67 21.73 -19.07 -4.90
CA ASP A 67 22.68 -18.57 -3.91
C ASP A 67 23.84 -17.82 -4.58
N GLY A 68 23.89 -16.51 -4.36
CA GLY A 68 24.93 -15.70 -4.95
C GLY A 68 25.64 -14.83 -3.93
N GLY A 1 -2.57 5.16 -22.09
CA GLY A 1 -3.83 5.52 -21.47
C GLY A 1 -3.74 6.82 -20.68
N SER A 2 -4.39 6.85 -19.52
CA SER A 2 -4.38 8.04 -18.68
C SER A 2 -4.01 7.68 -17.24
N SER A 3 -3.40 8.63 -16.54
CA SER A 3 -2.98 8.42 -15.16
C SER A 3 -4.10 8.79 -14.20
N GLY A 4 -4.66 9.98 -14.37
CA GLY A 4 -5.73 10.43 -13.51
C GLY A 4 -6.50 11.59 -14.10
N SER A 5 -7.82 11.54 -13.97
CA SER A 5 -8.69 12.59 -14.50
C SER A 5 -8.70 13.81 -13.58
N SER A 6 -9.16 13.61 -12.35
CA SER A 6 -9.23 14.68 -11.37
C SER A 6 -10.00 15.88 -11.94
N GLY A 7 -11.09 15.61 -12.63
CA GLY A 7 -11.90 16.66 -13.21
C GLY A 7 -13.21 16.87 -12.48
N GLY A 8 -13.13 17.56 -11.34
CA GLY A 8 -14.33 17.81 -10.56
C GLY A 8 -14.37 19.23 -10.01
N SER A 9 -15.41 19.53 -9.25
CA SER A 9 -15.57 20.86 -8.66
C SER A 9 -15.00 20.90 -7.24
N GLY A 10 -14.59 22.08 -6.81
CA GLY A 10 -14.04 22.23 -5.48
C GLY A 10 -12.58 21.81 -5.42
N HIS A 11 -11.71 22.73 -5.01
CA HIS A 11 -10.29 22.44 -4.90
C HIS A 11 -9.89 22.16 -3.45
N PHE A 12 -9.18 21.06 -3.24
CA PHE A 12 -8.75 20.68 -1.90
C PHE A 12 -7.70 19.57 -1.97
N ARG A 13 -6.74 19.62 -1.04
CA ARG A 13 -5.68 18.63 -1.00
C ARG A 13 -5.59 17.99 0.39
N CYS A 14 -6.04 16.75 0.49
CA CYS A 14 -6.01 16.02 1.76
C CYS A 14 -4.73 16.33 2.53
N ASP A 15 -4.87 16.53 3.83
CA ASP A 15 -3.72 16.83 4.69
C ASP A 15 -2.79 15.62 4.79
N SER A 16 -3.39 14.45 5.02
CA SER A 16 -2.60 13.22 5.16
C SER A 16 -2.40 12.57 3.80
N SER A 17 -1.19 12.71 3.25
CA SER A 17 -0.87 12.13 1.95
C SER A 17 0.24 11.10 2.08
N ARG A 18 1.27 11.44 2.85
CA ARG A 18 2.40 10.54 3.06
C ARG A 18 2.07 9.47 4.10
N TRP A 19 0.90 8.87 3.96
CA TRP A 19 0.46 7.83 4.90
C TRP A 19 -0.45 6.83 4.20
N CYS A 20 -0.41 5.58 4.67
CA CYS A 20 -1.24 4.53 4.10
C CYS A 20 -2.41 4.18 5.02
N HIS A 21 -3.47 3.63 4.45
CA HIS A 21 -4.64 3.25 5.21
C HIS A 21 -5.33 2.03 4.61
N ASP A 22 -5.48 0.99 5.42
CA ASP A 22 -6.11 -0.25 4.95
C ASP A 22 -7.21 -0.69 5.91
N ASN A 23 -6.82 -1.06 7.13
CA ASN A 23 -7.75 -1.50 8.14
C ASN A 23 -7.62 -0.69 9.42
N GLY A 24 -7.37 0.61 9.26
CA GLY A 24 -7.21 1.49 10.40
C GLY A 24 -5.76 1.71 10.77
N VAL A 25 -4.92 0.71 10.52
CA VAL A 25 -3.50 0.81 10.82
C VAL A 25 -2.79 1.76 9.86
N ASN A 26 -1.89 2.57 10.40
CA ASN A 26 -1.15 3.52 9.59
C ASN A 26 0.27 3.01 9.29
N TYR A 27 0.77 3.33 8.11
CA TYR A 27 2.11 2.90 7.72
C TYR A 27 2.90 4.06 7.12
N LYS A 28 4.22 3.92 7.13
CA LYS A 28 5.10 4.97 6.59
C LYS A 28 5.53 4.62 5.17
N ILE A 29 5.76 5.65 4.36
CA ILE A 29 6.19 5.47 2.97
C ILE A 29 7.40 4.55 2.90
N GLY A 30 7.21 3.36 2.34
CA GLY A 30 8.30 2.42 2.21
C GLY A 30 8.14 1.22 3.14
N GLU A 31 7.51 1.44 4.29
CA GLU A 31 7.30 0.37 5.26
C GLU A 31 6.45 -0.75 4.67
N LYS A 32 6.32 -1.85 5.40
CA LYS A 32 5.53 -2.98 4.96
C LYS A 32 4.84 -3.67 6.14
N TRP A 33 3.70 -4.30 5.86
CA TRP A 33 2.95 -4.99 6.90
C TRP A 33 2.35 -6.28 6.37
N ASP A 34 1.84 -7.12 7.27
CA ASP A 34 1.23 -8.38 6.89
C ASP A 34 -0.28 -8.26 6.82
N ARG A 35 -0.90 -9.14 6.04
CA ARG A 35 -2.35 -9.13 5.88
C ARG A 35 -2.86 -10.49 5.42
N GLN A 36 -4.18 -10.65 5.39
CA GLN A 36 -4.79 -11.91 4.98
C GLN A 36 -4.94 -11.96 3.47
N GLY A 37 -4.72 -13.15 2.90
CA GLY A 37 -4.84 -13.31 1.46
C GLY A 37 -6.27 -13.55 1.01
N GLU A 38 -6.46 -13.72 -0.29
CA GLU A 38 -7.79 -13.95 -0.84
C GLU A 38 -8.51 -15.07 -0.09
N ASN A 39 -7.90 -16.25 -0.06
CA ASN A 39 -8.47 -17.39 0.62
C ASN A 39 -7.98 -17.48 2.07
N GLY A 40 -6.67 -17.30 2.25
CA GLY A 40 -6.10 -17.35 3.57
C GLY A 40 -4.58 -17.48 3.55
N GLN A 41 -3.94 -16.74 2.65
CA GLN A 41 -2.49 -16.79 2.54
C GLN A 41 -1.86 -15.47 2.97
N MET A 42 -0.89 -15.55 3.87
CA MET A 42 -0.22 -14.35 4.36
C MET A 42 0.35 -13.53 3.21
N MET A 43 0.04 -12.24 3.21
CA MET A 43 0.52 -11.34 2.17
C MET A 43 1.29 -10.16 2.77
N SER A 44 2.17 -9.57 1.97
CA SER A 44 2.97 -8.44 2.43
C SER A 44 2.73 -7.22 1.54
N CYS A 45 2.32 -6.12 2.16
CA CYS A 45 2.04 -4.88 1.43
C CYS A 45 3.18 -3.88 1.63
N THR A 46 3.34 -2.98 0.67
CA THR A 46 4.39 -1.97 0.74
C THR A 46 3.84 -0.58 0.41
N CYS A 47 3.89 0.31 1.38
CA CYS A 47 3.39 1.67 1.21
C CYS A 47 4.18 2.39 0.12
N LEU A 48 3.48 2.74 -0.97
CA LEU A 48 4.11 3.42 -2.09
C LEU A 48 3.89 4.94 -1.99
N GLY A 49 2.63 5.32 -1.80
CA GLY A 49 2.30 6.73 -1.69
C GLY A 49 2.05 7.37 -3.04
N ASN A 50 1.07 6.84 -3.78
CA ASN A 50 0.74 7.37 -5.10
C ASN A 50 -0.45 8.32 -5.01
N GLY A 51 -0.44 9.19 -4.00
CA GLY A 51 -1.52 10.14 -3.83
C GLY A 51 -1.93 10.30 -2.38
N LYS A 52 -2.71 9.34 -1.88
CA LYS A 52 -3.18 9.37 -0.50
C LYS A 52 -2.51 8.27 0.32
N GLY A 53 -1.92 7.30 -0.36
CA GLY A 53 -1.27 6.20 0.32
C GLY A 53 -1.43 4.88 -0.40
N GLU A 54 -1.17 4.89 -1.71
CA GLU A 54 -1.28 3.68 -2.52
C GLU A 54 -0.24 2.66 -2.12
N PHE A 55 -0.64 1.38 -2.11
CA PHE A 55 0.26 0.30 -1.75
C PHE A 55 -0.07 -0.97 -2.53
N LYS A 56 0.94 -1.81 -2.72
CA LYS A 56 0.77 -3.06 -3.46
C LYS A 56 1.07 -4.26 -2.57
N CYS A 57 0.13 -5.21 -2.53
CA CYS A 57 0.30 -6.41 -1.72
C CYS A 57 0.58 -7.63 -2.60
N ASP A 58 1.72 -8.28 -2.35
CA ASP A 58 2.09 -9.46 -3.12
C ASP A 58 2.58 -10.58 -2.20
N PRO A 59 2.35 -11.83 -2.62
CA PRO A 59 2.75 -13.01 -1.85
C PRO A 59 4.26 -13.19 -1.81
N HIS A 60 4.79 -13.43 -0.61
CA HIS A 60 6.22 -13.63 -0.43
C HIS A 60 6.61 -15.08 -0.67
N GLU A 61 7.88 -15.31 -1.02
CA GLU A 61 8.37 -16.65 -1.28
C GLU A 61 9.90 -16.66 -1.40
N ALA A 62 10.53 -17.59 -0.71
CA ALA A 62 11.99 -17.70 -0.74
C ALA A 62 12.42 -19.05 -1.32
N THR A 63 12.45 -19.15 -2.64
CA THR A 63 12.84 -20.38 -3.31
C THR A 63 13.66 -20.09 -4.56
N CYS A 64 14.38 -21.10 -5.04
CA CYS A 64 15.21 -20.95 -6.22
C CYS A 64 14.43 -20.30 -7.36
N TYR A 65 15.15 -19.76 -8.34
CA TYR A 65 14.53 -19.10 -9.48
C TYR A 65 14.47 -20.03 -10.68
N ASP A 66 13.35 -20.72 -10.85
CA ASP A 66 13.18 -21.65 -11.96
C ASP A 66 12.12 -21.14 -12.94
N ASP A 67 12.09 -21.72 -14.12
CA ASP A 67 11.11 -21.33 -15.15
C ASP A 67 9.71 -21.82 -14.78
N GLY A 68 8.74 -21.47 -15.61
CA GLY A 68 7.37 -21.88 -15.37
C GLY A 68 6.43 -20.70 -15.22
N GLY A 1 -13.84 -5.82 -13.88
CA GLY A 1 -14.52 -4.82 -13.09
C GLY A 1 -14.17 -4.90 -11.62
N SER A 2 -15.15 -5.24 -10.79
CA SER A 2 -14.93 -5.34 -9.36
C SER A 2 -14.53 -3.99 -8.76
N SER A 3 -15.20 -2.93 -9.20
CA SER A 3 -14.91 -1.58 -8.72
C SER A 3 -16.19 -0.75 -8.65
N GLY A 4 -16.10 0.38 -7.96
CA GLY A 4 -17.26 1.26 -7.82
C GLY A 4 -16.97 2.46 -6.95
N SER A 5 -17.84 3.46 -7.01
CA SER A 5 -17.68 4.68 -6.23
C SER A 5 -19.03 5.30 -5.89
N SER A 6 -19.11 5.93 -4.72
CA SER A 6 -20.35 6.55 -4.27
C SER A 6 -20.05 7.77 -3.41
N GLY A 7 -21.06 8.61 -3.23
CA GLY A 7 -20.89 9.81 -2.41
C GLY A 7 -20.39 11.00 -3.22
N GLY A 8 -19.46 11.75 -2.64
CA GLY A 8 -18.93 12.92 -3.33
C GLY A 8 -17.65 13.43 -2.69
N SER A 9 -16.71 12.52 -2.46
CA SER A 9 -15.43 12.89 -1.84
C SER A 9 -14.56 13.65 -2.83
N GLY A 10 -13.94 14.72 -2.35
CA GLY A 10 -13.07 15.52 -3.20
C GLY A 10 -11.90 16.13 -2.43
N HIS A 11 -10.69 15.88 -2.91
CA HIS A 11 -9.49 16.40 -2.26
C HIS A 11 -8.85 17.48 -3.12
N PHE A 12 -8.47 18.59 -2.49
CA PHE A 12 -7.85 19.70 -3.20
C PHE A 12 -6.33 19.63 -3.08
N ARG A 13 -5.83 19.69 -1.85
CA ARG A 13 -4.39 19.64 -1.60
C ARG A 13 -3.77 18.44 -2.30
N CYS A 14 -2.52 18.60 -2.74
CA CYS A 14 -1.81 17.52 -3.42
C CYS A 14 -1.65 16.31 -2.51
N ASP A 15 -0.97 16.51 -1.38
CA ASP A 15 -0.74 15.44 -0.42
C ASP A 15 -1.33 15.79 0.94
N SER A 16 -2.33 15.03 1.37
CA SER A 16 -2.98 15.26 2.65
C SER A 16 -2.46 14.29 3.71
N SER A 17 -2.54 13.00 3.42
CA SER A 17 -2.09 11.97 4.34
C SER A 17 -0.90 11.21 3.76
N ARG A 18 0.15 11.06 4.56
CA ARG A 18 1.35 10.35 4.13
C ARG A 18 1.40 8.95 4.73
N TRP A 19 0.24 8.28 4.76
CA TRP A 19 0.15 6.94 5.31
C TRP A 19 -0.88 6.11 4.56
N CYS A 20 -0.65 4.80 4.52
CA CYS A 20 -1.57 3.89 3.83
C CYS A 20 -2.66 3.40 4.77
N HIS A 21 -3.88 3.30 4.25
CA HIS A 21 -5.01 2.84 5.05
C HIS A 21 -5.33 1.38 4.75
N ASP A 22 -5.04 0.52 5.71
CA ASP A 22 -5.30 -0.92 5.55
C ASP A 22 -5.45 -1.60 6.91
N ASN A 23 -6.64 -2.16 7.15
CA ASN A 23 -6.91 -2.84 8.41
C ASN A 23 -6.75 -1.89 9.59
N GLY A 24 -7.20 -0.65 9.42
CA GLY A 24 -7.11 0.33 10.47
C GLY A 24 -5.69 0.49 10.99
N VAL A 25 -4.77 0.81 10.08
CA VAL A 25 -3.37 0.99 10.44
C VAL A 25 -2.69 2.00 9.52
N ASN A 26 -1.86 2.86 10.11
CA ASN A 26 -1.15 3.88 9.35
C ASN A 26 0.33 3.52 9.21
N TYR A 27 0.77 3.31 7.98
CA TYR A 27 2.16 2.96 7.71
C TYR A 27 2.89 4.12 7.02
N LYS A 28 4.19 4.19 7.26
CA LYS A 28 5.01 5.25 6.68
C LYS A 28 5.51 4.84 5.30
N ILE A 29 5.59 5.81 4.39
CA ILE A 29 6.06 5.55 3.03
C ILE A 29 7.31 4.67 3.04
N GLY A 30 7.19 3.49 2.42
CA GLY A 30 8.32 2.58 2.36
C GLY A 30 8.14 1.40 3.29
N GLU A 31 7.53 1.64 4.45
CA GLU A 31 7.31 0.58 5.43
C GLU A 31 6.53 -0.57 4.83
N LYS A 32 6.49 -1.70 5.53
CA LYS A 32 5.77 -2.88 5.07
C LYS A 32 4.94 -3.49 6.18
N TRP A 33 3.88 -4.20 5.80
CA TRP A 33 3.00 -4.83 6.78
C TRP A 33 2.41 -6.12 6.22
N ASP A 34 1.70 -6.86 7.06
CA ASP A 34 1.08 -8.11 6.64
C ASP A 34 -0.42 -8.10 6.93
N ARG A 35 -1.18 -8.78 6.08
CA ARG A 35 -2.63 -8.85 6.24
C ARG A 35 -3.21 -10.05 5.50
N GLN A 36 -4.52 -10.21 5.59
CA GLN A 36 -5.20 -11.32 4.92
C GLN A 36 -4.83 -11.37 3.44
N GLY A 37 -5.17 -12.49 2.80
CA GLY A 37 -4.87 -12.65 1.38
C GLY A 37 -6.10 -12.90 0.56
N GLU A 38 -5.92 -13.46 -0.64
CA GLU A 38 -7.03 -13.74 -1.54
C GLU A 38 -8.03 -14.69 -0.87
N ASN A 39 -7.55 -15.87 -0.48
CA ASN A 39 -8.40 -16.86 0.16
C ASN A 39 -8.11 -16.93 1.66
N GLY A 40 -6.94 -17.44 2.00
CA GLY A 40 -6.55 -17.55 3.41
C GLY A 40 -5.05 -17.60 3.59
N GLN A 41 -4.32 -16.87 2.76
CA GLN A 41 -2.87 -16.84 2.83
C GLN A 41 -2.37 -15.42 3.12
N MET A 42 -1.76 -15.24 4.28
CA MET A 42 -1.23 -13.94 4.67
C MET A 42 -0.37 -13.34 3.55
N MET A 43 -0.59 -12.07 3.27
CA MET A 43 0.16 -11.38 2.24
C MET A 43 0.93 -10.19 2.81
N SER A 44 1.91 -9.69 2.05
CA SER A 44 2.72 -8.57 2.49
C SER A 44 2.60 -7.40 1.52
N CYS A 45 2.25 -6.23 2.05
CA CYS A 45 2.10 -5.03 1.23
C CYS A 45 3.17 -4.01 1.56
N THR A 46 3.40 -3.08 0.64
CA THR A 46 4.41 -2.04 0.83
C THR A 46 3.83 -0.65 0.55
N CYS A 47 4.03 0.26 1.49
CA CYS A 47 3.54 1.62 1.33
C CYS A 47 4.31 2.38 0.25
N LEU A 48 3.69 2.55 -0.90
CA LEU A 48 4.33 3.25 -2.02
C LEU A 48 4.28 4.76 -1.80
N GLY A 49 3.11 5.26 -1.40
CA GLY A 49 2.96 6.69 -1.16
C GLY A 49 3.00 7.49 -2.45
N ASN A 50 1.97 7.33 -3.27
CA ASN A 50 1.90 8.05 -4.54
C ASN A 50 1.18 9.39 -4.37
N GLY A 51 0.04 9.36 -3.69
CA GLY A 51 -0.72 10.57 -3.46
C GLY A 51 -1.56 10.51 -2.20
N LYS A 52 -2.60 9.68 -2.22
CA LYS A 52 -3.48 9.53 -1.07
C LYS A 52 -2.99 8.42 -0.15
N GLY A 53 -2.55 7.31 -0.76
CA GLY A 53 -2.05 6.19 0.03
C GLY A 53 -2.02 4.91 -0.77
N GLU A 54 -1.26 4.90 -1.86
CA GLU A 54 -1.15 3.72 -2.70
C GLU A 54 -0.21 2.69 -2.09
N PHE A 55 -0.48 1.42 -2.35
CA PHE A 55 0.34 0.33 -1.82
C PHE A 55 0.12 -0.95 -2.61
N LYS A 56 1.20 -1.69 -2.85
CA LYS A 56 1.13 -2.94 -3.60
C LYS A 56 1.25 -4.14 -2.65
N CYS A 57 0.29 -5.05 -2.75
CA CYS A 57 0.28 -6.24 -1.90
C CYS A 57 0.36 -7.51 -2.76
N ASP A 58 1.50 -8.19 -2.69
CA ASP A 58 1.70 -9.42 -3.45
C ASP A 58 2.07 -10.57 -2.53
N PRO A 59 1.74 -11.80 -2.96
CA PRO A 59 2.04 -13.01 -2.19
C PRO A 59 3.52 -13.32 -2.15
N HIS A 60 4.01 -13.73 -0.97
CA HIS A 60 5.42 -14.06 -0.80
C HIS A 60 5.67 -15.53 -1.10
N GLU A 61 6.93 -15.86 -1.39
CA GLU A 61 7.29 -17.24 -1.70
C GLU A 61 8.14 -17.84 -0.58
N ALA A 62 7.90 -19.11 -0.27
CA ALA A 62 8.64 -19.79 0.78
C ALA A 62 8.55 -21.31 0.62
N THR A 63 9.61 -22.01 1.01
CA THR A 63 9.66 -23.46 0.90
C THR A 63 8.47 -24.10 1.63
N CYS A 64 7.81 -25.02 0.94
CA CYS A 64 6.65 -25.70 1.51
C CYS A 64 7.03 -27.10 2.00
N TYR A 65 7.55 -27.18 3.22
CA TYR A 65 7.95 -28.46 3.80
C TYR A 65 6.96 -28.91 4.87
N ASP A 66 5.87 -29.52 4.43
CA ASP A 66 4.84 -30.01 5.34
C ASP A 66 3.82 -30.87 4.62
N ASP A 67 2.97 -31.54 5.38
CA ASP A 67 1.94 -32.40 4.81
C ASP A 67 0.65 -31.62 4.56
N GLY A 68 0.26 -30.80 5.53
CA GLY A 68 -0.95 -30.02 5.40
C GLY A 68 -2.14 -30.68 6.06
N GLY A 1 6.13 53.29 5.64
CA GLY A 1 5.60 51.96 5.84
C GLY A 1 4.17 51.82 5.35
N SER A 2 3.90 50.72 4.65
CA SER A 2 2.55 50.47 4.12
C SER A 2 2.26 48.98 4.08
N SER A 3 1.06 48.60 4.52
CA SER A 3 0.65 47.21 4.55
C SER A 3 -0.82 47.07 4.11
N GLY A 4 -1.22 45.83 3.85
CA GLY A 4 -2.59 45.59 3.42
C GLY A 4 -2.70 44.39 2.49
N SER A 5 -3.48 43.39 2.90
CA SER A 5 -3.66 42.19 2.09
C SER A 5 -5.11 41.73 2.13
N SER A 6 -5.41 40.69 1.36
CA SER A 6 -6.77 40.16 1.29
C SER A 6 -6.76 38.70 0.85
N GLY A 7 -7.92 38.06 0.91
CA GLY A 7 -8.02 36.67 0.51
C GLY A 7 -8.29 36.51 -0.98
N GLY A 8 -7.48 35.69 -1.64
CA GLY A 8 -7.66 35.47 -3.07
C GLY A 8 -8.11 34.05 -3.38
N SER A 9 -7.30 33.34 -4.15
CA SER A 9 -7.63 31.97 -4.54
C SER A 9 -7.32 31.00 -3.41
N GLY A 10 -8.22 30.92 -2.44
CA GLY A 10 -8.03 30.02 -1.31
C GLY A 10 -8.04 28.55 -1.72
N HIS A 11 -7.46 27.71 -0.88
CA HIS A 11 -7.41 26.27 -1.16
C HIS A 11 -8.31 25.51 -0.20
N PHE A 12 -8.73 24.31 -0.63
CA PHE A 12 -9.60 23.48 0.19
C PHE A 12 -8.85 22.24 0.69
N ARG A 13 -8.35 21.44 -0.25
CA ARG A 13 -7.62 20.23 0.09
C ARG A 13 -6.24 20.56 0.67
N CYS A 14 -5.57 19.55 1.20
CA CYS A 14 -4.24 19.74 1.78
C CYS A 14 -3.29 18.66 1.30
N ASP A 15 -1.99 18.99 1.30
CA ASP A 15 -0.97 18.05 0.86
C ASP A 15 -0.07 17.65 2.02
N SER A 16 -0.67 17.42 3.18
CA SER A 16 0.08 17.04 4.37
C SER A 16 -0.53 15.79 5.02
N SER A 17 -0.13 14.62 4.53
CA SER A 17 -0.63 13.36 5.07
C SER A 17 0.10 12.18 4.45
N ARG A 18 0.84 11.44 5.28
CA ARG A 18 1.59 10.29 4.82
C ARG A 18 1.17 9.03 5.58
N TRP A 19 0.28 8.26 4.97
CA TRP A 19 -0.20 7.03 5.59
C TRP A 19 -1.09 6.25 4.63
N CYS A 20 -1.15 4.93 4.80
CA CYS A 20 -1.96 4.08 3.95
C CYS A 20 -3.04 3.37 4.77
N HIS A 21 -4.30 3.64 4.43
CA HIS A 21 -5.42 3.03 5.13
C HIS A 21 -5.72 1.63 4.57
N ASP A 22 -4.67 0.83 4.42
CA ASP A 22 -4.82 -0.53 3.91
C ASP A 22 -5.74 -1.34 4.80
N ASN A 23 -5.39 -1.45 6.07
CA ASN A 23 -6.19 -2.22 7.03
C ASN A 23 -6.48 -1.39 8.28
N GLY A 24 -6.79 -0.12 8.08
CA GLY A 24 -7.09 0.76 9.19
C GLY A 24 -5.86 1.05 10.05
N VAL A 25 -4.72 1.26 9.40
CA VAL A 25 -3.48 1.54 10.10
C VAL A 25 -2.58 2.45 9.28
N ASN A 26 -1.91 3.38 9.95
CA ASN A 26 -1.01 4.32 9.28
C ASN A 26 0.39 3.74 9.16
N TYR A 27 0.84 3.55 7.92
CA TYR A 27 2.16 3.00 7.66
C TYR A 27 3.09 4.05 7.07
N LYS A 28 4.38 3.94 7.37
CA LYS A 28 5.37 4.88 6.86
C LYS A 28 5.71 4.58 5.41
N ILE A 29 5.96 5.63 4.63
CA ILE A 29 6.31 5.47 3.22
C ILE A 29 7.49 4.52 3.05
N GLY A 30 7.22 3.34 2.49
CA GLY A 30 8.26 2.37 2.28
C GLY A 30 8.13 1.15 3.17
N GLU A 31 7.65 1.37 4.39
CA GLU A 31 7.47 0.29 5.36
C GLU A 31 6.61 -0.82 4.76
N LYS A 32 6.51 -1.93 5.49
CA LYS A 32 5.71 -3.07 5.04
C LYS A 32 5.07 -3.77 6.22
N TRP A 33 3.92 -4.40 5.98
CA TRP A 33 3.19 -5.12 7.02
C TRP A 33 2.62 -6.42 6.49
N ASP A 34 2.02 -7.20 7.37
CA ASP A 34 1.42 -8.48 6.99
C ASP A 34 -0.10 -8.41 7.05
N ARG A 35 -0.75 -9.25 6.25
CA ARG A 35 -2.21 -9.29 6.20
C ARG A 35 -2.71 -10.67 5.80
N GLN A 36 -4.03 -10.81 5.73
CA GLN A 36 -4.63 -12.09 5.35
C GLN A 36 -4.58 -12.30 3.84
N GLY A 37 -4.57 -13.56 3.42
CA GLY A 37 -4.52 -13.87 2.01
C GLY A 37 -5.30 -15.12 1.65
N GLU A 38 -5.27 -15.50 0.38
CA GLU A 38 -5.98 -16.68 -0.08
C GLU A 38 -5.35 -17.95 0.48
N ASN A 39 -6.20 -18.89 0.87
CA ASN A 39 -5.72 -20.16 1.44
C ASN A 39 -4.94 -19.92 2.73
N GLY A 40 -5.45 -19.03 3.57
CA GLY A 40 -4.80 -18.72 4.83
C GLY A 40 -3.32 -18.43 4.65
N GLN A 41 -2.98 -17.75 3.55
CA GLN A 41 -1.60 -17.40 3.27
C GLN A 41 -1.35 -15.91 3.49
N MET A 42 -0.59 -15.59 4.52
CA MET A 42 -0.27 -14.20 4.83
C MET A 42 0.34 -13.49 3.63
N MET A 43 -0.02 -12.23 3.44
CA MET A 43 0.51 -11.44 2.34
C MET A 43 1.29 -10.23 2.84
N SER A 44 2.22 -9.76 2.03
CA SER A 44 3.04 -8.60 2.40
C SER A 44 2.73 -7.40 1.50
N CYS A 45 2.43 -6.27 2.13
CA CYS A 45 2.12 -5.05 1.39
C CYS A 45 3.16 -3.97 1.65
N THR A 46 3.30 -3.05 0.70
CA THR A 46 4.26 -1.97 0.82
C THR A 46 3.60 -0.61 0.60
N CYS A 47 3.93 0.35 1.46
CA CYS A 47 3.36 1.68 1.37
C CYS A 47 4.13 2.53 0.36
N LEU A 48 3.78 2.40 -0.91
CA LEU A 48 4.44 3.15 -1.98
C LEU A 48 4.26 4.66 -1.76
N GLY A 49 3.02 5.08 -1.54
CA GLY A 49 2.74 6.49 -1.33
C GLY A 49 2.95 7.31 -2.58
N ASN A 50 2.44 6.81 -3.71
CA ASN A 50 2.57 7.52 -4.98
C ASN A 50 1.57 8.67 -5.08
N GLY A 51 0.32 8.39 -4.73
CA GLY A 51 -0.71 9.40 -4.79
C GLY A 51 -1.28 9.73 -3.42
N LYS A 52 -2.56 9.42 -3.23
CA LYS A 52 -3.23 9.68 -1.95
C LYS A 52 -3.02 8.52 -0.98
N GLY A 53 -1.81 7.97 -0.98
CA GLY A 53 -1.51 6.87 -0.09
C GLY A 53 -1.61 5.52 -0.78
N GLU A 54 -1.11 5.45 -2.01
CA GLU A 54 -1.17 4.22 -2.78
C GLU A 54 -0.43 3.09 -2.06
N PHE A 55 -0.72 1.85 -2.45
CA PHE A 55 -0.08 0.69 -1.83
C PHE A 55 -0.41 -0.57 -2.61
N LYS A 56 0.52 -1.52 -2.62
CA LYS A 56 0.33 -2.79 -3.32
C LYS A 56 0.67 -3.97 -2.41
N CYS A 57 -0.16 -5.00 -2.47
CA CYS A 57 0.05 -6.19 -1.66
C CYS A 57 0.17 -7.44 -2.54
N ASP A 58 1.33 -8.08 -2.48
CA ASP A 58 1.58 -9.29 -3.27
C ASP A 58 1.97 -10.46 -2.37
N PRO A 59 1.70 -11.68 -2.84
CA PRO A 59 2.03 -12.90 -2.09
C PRO A 59 3.52 -13.15 -2.02
N HIS A 60 4.08 -13.07 -0.81
CA HIS A 60 5.50 -13.29 -0.60
C HIS A 60 5.73 -14.46 0.35
N GLU A 61 6.75 -15.26 0.06
CA GLU A 61 7.08 -16.42 0.88
C GLU A 61 8.52 -16.88 0.64
N ALA A 62 9.21 -17.25 1.71
CA ALA A 62 10.58 -17.71 1.60
C ALA A 62 10.76 -19.06 2.27
N THR A 63 10.79 -20.12 1.45
CA THR A 63 10.95 -21.48 1.96
C THR A 63 11.96 -22.26 1.13
N CYS A 64 12.96 -22.81 1.79
CA CYS A 64 14.00 -23.59 1.12
C CYS A 64 13.93 -25.06 1.52
N TYR A 65 13.98 -25.94 0.53
CA TYR A 65 13.93 -27.38 0.77
C TYR A 65 15.30 -28.01 0.63
N ASP A 66 16.00 -28.13 1.75
CA ASP A 66 17.34 -28.72 1.75
C ASP A 66 17.32 -30.09 2.42
N ASP A 67 16.22 -30.80 2.27
CA ASP A 67 16.07 -32.14 2.87
C ASP A 67 17.24 -33.03 2.48
N GLY A 68 17.35 -34.18 3.15
CA GLY A 68 18.43 -35.10 2.87
C GLY A 68 19.24 -35.44 4.11
N GLY A 1 -25.72 20.25 1.83
CA GLY A 1 -24.29 20.10 1.71
C GLY A 1 -23.53 21.32 2.19
N SER A 2 -22.23 21.36 1.90
CA SER A 2 -21.39 22.48 2.32
C SER A 2 -20.86 23.23 1.10
N SER A 3 -20.17 24.34 1.36
CA SER A 3 -19.61 25.16 0.30
C SER A 3 -18.09 25.02 0.24
N GLY A 4 -17.49 25.54 -0.82
CA GLY A 4 -16.06 25.46 -0.98
C GLY A 4 -15.65 24.95 -2.35
N SER A 5 -16.00 23.70 -2.64
CA SER A 5 -15.66 23.10 -3.93
C SER A 5 -16.22 23.92 -5.08
N SER A 6 -15.38 24.15 -6.09
CA SER A 6 -15.79 24.93 -7.26
C SER A 6 -16.61 24.08 -8.22
N GLY A 7 -17.43 24.73 -9.03
CA GLY A 7 -18.26 24.03 -9.99
C GLY A 7 -19.62 23.66 -9.42
N GLY A 8 -19.66 22.57 -8.66
CA GLY A 8 -20.92 22.14 -8.06
C GLY A 8 -20.71 21.36 -6.78
N SER A 9 -20.51 20.05 -6.91
CA SER A 9 -20.30 19.19 -5.75
C SER A 9 -19.67 17.87 -6.16
N GLY A 10 -19.18 17.12 -5.18
CA GLY A 10 -18.56 15.84 -5.45
C GLY A 10 -19.31 14.68 -4.83
N HIS A 11 -18.98 13.46 -5.26
CA HIS A 11 -19.63 12.27 -4.73
C HIS A 11 -18.74 11.56 -3.72
N PHE A 12 -17.56 11.15 -4.18
CA PHE A 12 -16.61 10.45 -3.32
C PHE A 12 -15.88 11.44 -2.41
N ARG A 13 -15.31 12.47 -3.01
CA ARG A 13 -14.58 13.50 -2.26
C ARG A 13 -13.50 12.86 -1.41
N CYS A 14 -12.74 11.94 -2.00
CA CYS A 14 -11.67 11.25 -1.30
C CYS A 14 -10.69 12.25 -0.69
N ASP A 15 -10.22 11.96 0.52
CA ASP A 15 -9.28 12.84 1.21
C ASP A 15 -7.85 12.37 0.98
N SER A 16 -6.95 13.34 0.78
CA SER A 16 -5.55 13.04 0.53
C SER A 16 -4.85 12.65 1.83
N SER A 17 -3.96 11.67 1.75
CA SER A 17 -3.22 11.20 2.92
C SER A 17 -1.93 10.49 2.51
N ARG A 18 -0.81 10.98 3.01
CA ARG A 18 0.49 10.38 2.69
C ARG A 18 0.56 8.94 3.19
N TRP A 19 0.20 8.74 4.45
CA TRP A 19 0.23 7.40 5.04
C TRP A 19 -0.78 6.49 4.36
N CYS A 20 -0.63 5.18 4.58
CA CYS A 20 -1.52 4.20 3.99
C CYS A 20 -2.63 3.82 4.96
N HIS A 21 -3.77 3.40 4.41
CA HIS A 21 -4.91 3.01 5.24
C HIS A 21 -5.34 1.58 4.90
N ASP A 22 -5.24 0.70 5.89
CA ASP A 22 -5.63 -0.70 5.72
C ASP A 22 -5.71 -1.42 7.05
N ASN A 23 -6.88 -1.97 7.36
CA ASN A 23 -7.09 -2.69 8.61
C ASN A 23 -6.93 -1.75 9.81
N GLY A 24 -7.38 -0.51 9.64
CA GLY A 24 -7.28 0.47 10.72
C GLY A 24 -5.85 0.70 11.15
N VAL A 25 -4.93 0.62 10.21
CA VAL A 25 -3.51 0.83 10.50
C VAL A 25 -2.90 1.85 9.55
N ASN A 26 -1.99 2.67 10.09
CA ASN A 26 -1.32 3.70 9.29
C ASN A 26 0.18 3.47 9.26
N TYR A 27 0.71 3.20 8.07
CA TYR A 27 2.14 2.96 7.90
C TYR A 27 2.82 4.16 7.26
N LYS A 28 4.15 4.15 7.27
CA LYS A 28 4.93 5.24 6.68
C LYS A 28 5.32 4.92 5.25
N ILE A 29 5.66 5.95 4.49
CA ILE A 29 6.06 5.79 3.10
C ILE A 29 7.26 4.87 2.98
N GLY A 30 7.01 3.63 2.54
CA GLY A 30 8.09 2.67 2.39
C GLY A 30 7.95 1.48 3.32
N GLU A 31 7.33 1.71 4.48
CA GLU A 31 7.14 0.66 5.46
C GLU A 31 6.34 -0.50 4.87
N LYS A 32 6.22 -1.58 5.62
CA LYS A 32 5.49 -2.76 5.17
C LYS A 32 4.68 -3.37 6.32
N TRP A 33 3.83 -4.34 5.98
CA TRP A 33 3.01 -5.00 6.98
C TRP A 33 2.44 -6.32 6.43
N ASP A 34 1.70 -7.02 7.28
CA ASP A 34 1.10 -8.29 6.87
C ASP A 34 -0.43 -8.20 6.86
N ARG A 35 -1.04 -8.82 5.86
CA ARG A 35 -2.50 -8.80 5.74
C ARG A 35 -3.04 -10.20 5.43
N GLN A 36 -4.35 -10.31 5.33
CA GLN A 36 -4.99 -11.59 5.04
C GLN A 36 -4.96 -11.87 3.54
N GLY A 37 -4.80 -13.15 3.18
CA GLY A 37 -4.77 -13.53 1.78
C GLY A 37 -6.12 -13.94 1.26
N GLU A 38 -6.22 -15.19 0.82
CA GLU A 38 -7.47 -15.72 0.27
C GLU A 38 -8.11 -16.71 1.24
N ASN A 39 -7.28 -17.57 1.82
CA ASN A 39 -7.75 -18.58 2.77
C ASN A 39 -6.93 -18.54 4.06
N GLY A 40 -6.59 -17.35 4.51
CA GLY A 40 -5.80 -17.20 5.71
C GLY A 40 -4.37 -16.81 5.44
N GLN A 41 -3.79 -17.40 4.39
CA GLN A 41 -2.41 -17.10 4.02
C GLN A 41 -2.09 -15.62 4.21
N MET A 42 -0.94 -15.34 4.81
CA MET A 42 -0.52 -13.97 5.05
C MET A 42 0.13 -13.37 3.81
N MET A 43 -0.17 -12.10 3.55
CA MET A 43 0.38 -11.41 2.39
C MET A 43 1.31 -10.28 2.82
N SER A 44 2.15 -9.82 1.90
CA SER A 44 3.09 -8.75 2.18
C SER A 44 2.86 -7.56 1.26
N CYS A 45 2.59 -6.40 1.84
CA CYS A 45 2.35 -5.19 1.06
C CYS A 45 3.45 -4.15 1.31
N THR A 46 3.56 -3.19 0.39
CA THR A 46 4.57 -2.15 0.51
C THR A 46 3.97 -0.77 0.24
N CYS A 47 4.20 0.16 1.16
CA CYS A 47 3.68 1.52 1.02
C CYS A 47 4.60 2.37 0.16
N LEU A 48 4.18 2.63 -1.07
CA LEU A 48 4.97 3.43 -2.00
C LEU A 48 4.74 4.92 -1.77
N GLY A 49 3.47 5.32 -1.80
CA GLY A 49 3.12 6.72 -1.59
C GLY A 49 2.82 7.44 -2.90
N ASN A 50 1.72 7.05 -3.53
CA ASN A 50 1.31 7.67 -4.79
C ASN A 50 -0.17 8.05 -4.75
N GLY A 51 -0.44 9.28 -4.35
CA GLY A 51 -1.82 9.75 -4.28
C GLY A 51 -2.36 9.77 -2.87
N LYS A 52 -3.10 8.72 -2.50
CA LYS A 52 -3.66 8.62 -1.17
C LYS A 52 -2.98 7.52 -0.37
N GLY A 53 -1.71 7.27 -0.68
CA GLY A 53 -0.95 6.24 0.03
C GLY A 53 -0.95 4.92 -0.71
N GLU A 54 -0.95 4.98 -2.04
CA GLU A 54 -0.95 3.78 -2.86
C GLU A 54 -0.14 2.67 -2.20
N PHE A 55 -0.52 1.43 -2.46
CA PHE A 55 0.17 0.28 -1.88
C PHE A 55 -0.09 -0.99 -2.70
N LYS A 56 0.94 -1.82 -2.85
CA LYS A 56 0.82 -3.05 -3.61
C LYS A 56 1.03 -4.27 -2.71
N CYS A 57 0.00 -5.10 -2.60
CA CYS A 57 0.06 -6.29 -1.77
C CYS A 57 0.08 -7.55 -2.63
N ASP A 58 1.18 -8.30 -2.56
CA ASP A 58 1.33 -9.52 -3.33
C ASP A 58 1.75 -10.68 -2.43
N PRO A 59 1.38 -11.91 -2.84
CA PRO A 59 1.70 -13.12 -2.09
C PRO A 59 3.18 -13.46 -2.11
N HIS A 60 3.76 -13.65 -0.94
CA HIS A 60 5.18 -13.98 -0.84
C HIS A 60 5.38 -15.44 -0.45
N GLU A 61 6.56 -15.97 -0.73
CA GLU A 61 6.88 -17.36 -0.42
C GLU A 61 7.65 -17.46 0.89
N ALA A 62 7.93 -18.70 1.31
CA ALA A 62 8.67 -18.92 2.55
C ALA A 62 10.18 -18.84 2.31
N THR A 63 10.92 -18.50 3.36
CA THR A 63 12.37 -18.38 3.26
C THR A 63 13.06 -19.43 4.13
N CYS A 64 12.47 -19.72 5.28
CA CYS A 64 13.03 -20.71 6.20
C CYS A 64 13.42 -21.99 5.46
N TYR A 65 12.55 -22.42 4.56
CA TYR A 65 12.81 -23.64 3.79
C TYR A 65 13.28 -23.31 2.38
N ASP A 66 14.57 -22.99 2.26
CA ASP A 66 15.16 -22.64 0.97
C ASP A 66 15.05 -23.82 0.00
N ASP A 67 14.95 -23.51 -1.29
CA ASP A 67 14.85 -24.54 -2.31
C ASP A 67 16.14 -24.63 -3.13
N GLY A 68 16.74 -25.81 -3.14
CA GLY A 68 17.98 -26.00 -3.88
C GLY A 68 17.77 -25.92 -5.38
N GLY A 1 -1.14 5.11 -19.50
CA GLY A 1 -1.15 3.77 -18.96
C GLY A 1 -2.37 2.98 -19.38
N SER A 2 -3.47 3.16 -18.67
CA SER A 2 -4.71 2.46 -18.97
C SER A 2 -5.53 3.22 -20.00
N SER A 3 -6.40 2.50 -20.70
CA SER A 3 -7.25 3.10 -21.72
C SER A 3 -7.67 4.51 -21.31
N GLY A 4 -7.16 5.51 -22.03
CA GLY A 4 -7.50 6.89 -21.74
C GLY A 4 -8.96 7.07 -21.41
N SER A 5 -9.24 7.60 -20.21
CA SER A 5 -10.61 7.83 -19.78
C SER A 5 -10.82 9.28 -19.38
N SER A 6 -11.71 9.96 -20.10
CA SER A 6 -12.01 11.37 -19.83
C SER A 6 -12.26 11.59 -18.35
N GLY A 7 -11.93 12.78 -17.87
CA GLY A 7 -12.13 13.10 -16.47
C GLY A 7 -12.88 14.40 -16.28
N GLY A 8 -12.13 15.49 -16.09
CA GLY A 8 -12.74 16.79 -15.89
C GLY A 8 -13.32 16.95 -14.50
N SER A 9 -12.44 17.20 -13.53
CA SER A 9 -12.87 17.37 -12.15
C SER A 9 -11.94 18.32 -11.39
N GLY A 10 -12.43 19.53 -11.14
CA GLY A 10 -11.62 20.51 -10.43
C GLY A 10 -11.10 20.00 -9.11
N HIS A 11 -9.83 19.58 -9.09
CA HIS A 11 -9.21 19.05 -7.88
C HIS A 11 -8.12 20.00 -7.39
N PHE A 12 -8.46 20.83 -6.41
CA PHE A 12 -7.50 21.78 -5.86
C PHE A 12 -7.45 21.68 -4.34
N ARG A 13 -6.48 20.91 -3.84
CA ARG A 13 -6.33 20.72 -2.40
C ARG A 13 -4.87 20.43 -2.04
N CYS A 14 -4.31 21.25 -1.17
CA CYS A 14 -2.92 21.07 -0.74
C CYS A 14 -2.82 20.02 0.36
N ASP A 15 -3.52 18.92 0.18
CA ASP A 15 -3.51 17.84 1.15
C ASP A 15 -2.84 16.59 0.58
N SER A 16 -2.40 15.70 1.46
CA SER A 16 -1.74 14.47 1.05
C SER A 16 -1.70 13.46 2.18
N SER A 17 -2.32 12.30 1.95
CA SER A 17 -2.37 11.25 2.96
C SER A 17 -1.05 10.46 2.98
N ARG A 18 -0.14 10.88 3.86
CA ARG A 18 1.16 10.22 3.97
C ARG A 18 0.99 8.76 4.38
N TRP A 19 0.17 8.53 5.41
CA TRP A 19 -0.08 7.18 5.90
C TRP A 19 -1.14 6.48 5.05
N CYS A 20 -1.18 5.16 5.14
CA CYS A 20 -2.15 4.38 4.39
C CYS A 20 -3.26 3.86 5.30
N HIS A 21 -4.38 3.49 4.69
CA HIS A 21 -5.53 2.99 5.45
C HIS A 21 -5.92 1.59 4.97
N ASP A 22 -4.92 0.75 4.74
CA ASP A 22 -5.16 -0.61 4.27
C ASP A 22 -5.85 -1.45 5.35
N ASN A 23 -5.20 -1.54 6.52
CA ASN A 23 -5.75 -2.31 7.63
C ASN A 23 -6.03 -1.40 8.83
N GLY A 24 -6.57 -0.21 8.55
CA GLY A 24 -6.87 0.73 9.62
C GLY A 24 -5.66 1.09 10.44
N VAL A 25 -4.50 1.11 9.79
CA VAL A 25 -3.25 1.46 10.46
C VAL A 25 -2.36 2.31 9.57
N ASN A 26 -1.68 3.28 10.18
CA ASN A 26 -0.79 4.16 9.44
C ASN A 26 0.54 3.48 9.15
N TYR A 27 0.96 3.53 7.89
CA TYR A 27 2.21 2.91 7.47
C TYR A 27 3.14 3.94 6.84
N LYS A 28 4.33 4.09 7.41
CA LYS A 28 5.31 5.04 6.89
C LYS A 28 5.73 4.67 5.47
N ILE A 29 5.76 5.67 4.60
CA ILE A 29 6.15 5.44 3.20
C ILE A 29 7.32 4.48 3.11
N GLY A 30 7.09 3.33 2.49
CA GLY A 30 8.14 2.33 2.35
C GLY A 30 7.92 1.12 3.25
N GLU A 31 7.47 1.37 4.47
CA GLU A 31 7.23 0.29 5.43
C GLU A 31 6.36 -0.80 4.80
N LYS A 32 6.19 -1.89 5.53
CA LYS A 32 5.38 -3.01 5.05
C LYS A 32 4.65 -3.70 6.21
N TRP A 33 3.50 -4.30 5.90
CA TRP A 33 2.71 -4.98 6.92
C TRP A 33 2.28 -6.36 6.42
N ASP A 34 1.85 -7.20 7.35
CA ASP A 34 1.41 -8.56 7.03
C ASP A 34 -0.11 -8.65 7.04
N ARG A 35 -0.69 -9.07 5.92
CA ARG A 35 -2.14 -9.20 5.81
C ARG A 35 -2.55 -10.67 5.86
N GLN A 36 -3.84 -10.92 5.67
CA GLN A 36 -4.37 -12.28 5.70
C GLN A 36 -4.63 -12.79 4.28
N GLY A 37 -4.08 -13.96 3.97
CA GLY A 37 -4.28 -14.54 2.66
C GLY A 37 -5.45 -15.51 2.61
N GLU A 38 -6.30 -15.35 1.60
CA GLU A 38 -7.47 -16.21 1.45
C GLU A 38 -7.11 -17.67 1.72
N ASN A 39 -6.21 -18.21 0.89
CA ASN A 39 -5.79 -19.60 1.04
C ASN A 39 -5.34 -19.89 2.47
N GLY A 40 -4.59 -18.95 3.05
CA GLY A 40 -4.12 -19.12 4.41
C GLY A 40 -2.64 -18.76 4.55
N GLN A 41 -2.22 -17.73 3.83
CA GLN A 41 -0.83 -17.28 3.89
C GLN A 41 -0.75 -15.76 4.01
N MET A 42 0.00 -15.30 5.00
CA MET A 42 0.17 -13.86 5.22
C MET A 42 0.70 -13.17 3.96
N MET A 43 0.15 -12.01 3.65
CA MET A 43 0.57 -11.24 2.48
C MET A 43 1.54 -10.14 2.86
N SER A 44 2.31 -9.66 1.90
CA SER A 44 3.28 -8.59 2.13
C SER A 44 2.96 -7.37 1.28
N CYS A 45 2.69 -6.25 1.94
CA CYS A 45 2.37 -5.01 1.24
C CYS A 45 3.46 -3.96 1.47
N THR A 46 3.51 -2.97 0.58
CA THR A 46 4.51 -1.92 0.68
C THR A 46 3.89 -0.55 0.37
N CYS A 47 4.05 0.39 1.29
CA CYS A 47 3.50 1.74 1.11
C CYS A 47 4.38 2.54 0.15
N LEU A 48 4.18 2.34 -1.15
CA LEU A 48 4.94 3.04 -2.17
C LEU A 48 4.86 4.56 -1.96
N GLY A 49 3.63 5.08 -1.90
CA GLY A 49 3.44 6.50 -1.70
C GLY A 49 3.42 7.27 -3.00
N ASN A 50 2.43 6.98 -3.84
CA ASN A 50 2.31 7.65 -5.14
C ASN A 50 0.94 8.30 -5.28
N GLY A 51 -0.11 7.49 -5.21
CA GLY A 51 -1.46 8.01 -5.33
C GLY A 51 -2.18 8.07 -4.00
N LYS A 52 -2.37 9.28 -3.48
CA LYS A 52 -3.05 9.46 -2.21
C LYS A 52 -2.68 8.35 -1.22
N GLY A 53 -1.48 7.81 -1.38
CA GLY A 53 -1.03 6.75 -0.50
C GLY A 53 -1.20 5.38 -1.12
N GLU A 54 -0.95 5.28 -2.42
CA GLU A 54 -1.08 4.01 -3.12
C GLU A 54 -0.24 2.92 -2.46
N PHE A 55 -0.76 1.70 -2.46
CA PHE A 55 -0.06 0.57 -1.85
C PHE A 55 -0.35 -0.72 -2.60
N LYS A 56 0.64 -1.58 -2.70
CA LYS A 56 0.50 -2.86 -3.39
C LYS A 56 0.79 -4.02 -2.46
N CYS A 57 -0.14 -4.98 -2.40
CA CYS A 57 0.01 -6.14 -1.55
C CYS A 57 0.01 -7.43 -2.38
N ASP A 58 1.13 -8.15 -2.33
CA ASP A 58 1.26 -9.40 -3.07
C ASP A 58 1.90 -10.48 -2.20
N PRO A 59 1.60 -11.74 -2.53
CA PRO A 59 2.13 -12.89 -1.79
C PRO A 59 3.62 -13.09 -2.03
N HIS A 60 4.41 -12.90 -0.97
CA HIS A 60 5.86 -13.06 -1.06
C HIS A 60 6.28 -14.47 -0.64
N GLU A 61 7.09 -15.11 -1.45
CA GLU A 61 7.57 -16.46 -1.17
C GLU A 61 9.08 -16.56 -1.35
N ALA A 62 9.82 -16.44 -0.25
CA ALA A 62 11.28 -16.52 -0.30
C ALA A 62 11.74 -17.57 -1.31
N THR A 63 12.66 -17.17 -2.18
CA THR A 63 13.18 -18.07 -3.20
C THR A 63 14.33 -17.43 -3.96
N CYS A 64 15.29 -18.25 -4.40
CA CYS A 64 16.43 -17.76 -5.14
C CYS A 64 16.21 -17.90 -6.64
N TYR A 65 16.21 -16.77 -7.34
CA TYR A 65 16.01 -16.77 -8.78
C TYR A 65 17.31 -17.10 -9.52
N ASP A 66 17.85 -18.27 -9.25
CA ASP A 66 19.09 -18.71 -9.89
C ASP A 66 18.80 -19.59 -11.09
N ASP A 67 19.63 -19.49 -12.11
CA ASP A 67 19.47 -20.27 -13.33
C ASP A 67 20.38 -21.50 -13.31
N GLY A 68 19.77 -22.68 -13.44
CA GLY A 68 20.54 -23.91 -13.43
C GLY A 68 19.78 -25.06 -14.06
N GLY A 1 0.93 16.18 -13.46
CA GLY A 1 -0.24 16.52 -14.23
C GLY A 1 -1.40 15.57 -13.99
N SER A 2 -2.22 15.89 -13.00
CA SER A 2 -3.36 15.05 -12.67
C SER A 2 -4.51 15.89 -12.10
N SER A 3 -5.70 15.70 -12.65
CA SER A 3 -6.88 16.44 -12.22
C SER A 3 -8.15 15.66 -12.52
N GLY A 4 -9.22 15.98 -11.79
CA GLY A 4 -10.49 15.31 -11.99
C GLY A 4 -11.61 15.93 -11.18
N SER A 5 -12.23 15.12 -10.33
CA SER A 5 -13.34 15.59 -9.49
C SER A 5 -12.83 16.51 -8.39
N SER A 6 -13.74 17.23 -7.75
CA SER A 6 -13.39 18.14 -6.67
C SER A 6 -14.50 18.21 -5.63
N GLY A 7 -14.15 18.66 -4.42
CA GLY A 7 -15.13 18.76 -3.36
C GLY A 7 -14.52 18.60 -1.98
N GLY A 8 -15.33 18.76 -0.95
CA GLY A 8 -14.84 18.62 0.42
C GLY A 8 -15.25 17.31 1.04
N SER A 9 -15.40 17.31 2.37
CA SER A 9 -15.79 16.11 3.09
C SER A 9 -16.81 16.44 4.17
N GLY A 10 -17.87 15.63 4.26
CA GLY A 10 -18.90 15.85 5.25
C GLY A 10 -18.34 15.96 6.66
N HIS A 11 -17.61 14.94 7.07
CA HIS A 11 -17.01 14.92 8.41
C HIS A 11 -15.50 15.09 8.33
N PHE A 12 -15.02 16.28 8.69
CA PHE A 12 -13.60 16.56 8.65
C PHE A 12 -12.80 15.46 9.34
N ARG A 13 -11.69 15.08 8.73
CA ARG A 13 -10.83 14.03 9.28
C ARG A 13 -9.37 14.24 8.89
N CYS A 14 -8.47 13.95 9.81
CA CYS A 14 -7.04 14.11 9.57
C CYS A 14 -6.70 13.80 8.11
N ASP A 15 -6.09 14.76 7.43
CA ASP A 15 -5.71 14.58 6.03
C ASP A 15 -4.54 13.62 5.90
N SER A 16 -4.79 12.47 5.27
CA SER A 16 -3.76 11.46 5.09
C SER A 16 -3.13 11.56 3.70
N SER A 17 -2.22 12.52 3.54
CA SER A 17 -1.55 12.73 2.26
C SER A 17 -0.37 11.77 2.10
N ARG A 18 0.53 11.76 3.08
CA ARG A 18 1.69 10.90 3.05
C ARG A 18 1.52 9.72 4.00
N TRP A 19 0.31 9.16 4.04
CA TRP A 19 0.02 8.03 4.91
C TRP A 19 -0.96 7.07 4.25
N CYS A 20 -0.72 5.78 4.39
CA CYS A 20 -1.58 4.76 3.80
C CYS A 20 -2.58 4.23 4.84
N HIS A 21 -3.47 3.36 4.39
CA HIS A 21 -4.48 2.78 5.27
C HIS A 21 -5.20 1.62 4.59
N ASP A 22 -5.12 0.44 5.19
CA ASP A 22 -5.76 -0.75 4.65
C ASP A 22 -6.78 -1.32 5.62
N ASN A 23 -6.31 -1.66 6.82
CA ASN A 23 -7.18 -2.22 7.85
C ASN A 23 -7.40 -1.22 8.98
N GLY A 24 -6.31 -0.71 9.54
CA GLY A 24 -6.40 0.26 10.61
C GLY A 24 -5.06 0.59 11.22
N VAL A 25 -4.03 0.63 10.38
CA VAL A 25 -2.68 0.94 10.84
C VAL A 25 -2.02 2.01 9.97
N ASN A 26 -1.37 2.97 10.61
CA ASN A 26 -0.70 4.04 9.89
C ASN A 26 0.69 3.60 9.41
N TYR A 27 0.78 3.31 8.11
CA TYR A 27 2.05 2.87 7.53
C TYR A 27 2.81 4.06 6.92
N LYS A 28 4.12 4.06 7.11
CA LYS A 28 4.96 5.13 6.59
C LYS A 28 5.53 4.76 5.22
N ILE A 29 5.69 5.76 4.36
CA ILE A 29 6.22 5.53 3.02
C ILE A 29 7.44 4.62 3.06
N GLY A 30 7.31 3.46 2.44
CA GLY A 30 8.42 2.50 2.41
C GLY A 30 8.20 1.33 3.35
N GLU A 31 7.60 1.61 4.51
CA GLU A 31 7.34 0.56 5.49
C GLU A 31 6.64 -0.63 4.85
N LYS A 32 6.46 -1.70 5.62
CA LYS A 32 5.82 -2.90 5.13
C LYS A 32 5.03 -3.59 6.24
N TRP A 33 4.03 -4.38 5.86
CA TRP A 33 3.21 -5.09 6.82
C TRP A 33 2.57 -6.33 6.19
N ASP A 34 1.86 -7.10 7.00
CA ASP A 34 1.20 -8.31 6.52
C ASP A 34 -0.29 -8.31 6.87
N ARG A 35 -1.11 -8.74 5.93
CA ARG A 35 -2.56 -8.78 6.14
C ARG A 35 -3.16 -10.05 5.53
N GLN A 36 -4.47 -10.20 5.66
CA GLN A 36 -5.16 -11.36 5.12
C GLN A 36 -4.90 -11.50 3.62
N GLY A 37 -5.15 -12.69 3.09
CA GLY A 37 -4.93 -12.94 1.68
C GLY A 37 -6.04 -13.77 1.06
N GLU A 38 -5.65 -14.84 0.37
CA GLU A 38 -6.62 -15.73 -0.28
C GLU A 38 -6.69 -17.07 0.44
N ASN A 39 -7.90 -17.54 0.69
CA ASN A 39 -8.10 -18.82 1.38
C ASN A 39 -7.50 -18.79 2.78
N GLY A 40 -7.58 -17.63 3.43
CA GLY A 40 -7.03 -17.49 4.77
C GLY A 40 -5.52 -17.48 4.78
N GLN A 41 -4.92 -16.82 3.80
CA GLN A 41 -3.48 -16.74 3.69
C GLN A 41 -2.97 -15.36 4.12
N MET A 42 -1.68 -15.27 4.41
CA MET A 42 -1.08 -14.00 4.83
C MET A 42 -0.25 -13.40 3.70
N MET A 43 -0.54 -12.15 3.37
CA MET A 43 0.19 -11.45 2.30
C MET A 43 0.92 -10.24 2.86
N SER A 44 2.02 -9.86 2.20
CA SER A 44 2.81 -8.71 2.63
C SER A 44 2.63 -7.53 1.66
N CYS A 45 2.20 -6.40 2.20
CA CYS A 45 1.99 -5.20 1.40
C CYS A 45 3.01 -4.13 1.74
N THR A 46 3.21 -3.19 0.82
CA THR A 46 4.17 -2.11 1.02
C THR A 46 3.52 -0.75 0.75
N CYS A 47 3.97 0.27 1.46
CA CYS A 47 3.44 1.62 1.31
C CYS A 47 4.17 2.36 0.19
N LEU A 48 3.58 2.35 -1.01
CA LEU A 48 4.18 3.01 -2.16
C LEU A 48 4.12 4.53 -2.00
N GLY A 49 2.91 5.07 -1.92
CA GLY A 49 2.73 6.50 -1.76
C GLY A 49 2.57 7.20 -3.08
N ASN A 50 1.59 6.76 -3.88
CA ASN A 50 1.34 7.36 -5.18
C ASN A 50 -0.10 7.82 -5.29
N GLY A 51 -1.03 6.99 -4.83
CA GLY A 51 -2.44 7.33 -4.87
C GLY A 51 -3.04 7.54 -3.50
N LYS A 52 -3.09 8.79 -3.05
CA LYS A 52 -3.65 9.12 -1.74
C LYS A 52 -3.33 8.03 -0.73
N GLY A 53 -2.13 7.46 -0.83
CA GLY A 53 -1.73 6.41 0.09
C GLY A 53 -1.83 5.03 -0.54
N GLU A 54 -1.60 4.95 -1.85
CA GLU A 54 -1.67 3.68 -2.57
C GLU A 54 -0.67 2.69 -2.00
N PHE A 55 -1.01 1.41 -2.08
CA PHE A 55 -0.14 0.35 -1.57
C PHE A 55 -0.19 -0.88 -2.48
N LYS A 56 0.96 -1.52 -2.65
CA LYS A 56 1.06 -2.71 -3.49
C LYS A 56 1.32 -3.96 -2.64
N CYS A 57 0.48 -4.98 -2.82
CA CYS A 57 0.62 -6.23 -2.09
C CYS A 57 0.87 -7.40 -3.03
N ASP A 58 1.80 -8.27 -2.64
CA ASP A 58 2.13 -9.43 -3.46
C ASP A 58 2.42 -10.65 -2.58
N PRO A 59 2.06 -11.84 -3.09
CA PRO A 59 2.27 -13.10 -2.36
C PRO A 59 3.75 -13.47 -2.25
N HIS A 60 4.26 -13.48 -1.02
CA HIS A 60 5.65 -13.81 -0.77
C HIS A 60 5.87 -15.32 -0.87
N GLU A 61 6.75 -15.72 -1.78
CA GLU A 61 7.05 -17.14 -1.98
C GLU A 61 8.55 -17.37 -2.05
N ALA A 62 8.97 -18.61 -1.84
CA ALA A 62 10.38 -18.97 -1.90
C ALA A 62 10.63 -20.10 -2.89
N THR A 63 9.58 -20.87 -3.18
CA THR A 63 9.69 -21.98 -4.11
C THR A 63 10.16 -21.51 -5.49
N CYS A 64 9.54 -20.44 -5.98
CA CYS A 64 9.90 -19.89 -7.28
C CYS A 64 11.40 -19.61 -7.36
N TYR A 65 11.98 -19.83 -8.53
CA TYR A 65 13.40 -19.61 -8.73
C TYR A 65 13.65 -18.78 -10.00
N ASP A 66 14.50 -17.77 -9.88
CA ASP A 66 14.82 -16.92 -11.01
C ASP A 66 15.57 -17.69 -12.10
N ASP A 67 15.29 -17.36 -13.36
CA ASP A 67 15.93 -18.02 -14.48
C ASP A 67 16.29 -17.02 -15.58
N GLY A 68 17.42 -17.24 -16.22
CA GLY A 68 17.86 -16.35 -17.28
C GLY A 68 19.08 -16.86 -18.01
N GLY A 1 -16.21 5.90 21.66
CA GLY A 1 -15.83 5.50 20.32
C GLY A 1 -15.11 6.60 19.57
N SER A 2 -15.64 7.81 19.63
CA SER A 2 -15.05 8.95 18.94
C SER A 2 -13.62 9.18 19.41
N SER A 3 -12.82 9.82 18.56
CA SER A 3 -11.42 10.10 18.89
C SER A 3 -10.93 11.33 18.15
N GLY A 4 -9.68 11.71 18.40
CA GLY A 4 -9.11 12.87 17.76
C GLY A 4 -7.86 12.53 16.95
N SER A 5 -6.82 13.35 17.08
CA SER A 5 -5.58 13.14 16.36
C SER A 5 -4.38 13.25 17.29
N SER A 6 -3.25 12.73 16.85
CA SER A 6 -2.02 12.77 17.65
C SER A 6 -1.50 14.20 17.77
N GLY A 7 -1.19 14.60 19.01
CA GLY A 7 -0.69 15.94 19.24
C GLY A 7 -1.74 16.86 19.83
N GLY A 8 -2.92 16.85 19.23
CA GLY A 8 -4.01 17.70 19.72
C GLY A 8 -4.46 18.71 18.69
N SER A 9 -3.51 19.43 18.11
CA SER A 9 -3.82 20.44 17.11
C SER A 9 -4.90 19.94 16.15
N GLY A 10 -4.78 18.69 15.72
CA GLY A 10 -5.76 18.11 14.81
C GLY A 10 -5.65 18.67 13.41
N HIS A 11 -5.42 17.80 12.44
CA HIS A 11 -5.30 18.21 11.05
C HIS A 11 -6.66 18.26 10.37
N PHE A 12 -7.13 19.47 10.08
CA PHE A 12 -8.43 19.65 9.43
C PHE A 12 -8.29 19.55 7.91
N ARG A 13 -7.36 20.33 7.36
CA ARG A 13 -7.13 20.33 5.91
C ARG A 13 -6.77 18.93 5.42
N CYS A 14 -7.79 18.17 5.04
CA CYS A 14 -7.58 16.81 4.55
C CYS A 14 -7.52 16.79 3.02
N ASP A 15 -6.34 17.06 2.48
CA ASP A 15 -6.15 17.07 1.03
C ASP A 15 -4.91 16.27 0.64
N SER A 16 -3.81 16.51 1.35
CA SER A 16 -2.56 15.82 1.08
C SER A 16 -2.25 14.78 2.16
N SER A 17 -2.62 13.54 1.89
CA SER A 17 -2.40 12.45 2.84
C SER A 17 -1.01 11.84 2.66
N ARG A 18 -0.47 11.25 3.72
CA ARG A 18 0.84 10.64 3.67
C ARG A 18 0.76 9.15 4.02
N TRP A 19 0.16 8.84 5.16
CA TRP A 19 0.02 7.45 5.59
C TRP A 19 -0.85 6.66 4.61
N CYS A 20 -0.94 5.36 4.84
CA CYS A 20 -1.74 4.49 3.98
C CYS A 20 -2.85 3.82 4.77
N HIS A 21 -4.10 4.18 4.47
CA HIS A 21 -5.25 3.60 5.15
C HIS A 21 -5.41 2.13 4.80
N ASP A 22 -4.95 1.26 5.70
CA ASP A 22 -5.05 -0.17 5.50
C ASP A 22 -5.41 -0.90 6.79
N ASN A 23 -6.44 -1.73 6.74
CA ASN A 23 -6.89 -2.46 7.91
C ASN A 23 -6.96 -1.56 9.13
N GLY A 24 -7.44 -0.34 8.93
CA GLY A 24 -7.56 0.61 10.02
C GLY A 24 -6.22 0.89 10.69
N VAL A 25 -5.16 0.96 9.89
CA VAL A 25 -3.83 1.22 10.41
C VAL A 25 -3.04 2.13 9.46
N ASN A 26 -2.14 2.92 10.03
CA ASN A 26 -1.33 3.84 9.25
C ASN A 26 0.11 3.34 9.16
N TYR A 27 0.71 3.46 7.97
CA TYR A 27 2.09 3.02 7.76
C TYR A 27 2.89 4.11 7.05
N LYS A 28 4.18 4.18 7.39
CA LYS A 28 5.06 5.18 6.79
C LYS A 28 5.47 4.76 5.38
N ILE A 29 5.43 5.72 4.45
CA ILE A 29 5.80 5.45 3.07
C ILE A 29 7.11 4.67 2.99
N GLY A 30 7.02 3.44 2.46
CA GLY A 30 8.20 2.61 2.33
C GLY A 30 8.15 1.39 3.24
N GLU A 31 7.42 1.50 4.34
CA GLU A 31 7.30 0.40 5.28
C GLU A 31 6.48 -0.74 4.69
N LYS A 32 6.29 -1.79 5.48
CA LYS A 32 5.52 -2.95 5.02
C LYS A 32 4.82 -3.62 6.20
N TRP A 33 3.78 -4.39 5.90
CA TRP A 33 3.03 -5.10 6.93
C TRP A 33 2.43 -6.39 6.38
N ASP A 34 1.88 -7.20 7.28
CA ASP A 34 1.27 -8.47 6.88
C ASP A 34 -0.25 -8.38 6.92
N ARG A 35 -0.91 -9.19 6.09
CA ARG A 35 -2.37 -9.19 6.04
C ARG A 35 -2.89 -10.54 5.53
N GLN A 36 -4.21 -10.70 5.53
CA GLN A 36 -4.83 -11.93 5.08
C GLN A 36 -5.02 -11.92 3.57
N GLY A 37 -5.03 -13.11 2.96
CA GLY A 37 -5.21 -13.22 1.53
C GLY A 37 -6.63 -13.58 1.14
N GLU A 38 -6.82 -13.96 -0.12
CA GLU A 38 -8.14 -14.33 -0.61
C GLU A 38 -8.74 -15.45 0.24
N ASN A 39 -8.09 -16.61 0.24
CA ASN A 39 -8.57 -17.76 1.00
C ASN A 39 -8.05 -17.70 2.44
N GLY A 40 -6.73 -17.81 2.60
CA GLY A 40 -6.14 -17.77 3.92
C GLY A 40 -4.63 -17.77 3.87
N GLN A 41 -4.07 -17.19 2.81
CA GLN A 41 -2.62 -17.11 2.66
C GLN A 41 -2.10 -15.71 2.96
N MET A 42 -1.38 -15.58 4.07
CA MET A 42 -0.84 -14.29 4.47
C MET A 42 -0.14 -13.60 3.30
N MET A 43 -0.20 -12.28 3.28
CA MET A 43 0.43 -11.50 2.21
C MET A 43 1.18 -10.30 2.78
N SER A 44 2.25 -9.91 2.10
CA SER A 44 3.06 -8.78 2.54
C SER A 44 2.88 -7.58 1.62
N CYS A 45 2.38 -6.48 2.17
CA CYS A 45 2.15 -5.27 1.40
C CYS A 45 3.24 -4.23 1.68
N THR A 46 3.43 -3.31 0.73
CA THR A 46 4.44 -2.27 0.87
C THR A 46 3.89 -0.91 0.45
N CYS A 47 3.89 0.03 1.38
CA CYS A 47 3.39 1.37 1.13
C CYS A 47 4.24 2.07 0.07
N LEU A 48 3.81 2.00 -1.19
CA LEU A 48 4.53 2.62 -2.29
C LEU A 48 4.50 4.14 -2.17
N GLY A 49 3.32 4.67 -1.86
CA GLY A 49 3.17 6.11 -1.72
C GLY A 49 3.41 6.85 -3.03
N ASN A 50 2.46 6.73 -3.96
CA ASN A 50 2.58 7.39 -5.26
C ASN A 50 1.72 8.64 -5.30
N GLY A 51 0.48 8.52 -4.83
CA GLY A 51 -0.43 9.66 -4.82
C GLY A 51 -0.59 10.26 -3.44
N LYS A 52 -1.59 9.79 -2.70
CA LYS A 52 -1.86 10.28 -1.36
C LYS A 52 -1.68 9.18 -0.33
N GLY A 53 -1.76 7.93 -0.78
CA GLY A 53 -1.59 6.80 0.12
C GLY A 53 -1.83 5.47 -0.57
N GLU A 54 -1.23 5.31 -1.74
CA GLU A 54 -1.38 4.06 -2.51
C GLU A 54 -0.40 3.00 -2.01
N PHE A 55 -0.73 1.74 -2.26
CA PHE A 55 0.12 0.63 -1.85
C PHE A 55 -0.06 -0.56 -2.79
N LYS A 56 0.91 -1.47 -2.76
CA LYS A 56 0.86 -2.66 -3.60
C LYS A 56 1.25 -3.90 -2.80
N CYS A 57 0.36 -4.89 -2.79
CA CYS A 57 0.61 -6.13 -2.05
C CYS A 57 0.82 -7.29 -3.02
N ASP A 58 1.59 -8.28 -2.59
CA ASP A 58 1.87 -9.45 -3.42
C ASP A 58 2.14 -10.67 -2.55
N PRO A 59 1.78 -11.87 -3.07
CA PRO A 59 1.97 -13.13 -2.36
C PRO A 59 3.44 -13.52 -2.26
N HIS A 60 3.81 -14.07 -1.10
CA HIS A 60 5.20 -14.48 -0.88
C HIS A 60 5.66 -15.45 -1.96
N GLU A 61 6.95 -15.43 -2.26
CA GLU A 61 7.52 -16.30 -3.27
C GLU A 61 8.07 -17.58 -2.65
N ALA A 62 7.36 -18.68 -2.87
CA ALA A 62 7.77 -19.98 -2.33
C ALA A 62 8.45 -20.82 -3.40
N THR A 63 9.64 -21.32 -3.08
CA THR A 63 10.39 -22.15 -4.02
C THR A 63 9.89 -23.59 -4.01
N CYS A 64 9.75 -24.16 -2.82
CA CYS A 64 9.27 -25.53 -2.68
C CYS A 64 8.12 -25.80 -3.64
N TYR A 65 7.09 -24.97 -3.58
CA TYR A 65 5.93 -25.13 -4.44
C TYR A 65 6.19 -24.54 -5.82
N ASP A 66 5.45 -25.01 -6.82
CA ASP A 66 5.60 -24.54 -8.18
C ASP A 66 4.24 -24.24 -8.81
N ASP A 67 4.20 -23.24 -9.68
CA ASP A 67 2.96 -22.85 -10.35
C ASP A 67 3.22 -22.42 -11.78
N GLY A 68 2.15 -22.20 -12.54
CA GLY A 68 2.29 -21.78 -13.92
C GLY A 68 2.17 -20.27 -14.08
N GLY A 1 -1.13 33.58 14.90
CA GLY A 1 -0.63 34.39 13.80
C GLY A 1 0.60 33.79 13.15
N SER A 2 1.06 34.40 12.07
CA SER A 2 2.23 33.92 11.35
C SER A 2 2.96 35.07 10.68
N SER A 3 4.11 34.77 10.08
CA SER A 3 4.91 35.78 9.39
C SER A 3 4.68 35.72 7.88
N GLY A 4 4.85 34.53 7.32
CA GLY A 4 4.66 34.37 5.88
C GLY A 4 5.87 34.80 5.08
N SER A 5 6.02 34.25 3.89
CA SER A 5 7.15 34.58 3.03
C SER A 5 6.68 34.83 1.60
N SER A 6 7.58 35.36 0.77
CA SER A 6 7.26 35.66 -0.62
C SER A 6 7.68 34.51 -1.53
N GLY A 7 6.69 33.81 -2.08
CA GLY A 7 6.99 32.69 -2.96
C GLY A 7 6.53 31.37 -2.39
N GLY A 8 5.21 31.20 -2.25
CA GLY A 8 4.68 29.97 -1.70
C GLY A 8 5.10 29.73 -0.27
N SER A 9 4.25 29.04 0.49
CA SER A 9 4.54 28.75 1.90
C SER A 9 5.00 27.31 2.07
N GLY A 10 6.28 27.07 1.80
CA GLY A 10 6.83 25.73 1.93
C GLY A 10 6.11 24.72 1.07
N HIS A 11 5.35 23.84 1.70
CA HIS A 11 4.60 22.81 0.98
C HIS A 11 3.12 22.86 1.34
N PHE A 12 2.27 22.97 0.33
CA PHE A 12 0.82 23.03 0.55
C PHE A 12 0.33 21.76 1.23
N ARG A 13 0.56 20.62 0.59
CA ARG A 13 0.13 19.33 1.13
C ARG A 13 -1.18 19.47 1.88
N CYS A 14 -2.09 20.29 1.34
CA CYS A 14 -3.39 20.51 1.97
C CYS A 14 -4.41 19.53 1.43
N ASP A 15 -4.56 19.49 0.11
CA ASP A 15 -5.52 18.58 -0.53
C ASP A 15 -4.82 17.33 -1.03
N SER A 16 -3.90 16.80 -0.23
CA SER A 16 -3.16 15.61 -0.60
C SER A 16 -3.04 14.65 0.58
N SER A 17 -2.52 13.45 0.33
CA SER A 17 -2.36 12.45 1.37
C SER A 17 -1.27 11.45 1.01
N ARG A 18 -0.65 10.86 2.02
CA ARG A 18 0.42 9.90 1.82
C ARG A 18 0.24 8.68 2.71
N TRP A 19 0.00 8.92 4.00
CA TRP A 19 -0.19 7.84 4.95
C TRP A 19 -1.17 6.80 4.41
N CYS A 20 -0.72 5.56 4.32
CA CYS A 20 -1.55 4.48 3.81
C CYS A 20 -2.52 3.99 4.89
N HIS A 21 -3.52 3.23 4.47
CA HIS A 21 -4.51 2.69 5.41
C HIS A 21 -5.14 1.41 4.85
N ASP A 22 -5.07 0.34 5.64
CA ASP A 22 -5.63 -0.94 5.24
C ASP A 22 -6.53 -1.52 6.33
N ASN A 23 -6.03 -1.47 7.57
CA ASN A 23 -6.78 -1.99 8.71
C ASN A 23 -7.01 -0.90 9.76
N GLY A 24 -5.96 -0.13 10.03
CA GLY A 24 -6.05 0.93 11.02
C GLY A 24 -4.73 1.25 11.67
N VAL A 25 -3.65 1.12 10.90
CA VAL A 25 -2.31 1.39 11.41
C VAL A 25 -1.56 2.36 10.50
N ASN A 26 -0.67 3.15 11.09
CA ASN A 26 0.11 4.12 10.33
C ASN A 26 1.26 3.44 9.59
N TYR A 27 1.27 3.57 8.27
CA TYR A 27 2.30 2.96 7.45
C TYR A 27 3.10 4.03 6.71
N LYS A 28 4.28 4.34 7.23
CA LYS A 28 5.15 5.35 6.63
C LYS A 28 5.57 4.93 5.22
N ILE A 29 5.70 5.91 4.33
CA ILE A 29 6.10 5.64 2.95
C ILE A 29 7.23 4.62 2.90
N GLY A 30 6.93 3.43 2.38
CA GLY A 30 7.93 2.39 2.28
C GLY A 30 7.67 1.24 3.23
N GLU A 31 7.19 1.55 4.42
CA GLU A 31 6.89 0.53 5.42
C GLU A 31 6.08 -0.61 4.81
N LYS A 32 5.90 -1.68 5.58
CA LYS A 32 5.14 -2.83 5.12
C LYS A 32 4.40 -3.50 6.27
N TRP A 33 3.34 -4.23 5.96
CA TRP A 33 2.56 -4.92 6.98
C TRP A 33 2.04 -6.25 6.44
N ASP A 34 1.45 -7.05 7.34
CA ASP A 34 0.91 -8.35 6.96
C ASP A 34 -0.62 -8.31 6.89
N ARG A 35 -1.18 -9.08 5.98
CA ARG A 35 -2.64 -9.12 5.82
C ARG A 35 -3.09 -10.52 5.38
N GLN A 36 -4.39 -10.66 5.12
CA GLN A 36 -4.95 -11.94 4.70
C GLN A 36 -4.81 -12.10 3.18
N GLY A 37 -4.64 -13.34 2.75
CA GLY A 37 -4.50 -13.62 1.33
C GLY A 37 -5.46 -14.68 0.85
N GLU A 38 -5.09 -15.38 -0.23
CA GLU A 38 -5.93 -16.43 -0.80
C GLU A 38 -5.53 -17.79 -0.25
N ASN A 39 -6.52 -18.61 0.08
CA ASN A 39 -6.28 -19.94 0.61
C ASN A 39 -5.64 -19.87 2.00
N GLY A 40 -6.14 -18.94 2.82
CA GLY A 40 -5.61 -18.79 4.17
C GLY A 40 -4.13 -18.46 4.17
N GLN A 41 -3.73 -17.55 3.29
CA GLN A 41 -2.33 -17.15 3.19
C GLN A 41 -2.16 -15.69 3.64
N MET A 42 -0.91 -15.25 3.72
CA MET A 42 -0.60 -13.88 4.14
C MET A 42 0.06 -13.11 2.99
N MET A 43 -0.34 -11.85 2.84
CA MET A 43 0.23 -11.00 1.80
C MET A 43 0.93 -9.79 2.40
N SER A 44 2.07 -9.43 1.83
CA SER A 44 2.84 -8.28 2.32
C SER A 44 2.57 -7.05 1.46
N CYS A 45 2.08 -6.00 2.10
CA CYS A 45 1.77 -4.75 1.41
C CYS A 45 2.85 -3.69 1.68
N THR A 46 3.25 -2.97 0.64
CA THR A 46 4.26 -1.93 0.77
C THR A 46 3.69 -0.56 0.45
N CYS A 47 3.73 0.33 1.43
CA CYS A 47 3.20 1.68 1.24
C CYS A 47 3.98 2.42 0.15
N LEU A 48 3.48 2.36 -1.07
CA LEU A 48 4.12 3.02 -2.20
C LEU A 48 3.96 4.53 -2.11
N GLY A 49 2.74 4.97 -1.80
CA GLY A 49 2.47 6.40 -1.68
C GLY A 49 2.53 7.10 -3.02
N ASN A 50 1.43 7.06 -3.76
CA ASN A 50 1.35 7.71 -5.07
C ASN A 50 0.22 8.73 -5.11
N GLY A 51 0.44 9.88 -4.49
CA GLY A 51 -0.57 10.92 -4.47
C GLY A 51 -1.42 10.88 -3.21
N LYS A 52 -2.09 9.76 -2.99
CA LYS A 52 -2.94 9.60 -1.80
C LYS A 52 -2.35 8.57 -0.84
N GLY A 53 -2.13 7.36 -1.35
CA GLY A 53 -1.57 6.31 -0.53
C GLY A 53 -1.89 4.93 -1.07
N GLU A 54 -1.10 4.49 -2.05
CA GLU A 54 -1.31 3.16 -2.65
C GLU A 54 -0.24 2.18 -2.19
N PHE A 55 -0.64 0.94 -1.97
CA PHE A 55 0.28 -0.09 -1.53
C PHE A 55 0.27 -1.28 -2.48
N LYS A 56 1.45 -1.81 -2.78
CA LYS A 56 1.58 -2.95 -3.69
C LYS A 56 1.72 -4.25 -2.90
N CYS A 57 0.62 -4.96 -2.74
CA CYS A 57 0.62 -6.22 -2.01
C CYS A 57 1.03 -7.38 -2.92
N ASP A 58 1.89 -8.26 -2.42
CA ASP A 58 2.36 -9.40 -3.18
C ASP A 58 2.71 -10.56 -2.26
N PRO A 59 2.69 -11.78 -2.81
CA PRO A 59 2.99 -13.00 -2.07
C PRO A 59 4.47 -13.09 -1.68
N HIS A 60 4.73 -13.27 -0.39
CA HIS A 60 6.10 -13.38 0.10
C HIS A 60 6.97 -14.19 -0.86
N GLU A 61 8.25 -13.85 -0.93
CA GLU A 61 9.18 -14.55 -1.81
C GLU A 61 8.94 -16.05 -1.78
N ALA A 62 9.02 -16.69 -2.94
CA ALA A 62 8.81 -18.13 -3.03
C ALA A 62 9.71 -18.73 -4.12
N THR A 63 10.41 -19.80 -3.77
CA THR A 63 11.29 -20.48 -4.70
C THR A 63 11.29 -21.98 -4.49
N CYS A 64 11.03 -22.73 -5.55
CA CYS A 64 10.99 -24.18 -5.47
C CYS A 64 12.33 -24.73 -5.00
N TYR A 65 13.40 -24.37 -5.70
CA TYR A 65 14.73 -24.83 -5.35
C TYR A 65 14.95 -24.79 -3.84
N ASP A 66 15.91 -25.58 -3.36
CA ASP A 66 16.22 -25.63 -1.94
C ASP A 66 17.60 -26.22 -1.71
N ASP A 67 18.22 -25.84 -0.60
CA ASP A 67 19.55 -26.32 -0.25
C ASP A 67 19.73 -27.77 -0.70
N GLY A 68 18.74 -28.60 -0.42
CA GLY A 68 18.81 -30.00 -0.80
C GLY A 68 19.94 -30.73 -0.11
N GLY A 1 8.57 16.30 -0.38
CA GLY A 1 9.82 16.91 -0.78
C GLY A 1 9.81 17.39 -2.22
N SER A 2 10.71 16.86 -3.03
CA SER A 2 10.80 17.25 -4.43
C SER A 2 10.96 16.02 -5.32
N SER A 3 9.93 15.74 -6.12
CA SER A 3 9.95 14.59 -7.02
C SER A 3 10.05 15.04 -8.47
N GLY A 4 9.09 15.86 -8.89
CA GLY A 4 9.09 16.35 -10.26
C GLY A 4 8.09 17.46 -10.48
N SER A 5 8.34 18.31 -11.47
CA SER A 5 7.45 19.43 -11.77
C SER A 5 6.60 19.12 -13.01
N SER A 6 5.52 19.87 -13.16
CA SER A 6 4.62 19.67 -14.29
C SER A 6 4.08 18.24 -14.33
N GLY A 7 3.73 17.72 -13.17
CA GLY A 7 3.22 16.36 -13.09
C GLY A 7 2.26 16.16 -11.93
N GLY A 8 0.98 16.00 -12.26
CA GLY A 8 -0.03 15.81 -11.23
C GLY A 8 -1.41 15.59 -11.80
N SER A 9 -2.36 15.25 -10.95
CA SER A 9 -3.73 15.01 -11.37
C SER A 9 -4.26 16.19 -12.18
N GLY A 10 -4.33 17.36 -11.54
CA GLY A 10 -4.82 18.54 -12.20
C GLY A 10 -4.00 19.77 -11.88
N HIS A 11 -4.68 20.88 -11.59
CA HIS A 11 -4.01 22.13 -11.27
C HIS A 11 -3.78 22.25 -9.76
N PHE A 12 -4.80 21.87 -8.99
CA PHE A 12 -4.72 21.93 -7.53
C PHE A 12 -3.48 21.20 -7.02
N ARG A 13 -3.40 19.90 -7.29
CA ARG A 13 -2.28 19.08 -6.86
C ARG A 13 -1.92 19.38 -5.40
N CYS A 14 -2.94 19.66 -4.59
CA CYS A 14 -2.73 19.96 -3.19
C CYS A 14 -3.25 18.83 -2.31
N ASP A 15 -2.97 17.59 -2.71
CA ASP A 15 -3.41 16.42 -1.95
C ASP A 15 -2.91 16.48 -0.52
N SER A 16 -1.59 16.63 -0.35
CA SER A 16 -0.99 16.70 0.96
C SER A 16 -1.47 15.55 1.84
N SER A 17 -1.52 14.35 1.26
CA SER A 17 -1.96 13.16 1.98
C SER A 17 -0.98 12.02 1.79
N ARG A 18 -0.14 11.79 2.79
CA ARG A 18 0.85 10.71 2.73
C ARG A 18 0.63 9.71 3.86
N TRP A 19 -0.38 8.86 3.70
CA TRP A 19 -0.70 7.85 4.70
C TRP A 19 -1.55 6.74 4.10
N CYS A 20 -1.26 5.50 4.48
CA CYS A 20 -1.99 4.35 3.98
C CYS A 20 -2.91 3.79 5.05
N HIS A 21 -4.18 4.14 4.98
CA HIS A 21 -5.17 3.68 5.95
C HIS A 21 -5.86 2.40 5.45
N ASP A 22 -5.25 1.25 5.74
CA ASP A 22 -5.80 -0.03 5.32
C ASP A 22 -6.65 -0.64 6.42
N ASN A 23 -6.01 -0.93 7.56
CA ASN A 23 -6.72 -1.51 8.69
C ASN A 23 -6.55 -0.65 9.94
N GLY A 24 -7.28 0.45 9.99
CA GLY A 24 -7.21 1.35 11.13
C GLY A 24 -5.78 1.56 11.61
N VAL A 25 -4.82 1.32 10.72
CA VAL A 25 -3.41 1.49 11.06
C VAL A 25 -2.69 2.30 9.99
N ASN A 26 -1.89 3.27 10.45
CA ASN A 26 -1.13 4.12 9.53
C ASN A 26 0.29 3.61 9.36
N TYR A 27 0.73 3.52 8.10
CA TYR A 27 2.07 3.04 7.80
C TYR A 27 2.90 4.13 7.13
N LYS A 28 4.21 4.03 7.27
CA LYS A 28 5.12 5.01 6.67
C LYS A 28 5.56 4.57 5.28
N ILE A 29 5.49 5.49 4.32
CA ILE A 29 5.87 5.19 2.95
C ILE A 29 7.18 4.40 2.91
N GLY A 30 7.12 3.20 2.33
CA GLY A 30 8.30 2.37 2.23
C GLY A 30 8.23 1.16 3.14
N GLU A 31 7.50 1.30 4.24
CA GLU A 31 7.36 0.20 5.20
C GLU A 31 6.53 -0.94 4.61
N LYS A 32 6.50 -2.06 5.31
CA LYS A 32 5.76 -3.23 4.86
C LYS A 32 5.11 -3.96 6.04
N TRP A 33 3.87 -4.41 5.84
CA TRP A 33 3.15 -5.12 6.89
C TRP A 33 2.50 -6.39 6.33
N ASP A 34 1.90 -7.17 7.22
CA ASP A 34 1.23 -8.40 6.82
C ASP A 34 -0.28 -8.21 6.71
N ARG A 35 -0.92 -9.04 5.91
CA ARG A 35 -2.37 -8.95 5.72
C ARG A 35 -2.93 -10.27 5.20
N GLN A 36 -4.24 -10.32 4.99
CA GLN A 36 -4.90 -11.52 4.50
C GLN A 36 -5.01 -11.49 2.97
N GLY A 37 -4.96 -12.68 2.36
CA GLY A 37 -5.06 -12.77 0.92
C GLY A 37 -6.50 -12.82 0.43
N GLU A 38 -6.91 -13.97 -0.09
CA GLU A 38 -8.26 -14.15 -0.58
C GLU A 38 -8.93 -15.35 0.07
N ASN A 39 -8.19 -16.46 0.15
CA ASN A 39 -8.72 -17.68 0.75
C ASN A 39 -8.19 -17.86 2.17
N GLY A 40 -6.90 -17.59 2.35
CA GLY A 40 -6.30 -17.73 3.67
C GLY A 40 -4.79 -17.74 3.61
N GLN A 41 -4.22 -16.87 2.76
CA GLN A 41 -2.78 -16.78 2.62
C GLN A 41 -2.26 -15.44 3.15
N MET A 42 -1.04 -15.46 3.68
CA MET A 42 -0.43 -14.26 4.23
C MET A 42 0.25 -13.45 3.12
N MET A 43 -0.14 -12.19 2.99
CA MET A 43 0.43 -11.31 1.98
C MET A 43 1.11 -10.10 2.63
N SER A 44 2.15 -9.60 1.97
CA SER A 44 2.89 -8.45 2.48
C SER A 44 2.64 -7.21 1.62
N CYS A 45 2.14 -6.15 2.26
CA CYS A 45 1.84 -4.90 1.56
C CYS A 45 2.99 -3.92 1.71
N THR A 46 3.18 -3.07 0.71
CA THR A 46 4.24 -2.08 0.72
C THR A 46 3.71 -0.70 0.34
N CYS A 47 3.75 0.23 1.30
CA CYS A 47 3.28 1.59 1.06
C CYS A 47 4.10 2.27 -0.03
N LEU A 48 3.48 2.47 -1.19
CA LEU A 48 4.15 3.11 -2.32
C LEU A 48 4.13 4.63 -2.16
N GLY A 49 2.94 5.21 -2.17
CA GLY A 49 2.81 6.65 -2.02
C GLY A 49 2.58 7.35 -3.35
N ASN A 50 1.65 6.81 -4.14
CA ASN A 50 1.33 7.38 -5.44
C ASN A 50 -0.10 7.89 -5.49
N GLY A 51 -0.99 7.18 -4.80
CA GLY A 51 -2.39 7.57 -4.78
C GLY A 51 -3.00 7.44 -3.40
N LYS A 52 -3.33 8.58 -2.79
CA LYS A 52 -3.92 8.59 -1.46
C LYS A 52 -3.27 7.54 -0.56
N GLY A 53 -2.03 7.19 -0.87
CA GLY A 53 -1.31 6.20 -0.08
C GLY A 53 -1.36 4.82 -0.70
N GLU A 54 -1.20 4.75 -2.03
CA GLU A 54 -1.23 3.49 -2.74
C GLU A 54 -0.19 2.52 -2.18
N PHE A 55 -0.56 1.25 -2.08
CA PHE A 55 0.35 0.22 -1.57
C PHE A 55 0.36 -1.00 -2.47
N LYS A 56 1.46 -1.74 -2.46
CA LYS A 56 1.60 -2.94 -3.28
C LYS A 56 1.63 -4.19 -2.40
N CYS A 57 0.69 -5.10 -2.64
CA CYS A 57 0.61 -6.33 -1.87
C CYS A 57 0.80 -7.54 -2.78
N ASP A 58 1.91 -8.24 -2.62
CA ASP A 58 2.21 -9.42 -3.43
C ASP A 58 2.60 -10.60 -2.54
N PRO A 59 2.34 -11.82 -3.04
CA PRO A 59 2.66 -13.05 -2.30
C PRO A 59 4.15 -13.31 -2.21
N HIS A 60 4.68 -13.23 -0.99
CA HIS A 60 6.11 -13.45 -0.76
C HIS A 60 6.37 -14.86 -0.27
N GLU A 61 7.51 -15.43 -0.67
CA GLU A 61 7.88 -16.78 -0.27
C GLU A 61 9.20 -16.78 0.49
N ALA A 62 9.38 -17.79 1.34
CA ALA A 62 10.61 -17.91 2.13
C ALA A 62 11.72 -18.57 1.31
N THR A 63 12.87 -17.91 1.25
CA THR A 63 14.01 -18.42 0.50
C THR A 63 14.26 -19.88 0.82
N CYS A 64 14.02 -20.74 -0.17
CA CYS A 64 14.22 -22.19 0.01
C CYS A 64 14.86 -22.80 -1.23
N TYR A 65 15.91 -23.58 -1.02
CA TYR A 65 16.62 -24.22 -2.11
C TYR A 65 15.65 -24.99 -3.01
N ASP A 66 15.28 -24.39 -4.12
CA ASP A 66 14.37 -25.02 -5.08
C ASP A 66 14.91 -24.94 -6.50
N ASP A 67 14.40 -25.81 -7.36
CA ASP A 67 14.84 -25.83 -8.76
C ASP A 67 14.56 -24.50 -9.45
N GLY A 68 13.29 -24.09 -9.45
CA GLY A 68 12.92 -22.84 -10.07
C GLY A 68 11.69 -22.22 -9.43
N GLY A 1 8.39 23.82 -4.76
CA GLY A 1 7.94 23.95 -6.14
C GLY A 1 6.55 23.39 -6.34
N SER A 2 5.87 23.87 -7.39
CA SER A 2 4.53 23.40 -7.70
C SER A 2 4.18 23.69 -9.16
N SER A 3 3.14 23.03 -9.65
CA SER A 3 2.70 23.20 -11.03
C SER A 3 1.87 24.47 -11.18
N GLY A 4 1.59 24.84 -12.43
CA GLY A 4 0.80 26.03 -12.68
C GLY A 4 -0.59 25.70 -13.21
N SER A 5 -1.43 25.14 -12.35
CA SER A 5 -2.78 24.78 -12.73
C SER A 5 -3.78 25.87 -12.33
N SER A 6 -4.70 26.18 -13.24
CA SER A 6 -5.70 27.21 -12.97
C SER A 6 -7.11 26.63 -13.04
N GLY A 7 -8.03 27.25 -12.32
CA GLY A 7 -9.41 26.78 -12.31
C GLY A 7 -9.67 25.74 -11.24
N GLY A 8 -10.52 26.09 -10.28
CA GLY A 8 -10.84 25.17 -9.20
C GLY A 8 -9.68 25.01 -8.23
N SER A 9 -9.05 23.83 -8.25
CA SER A 9 -7.93 23.56 -7.35
C SER A 9 -8.32 23.80 -5.90
N GLY A 10 -9.52 23.36 -5.53
CA GLY A 10 -9.99 23.54 -4.16
C GLY A 10 -11.18 22.66 -3.84
N HIS A 11 -10.98 21.35 -3.94
CA HIS A 11 -12.05 20.40 -3.64
C HIS A 11 -11.50 19.16 -2.94
N PHE A 12 -12.23 18.70 -1.92
CA PHE A 12 -11.81 17.54 -1.15
C PHE A 12 -12.28 16.25 -1.84
N ARG A 13 -11.42 15.69 -2.68
CA ARG A 13 -11.74 14.46 -3.39
C ARG A 13 -10.59 13.46 -3.30
N CYS A 14 -9.38 13.94 -3.55
CA CYS A 14 -8.19 13.09 -3.49
C CYS A 14 -7.82 12.77 -2.05
N ASP A 15 -7.09 11.68 -1.87
CA ASP A 15 -6.65 11.26 -0.54
C ASP A 15 -5.90 12.38 0.17
N SER A 16 -4.90 12.92 -0.51
CA SER A 16 -4.08 13.99 0.06
C SER A 16 -3.52 13.60 1.42
N SER A 17 -3.03 12.36 1.51
CA SER A 17 -2.46 11.85 2.76
C SER A 17 -1.19 11.07 2.49
N ARG A 18 -0.11 11.46 3.17
CA ARG A 18 1.18 10.79 3.00
C ARG A 18 1.26 9.55 3.89
N TRP A 19 0.20 8.74 3.86
CA TRP A 19 0.16 7.52 4.66
C TRP A 19 -0.81 6.52 4.05
N CYS A 20 -0.63 5.25 4.40
CA CYS A 20 -1.51 4.19 3.89
C CYS A 20 -2.37 3.61 5.00
N HIS A 21 -3.68 3.58 4.76
CA HIS A 21 -4.62 3.05 5.74
C HIS A 21 -5.27 1.77 5.24
N ASP A 22 -5.03 0.67 5.96
CA ASP A 22 -5.59 -0.62 5.58
C ASP A 22 -6.38 -1.22 6.74
N ASN A 23 -5.72 -1.37 7.89
CA ASN A 23 -6.36 -1.94 9.07
C ASN A 23 -6.26 -0.99 10.26
N GLY A 24 -6.99 0.13 10.18
CA GLY A 24 -6.96 1.11 11.25
C GLY A 24 -5.55 1.41 11.72
N VAL A 25 -4.57 1.14 10.87
CA VAL A 25 -3.17 1.39 11.20
C VAL A 25 -2.50 2.26 10.15
N ASN A 26 -1.66 3.18 10.60
CA ASN A 26 -0.95 4.08 9.69
C ASN A 26 0.45 3.55 9.39
N TYR A 27 0.74 3.33 8.11
CA TYR A 27 2.04 2.83 7.70
C TYR A 27 2.89 3.94 7.10
N LYS A 28 4.18 3.91 7.39
CA LYS A 28 5.11 4.93 6.88
C LYS A 28 5.56 4.59 5.46
N ILE A 29 5.55 5.59 4.59
CA ILE A 29 5.96 5.39 3.21
C ILE A 29 7.20 4.51 3.12
N GLY A 30 7.04 3.35 2.46
CA GLY A 30 8.15 2.43 2.31
C GLY A 30 8.02 1.22 3.21
N GLU A 31 7.51 1.43 4.41
CA GLU A 31 7.34 0.34 5.37
C GLU A 31 6.48 -0.78 4.77
N LYS A 32 6.39 -1.89 5.49
CA LYS A 32 5.60 -3.03 5.02
C LYS A 32 4.90 -3.71 6.19
N TRP A 33 3.76 -4.34 5.91
CA TRP A 33 3.00 -5.03 6.93
C TRP A 33 2.34 -6.29 6.36
N ASP A 34 1.84 -7.14 7.26
CA ASP A 34 1.18 -8.38 6.84
C ASP A 34 -0.32 -8.18 6.75
N ARG A 35 -0.99 -9.11 6.07
CA ARG A 35 -2.43 -9.04 5.89
C ARG A 35 -2.98 -10.35 5.31
N GLN A 36 -4.29 -10.39 5.11
CA GLN A 36 -4.94 -11.58 4.56
C GLN A 36 -4.99 -11.52 3.04
N GLY A 37 -4.84 -12.68 2.40
CA GLY A 37 -4.88 -12.74 0.95
C GLY A 37 -6.25 -13.12 0.41
N GLU A 38 -6.26 -14.03 -0.55
CA GLU A 38 -7.51 -14.48 -1.16
C GLU A 38 -8.07 -15.68 -0.40
N ASN A 39 -7.26 -16.72 -0.25
CA ASN A 39 -7.68 -17.93 0.44
C ASN A 39 -7.01 -18.02 1.81
N GLY A 40 -6.92 -16.90 2.51
CA GLY A 40 -6.30 -16.87 3.82
C GLY A 40 -4.82 -16.54 3.76
N GLN A 41 -4.14 -17.09 2.74
CA GLN A 41 -2.70 -16.84 2.58
C GLN A 41 -2.36 -15.40 2.93
N MET A 42 -1.34 -15.24 3.77
CA MET A 42 -0.90 -13.92 4.19
C MET A 42 -0.31 -13.14 3.02
N MET A 43 -0.39 -11.82 3.08
CA MET A 43 0.14 -10.96 2.02
C MET A 43 0.81 -9.73 2.60
N SER A 44 1.93 -9.33 2.01
CA SER A 44 2.67 -8.17 2.47
C SER A 44 2.42 -6.97 1.57
N CYS A 45 2.04 -5.85 2.17
CA CYS A 45 1.76 -4.63 1.42
C CYS A 45 2.85 -3.59 1.65
N THR A 46 3.30 -2.96 0.57
CA THR A 46 4.35 -1.95 0.66
C THR A 46 3.80 -0.56 0.35
N CYS A 47 3.92 0.34 1.31
CA CYS A 47 3.43 1.71 1.13
C CYS A 47 4.29 2.48 0.13
N LEU A 48 3.69 2.86 -0.98
CA LEU A 48 4.40 3.60 -2.02
C LEU A 48 4.14 5.10 -1.91
N GLY A 49 2.87 5.47 -2.05
CA GLY A 49 2.50 6.88 -1.96
C GLY A 49 1.70 7.34 -3.17
N ASN A 50 2.35 8.10 -4.04
CA ASN A 50 1.70 8.60 -5.24
C ASN A 50 0.49 9.46 -4.87
N GLY A 51 0.64 10.27 -3.83
CA GLY A 51 -0.45 11.13 -3.40
C GLY A 51 -1.56 10.36 -2.71
N LYS A 52 -2.31 9.57 -3.49
CA LYS A 52 -3.41 8.78 -2.95
C LYS A 52 -2.90 7.85 -1.85
N GLY A 53 -1.73 7.28 -2.04
CA GLY A 53 -1.17 6.38 -1.05
C GLY A 53 -1.24 4.93 -1.48
N GLU A 54 -1.47 4.69 -2.76
CA GLU A 54 -1.56 3.34 -3.29
C GLU A 54 -0.44 2.46 -2.75
N PHE A 55 -0.71 1.17 -2.64
CA PHE A 55 0.27 0.22 -2.12
C PHE A 55 0.17 -1.12 -2.85
N LYS A 56 1.30 -1.79 -3.02
CA LYS A 56 1.34 -3.08 -3.70
C LYS A 56 1.39 -4.22 -2.69
N CYS A 57 0.59 -5.25 -2.92
CA CYS A 57 0.55 -6.40 -2.03
C CYS A 57 0.81 -7.69 -2.81
N ASP A 58 1.84 -8.42 -2.40
CA ASP A 58 2.20 -9.68 -3.05
C ASP A 58 2.42 -10.78 -2.02
N PRO A 59 2.19 -12.03 -2.44
CA PRO A 59 2.36 -13.20 -1.57
C PRO A 59 3.83 -13.47 -1.24
N HIS A 60 4.11 -13.65 0.04
CA HIS A 60 5.48 -13.92 0.50
C HIS A 60 5.58 -15.29 1.16
N GLU A 61 4.66 -16.18 0.79
CA GLU A 61 4.64 -17.53 1.36
C GLU A 61 6.06 -18.05 1.58
N ALA A 62 6.48 -18.09 2.84
CA ALA A 62 7.81 -18.57 3.19
C ALA A 62 8.08 -19.94 2.59
N THR A 63 8.93 -19.97 1.57
CA THR A 63 9.28 -21.22 0.90
C THR A 63 10.49 -21.05 0.00
N CYS A 64 11.28 -22.12 -0.13
CA CYS A 64 12.48 -22.07 -0.96
C CYS A 64 12.42 -23.13 -2.06
N TYR A 65 13.03 -22.84 -3.20
CA TYR A 65 13.03 -23.76 -4.33
C TYR A 65 14.23 -23.51 -5.23
N ASP A 66 14.53 -24.48 -6.09
CA ASP A 66 15.66 -24.36 -7.01
C ASP A 66 15.17 -24.18 -8.45
N ASP A 67 15.55 -23.07 -9.06
CA ASP A 67 15.16 -22.77 -10.43
C ASP A 67 16.17 -21.84 -11.10
N GLY A 68 15.94 -21.55 -12.37
CA GLY A 68 16.84 -20.68 -13.11
C GLY A 68 16.12 -19.51 -13.76
N GLY A 1 11.83 23.53 -11.99
CA GLY A 1 11.26 22.50 -12.84
C GLY A 1 10.38 21.54 -12.08
N SER A 2 9.56 20.79 -12.80
CA SER A 2 8.65 19.82 -12.19
C SER A 2 7.95 18.98 -13.24
N SER A 3 7.16 18.02 -12.79
CA SER A 3 6.43 17.13 -13.70
C SER A 3 5.01 16.91 -13.21
N GLY A 4 4.20 16.25 -14.04
CA GLY A 4 2.82 15.99 -13.68
C GLY A 4 2.32 14.67 -14.25
N SER A 5 1.02 14.41 -14.09
CA SER A 5 0.41 13.19 -14.59
C SER A 5 -0.84 13.49 -15.41
N SER A 6 -1.21 12.57 -16.28
CA SER A 6 -2.38 12.73 -17.13
C SER A 6 -3.54 13.34 -16.33
N GLY A 7 -4.43 14.02 -17.03
CA GLY A 7 -5.58 14.64 -16.38
C GLY A 7 -6.57 13.61 -15.88
N GLY A 8 -7.74 13.56 -16.52
CA GLY A 8 -8.76 12.62 -16.11
C GLY A 8 -9.29 12.90 -14.72
N SER A 9 -9.46 11.84 -13.93
CA SER A 9 -9.97 11.97 -12.57
C SER A 9 -9.04 12.86 -11.73
N GLY A 10 -9.63 13.64 -10.84
CA GLY A 10 -8.85 14.53 -10.00
C GLY A 10 -8.13 15.60 -10.78
N HIS A 11 -8.24 16.83 -10.32
CA HIS A 11 -7.59 17.96 -10.99
C HIS A 11 -6.10 18.01 -10.65
N PHE A 12 -5.80 18.08 -9.36
CA PHE A 12 -4.42 18.14 -8.90
C PHE A 12 -4.30 17.63 -7.47
N ARG A 13 -3.60 16.52 -7.30
CA ARG A 13 -3.42 15.91 -5.98
C ARG A 13 -1.98 16.11 -5.50
N CYS A 14 -1.81 16.93 -4.47
CA CYS A 14 -0.50 17.21 -3.92
C CYS A 14 0.10 15.94 -3.29
N ASP A 15 1.43 15.85 -3.32
CA ASP A 15 2.12 14.70 -2.76
C ASP A 15 2.61 15.00 -1.34
N SER A 16 1.77 15.66 -0.56
CA SER A 16 2.13 16.02 0.81
C SER A 16 1.66 14.94 1.79
N SER A 17 0.40 14.54 1.66
CA SER A 17 -0.17 13.52 2.52
C SER A 17 -0.08 12.13 1.88
N ARG A 18 0.78 11.28 2.44
CA ARG A 18 0.96 9.93 1.91
C ARG A 18 0.87 8.89 3.03
N TRP A 19 -0.34 8.38 3.26
CA TRP A 19 -0.55 7.38 4.30
C TRP A 19 -1.34 6.20 3.76
N CYS A 20 -1.14 5.03 4.37
CA CYS A 20 -1.83 3.82 3.95
C CYS A 20 -2.84 3.37 5.00
N HIS A 21 -4.12 3.36 4.62
CA HIS A 21 -5.18 2.96 5.54
C HIS A 21 -5.83 1.66 5.06
N ASP A 22 -5.54 0.57 5.76
CA ASP A 22 -6.11 -0.73 5.41
C ASP A 22 -6.94 -1.29 6.56
N ASN A 23 -6.34 -1.37 7.74
CA ASN A 23 -7.01 -1.89 8.92
C ASN A 23 -6.89 -0.92 10.09
N GLY A 24 -7.11 0.36 9.81
CA GLY A 24 -7.02 1.38 10.86
C GLY A 24 -5.61 1.49 11.42
N VAL A 25 -4.62 1.48 10.53
CA VAL A 25 -3.23 1.60 10.94
C VAL A 25 -2.46 2.54 10.03
N ASN A 26 -1.58 3.34 10.61
CA ASN A 26 -0.78 4.29 9.85
C ASN A 26 0.63 3.76 9.62
N TYR A 27 1.00 3.61 8.35
CA TYR A 27 2.33 3.10 7.99
C TYR A 27 3.16 4.19 7.33
N LYS A 28 4.48 4.04 7.40
CA LYS A 28 5.39 5.01 6.81
C LYS A 28 5.74 4.62 5.38
N ILE A 29 5.80 5.62 4.50
CA ILE A 29 6.13 5.37 3.10
C ILE A 29 7.36 4.49 2.96
N GLY A 30 7.16 3.29 2.42
CA GLY A 30 8.26 2.36 2.24
C GLY A 30 8.17 1.16 3.17
N GLU A 31 7.55 1.36 4.33
CA GLU A 31 7.40 0.28 5.30
C GLU A 31 6.69 -0.91 4.68
N LYS A 32 6.55 -1.98 5.46
CA LYS A 32 5.89 -3.19 5.00
C LYS A 32 5.10 -3.85 6.12
N TRP A 33 3.88 -4.28 5.81
CA TRP A 33 3.03 -4.93 6.80
C TRP A 33 2.39 -6.19 6.22
N ASP A 34 1.67 -6.92 7.07
CA ASP A 34 1.01 -8.15 6.64
C ASP A 34 -0.50 -8.06 6.87
N ARG A 35 -1.26 -8.61 5.93
CA ARG A 35 -2.71 -8.58 6.03
C ARG A 35 -3.32 -9.80 5.33
N GLN A 36 -4.64 -9.94 5.45
CA GLN A 36 -5.34 -11.06 4.83
C GLN A 36 -5.37 -10.91 3.31
N GLY A 37 -5.01 -11.98 2.60
CA GLY A 37 -5.01 -11.94 1.15
C GLY A 37 -6.00 -12.91 0.54
N GLU A 38 -5.77 -13.28 -0.71
CA GLU A 38 -6.65 -14.21 -1.41
C GLU A 38 -6.68 -15.56 -0.72
N ASN A 39 -7.88 -16.08 -0.47
CA ASN A 39 -8.05 -17.36 0.20
C ASN A 39 -7.38 -17.35 1.57
N GLY A 40 -7.54 -16.25 2.29
CA GLY A 40 -6.95 -16.14 3.61
C GLY A 40 -5.47 -16.45 3.62
N GLN A 41 -4.73 -15.84 2.70
CA GLN A 41 -3.29 -16.06 2.61
C GLN A 41 -2.53 -14.83 3.07
N MET A 42 -1.64 -15.03 4.04
CA MET A 42 -0.83 -13.93 4.58
C MET A 42 -0.01 -13.27 3.48
N MET A 43 -0.36 -12.02 3.16
CA MET A 43 0.34 -11.28 2.13
C MET A 43 1.09 -10.09 2.72
N SER A 44 2.08 -9.59 1.99
CA SER A 44 2.87 -8.45 2.45
C SER A 44 2.67 -7.24 1.53
N CYS A 45 2.28 -6.12 2.11
CA CYS A 45 2.05 -4.90 1.34
C CYS A 45 3.16 -3.88 1.61
N THR A 46 3.41 -3.01 0.64
CA THR A 46 4.43 -1.99 0.77
C THR A 46 3.89 -0.61 0.42
N CYS A 47 3.93 0.31 1.38
CA CYS A 47 3.44 1.67 1.17
C CYS A 47 4.31 2.40 0.15
N LEU A 48 3.71 2.75 -0.99
CA LEU A 48 4.43 3.46 -2.04
C LEU A 48 4.24 4.97 -1.90
N GLY A 49 2.98 5.40 -1.90
CA GLY A 49 2.69 6.82 -1.78
C GLY A 49 2.55 7.51 -3.13
N ASN A 50 1.59 7.06 -3.93
CA ASN A 50 1.36 7.63 -5.24
C ASN A 50 -0.10 8.07 -5.40
N GLY A 51 -1.02 7.15 -5.11
CA GLY A 51 -2.43 7.45 -5.22
C GLY A 51 -3.13 7.50 -3.88
N LYS A 52 -3.37 8.71 -3.38
CA LYS A 52 -4.03 8.89 -2.11
C LYS A 52 -3.63 7.79 -1.12
N GLY A 53 -2.38 7.34 -1.23
CA GLY A 53 -1.91 6.29 -0.34
C GLY A 53 -1.91 4.93 -1.01
N GLU A 54 -1.55 4.89 -2.28
CA GLU A 54 -1.51 3.64 -3.03
C GLU A 54 -0.49 2.67 -2.43
N PHE A 55 -0.72 1.38 -2.64
CA PHE A 55 0.18 0.35 -2.12
C PHE A 55 -0.04 -0.97 -2.85
N LYS A 56 1.04 -1.75 -2.97
CA LYS A 56 0.96 -3.05 -3.64
C LYS A 56 1.15 -4.18 -2.65
N CYS A 57 0.45 -5.29 -2.87
CA CYS A 57 0.53 -6.44 -1.99
C CYS A 57 0.89 -7.70 -2.79
N ASP A 58 2.02 -8.31 -2.43
CA ASP A 58 2.47 -9.52 -3.11
C ASP A 58 2.61 -10.67 -2.13
N PRO A 59 2.35 -11.89 -2.61
CA PRO A 59 2.43 -13.11 -1.78
C PRO A 59 3.87 -13.46 -1.41
N HIS A 60 4.06 -13.99 -0.21
CA HIS A 60 5.39 -14.36 0.26
C HIS A 60 6.04 -15.34 -0.70
N GLU A 61 7.28 -15.73 -0.39
CA GLU A 61 8.02 -16.66 -1.23
C GLU A 61 8.58 -17.81 -0.40
N ALA A 62 7.76 -18.85 -0.21
CA ALA A 62 8.17 -20.01 0.56
C ALA A 62 8.54 -21.18 -0.35
N THR A 63 8.02 -21.14 -1.58
CA THR A 63 8.29 -22.20 -2.55
C THR A 63 9.38 -21.78 -3.53
N CYS A 64 10.62 -22.08 -3.19
CA CYS A 64 11.76 -21.73 -4.03
C CYS A 64 11.45 -22.04 -5.49
N TYR A 65 11.37 -20.99 -6.31
CA TYR A 65 11.09 -21.16 -7.73
C TYR A 65 11.79 -20.09 -8.56
N ASP A 66 12.10 -20.43 -9.80
CA ASP A 66 12.79 -19.50 -10.70
C ASP A 66 11.87 -18.34 -11.09
N ASP A 67 12.10 -17.18 -10.48
CA ASP A 67 11.29 -16.00 -10.77
C ASP A 67 11.60 -15.46 -12.15
N GLY A 68 10.56 -15.01 -12.85
CA GLY A 68 10.74 -14.46 -14.18
C GLY A 68 9.63 -14.89 -15.14
N GLY A 1 -0.07 5.32 -19.38
CA GLY A 1 -0.90 4.16 -19.12
C GLY A 1 -1.21 3.99 -17.65
N SER A 2 -2.35 3.38 -17.34
CA SER A 2 -2.77 3.16 -15.97
C SER A 2 -3.67 1.94 -15.85
N SER A 3 -4.05 1.60 -14.62
CA SER A 3 -4.91 0.44 -14.38
C SER A 3 -6.33 0.90 -14.06
N GLY A 4 -6.45 1.89 -13.19
CA GLY A 4 -7.76 2.39 -12.81
C GLY A 4 -8.34 1.65 -11.62
N SER A 5 -7.51 1.35 -10.64
CA SER A 5 -7.94 0.64 -9.44
C SER A 5 -8.95 1.47 -8.66
N SER A 6 -10.22 1.35 -9.03
CA SER A 6 -11.29 2.09 -8.37
C SER A 6 -11.90 1.27 -7.23
N GLY A 7 -12.33 1.96 -6.18
CA GLY A 7 -12.92 1.28 -5.04
C GLY A 7 -13.76 2.20 -4.18
N GLY A 8 -14.98 2.50 -4.65
CA GLY A 8 -15.87 3.37 -3.90
C GLY A 8 -15.29 4.77 -3.74
N SER A 9 -16.17 5.76 -3.62
CA SER A 9 -15.75 7.15 -3.46
C SER A 9 -15.84 7.58 -2.00
N GLY A 10 -17.04 7.47 -1.43
CA GLY A 10 -17.24 7.85 -0.04
C GLY A 10 -18.00 9.16 0.09
N HIS A 11 -17.82 9.82 1.23
CA HIS A 11 -18.50 11.09 1.48
C HIS A 11 -17.50 12.19 1.82
N PHE A 12 -16.56 11.87 2.72
CA PHE A 12 -15.54 12.83 3.12
C PHE A 12 -14.17 12.43 2.59
N ARG A 13 -13.89 12.82 1.36
CA ARG A 13 -12.61 12.50 0.73
C ARG A 13 -11.70 13.72 0.71
N CYS A 14 -10.40 13.49 0.92
CA CYS A 14 -9.43 14.57 0.93
C CYS A 14 -8.17 14.16 0.17
N ASP A 15 -7.25 15.11 0.00
CA ASP A 15 -6.00 14.85 -0.70
C ASP A 15 -4.82 14.86 0.25
N SER A 16 -4.32 13.67 0.57
CA SER A 16 -3.19 13.53 1.49
C SER A 16 -2.46 12.22 1.26
N SER A 17 -1.13 12.29 1.17
CA SER A 17 -0.31 11.10 0.96
C SER A 17 0.77 10.98 2.01
N ARG A 18 0.40 11.25 3.26
CA ARG A 18 1.34 11.17 4.37
C ARG A 18 1.56 9.73 4.80
N TRP A 19 0.48 9.08 5.21
CA TRP A 19 0.55 7.69 5.65
C TRP A 19 -0.56 6.86 5.01
N CYS A 20 -0.28 5.57 4.81
CA CYS A 20 -1.25 4.66 4.20
C CYS A 20 -2.26 4.18 5.22
N HIS A 21 -3.40 3.71 4.75
CA HIS A 21 -4.46 3.21 5.63
C HIS A 21 -5.20 2.04 4.98
N ASP A 22 -4.95 0.84 5.47
CA ASP A 22 -5.60 -0.35 4.94
C ASP A 22 -6.60 -0.92 5.94
N ASN A 23 -6.15 -1.12 7.18
CA ASN A 23 -7.00 -1.66 8.23
C ASN A 23 -6.88 -0.84 9.51
N GLY A 24 -6.94 0.48 9.36
CA GLY A 24 -6.83 1.37 10.51
C GLY A 24 -5.40 1.72 10.84
N VAL A 25 -4.48 0.80 10.55
CA VAL A 25 -3.06 1.02 10.81
C VAL A 25 -2.49 2.06 9.86
N ASN A 26 -1.68 2.97 10.41
CA ASN A 26 -1.06 4.02 9.61
C ASN A 26 0.37 3.65 9.24
N TYR A 27 0.55 3.07 8.06
CA TYR A 27 1.87 2.67 7.60
C TYR A 27 2.59 3.83 6.93
N LYS A 28 3.91 3.88 7.09
CA LYS A 28 4.72 4.95 6.52
C LYS A 28 5.17 4.57 5.11
N ILE A 29 5.46 5.58 4.29
CA ILE A 29 5.90 5.36 2.93
C ILE A 29 7.15 4.48 2.89
N GLY A 30 7.00 3.28 2.32
CA GLY A 30 8.12 2.36 2.24
C GLY A 30 7.99 1.18 3.19
N GLU A 31 7.42 1.43 4.37
CA GLU A 31 7.23 0.39 5.37
C GLU A 31 6.51 -0.81 4.75
N LYS A 32 6.51 -1.93 5.48
CA LYS A 32 5.86 -3.14 5.02
C LYS A 32 5.16 -3.86 6.18
N TRP A 33 3.95 -4.35 5.92
CA TRP A 33 3.18 -5.05 6.94
C TRP A 33 2.52 -6.30 6.36
N ASP A 34 1.95 -7.12 7.23
CA ASP A 34 1.29 -8.35 6.81
C ASP A 34 -0.22 -8.20 6.85
N ARG A 35 -0.92 -8.88 5.94
CA ARG A 35 -2.37 -8.82 5.88
C ARG A 35 -2.94 -10.11 5.29
N GLN A 36 -4.25 -10.26 5.37
CA GLN A 36 -4.92 -11.44 4.85
C GLN A 36 -5.10 -11.34 3.34
N GLY A 37 -4.85 -12.46 2.65
CA GLY A 37 -4.99 -12.48 1.21
C GLY A 37 -6.36 -12.92 0.76
N GLU A 38 -6.55 -13.02 -0.55
CA GLU A 38 -7.83 -13.43 -1.11
C GLU A 38 -8.34 -14.70 -0.42
N ASN A 39 -7.53 -15.75 -0.44
CA ASN A 39 -7.91 -17.01 0.19
C ASN A 39 -7.14 -17.22 1.49
N GLY A 40 -6.98 -16.15 2.25
CA GLY A 40 -6.27 -16.23 3.51
C GLY A 40 -4.78 -16.06 3.35
N GLN A 41 -4.23 -16.63 2.28
CA GLN A 41 -2.80 -16.55 2.02
C GLN A 41 -2.24 -15.20 2.47
N MET A 42 -1.21 -15.24 3.30
CA MET A 42 -0.59 -14.03 3.81
C MET A 42 -0.08 -13.16 2.66
N MET A 43 -0.29 -11.85 2.78
CA MET A 43 0.15 -10.91 1.74
C MET A 43 0.90 -9.73 2.36
N SER A 44 2.03 -9.38 1.77
CA SER A 44 2.83 -8.27 2.27
C SER A 44 2.57 -7.00 1.46
N CYS A 45 1.98 -6.00 2.11
CA CYS A 45 1.67 -4.74 1.45
C CYS A 45 2.74 -3.70 1.75
N THR A 46 3.29 -3.10 0.70
CA THR A 46 4.33 -2.09 0.85
C THR A 46 3.80 -0.71 0.48
N CYS A 47 3.81 0.20 1.46
CA CYS A 47 3.33 1.56 1.23
C CYS A 47 4.16 2.26 0.16
N LEU A 48 3.53 2.59 -0.95
CA LEU A 48 4.21 3.26 -2.05
C LEU A 48 4.07 4.77 -1.93
N GLY A 49 2.83 5.25 -1.96
CA GLY A 49 2.59 6.68 -1.85
C GLY A 49 2.17 7.31 -3.17
N ASN A 50 0.95 7.01 -3.60
CA ASN A 50 0.43 7.54 -4.86
C ASN A 50 -0.88 8.29 -4.63
N GLY A 51 -0.79 9.61 -4.56
CA GLY A 51 -1.98 10.43 -4.35
C GLY A 51 -2.49 10.34 -2.92
N LYS A 52 -2.98 9.16 -2.55
CA LYS A 52 -3.51 8.95 -1.21
C LYS A 52 -2.60 8.03 -0.41
N GLY A 53 -2.23 6.90 -1.01
CA GLY A 53 -1.36 5.96 -0.33
C GLY A 53 -1.49 4.55 -0.88
N GLU A 54 -1.56 4.44 -2.20
CA GLU A 54 -1.69 3.14 -2.86
C GLU A 54 -0.50 2.23 -2.51
N PHE A 55 -0.80 1.11 -1.87
CA PHE A 55 0.23 0.17 -1.48
C PHE A 55 0.31 -1.00 -2.47
N LYS A 56 1.37 -1.79 -2.36
CA LYS A 56 1.56 -2.93 -3.24
C LYS A 56 1.62 -4.23 -2.45
N CYS A 57 0.57 -5.03 -2.57
CA CYS A 57 0.50 -6.30 -1.86
C CYS A 57 0.89 -7.46 -2.78
N ASP A 58 1.74 -8.35 -2.26
CA ASP A 58 2.18 -9.50 -3.04
C ASP A 58 2.33 -10.73 -2.16
N PRO A 59 2.18 -11.92 -2.76
CA PRO A 59 2.29 -13.19 -2.04
C PRO A 59 3.72 -13.49 -1.59
N HIS A 60 3.86 -13.92 -0.34
CA HIS A 60 5.17 -14.24 0.20
C HIS A 60 5.88 -15.27 -0.66
N GLU A 61 7.17 -15.49 -0.38
CA GLU A 61 7.97 -16.45 -1.14
C GLU A 61 8.52 -17.53 -0.22
N ALA A 62 7.68 -18.01 0.69
CA ALA A 62 8.08 -19.05 1.64
C ALA A 62 8.83 -20.18 0.91
N THR A 63 8.60 -20.29 -0.40
CA THR A 63 9.25 -21.32 -1.19
C THR A 63 8.93 -21.15 -2.68
N CYS A 64 9.86 -21.57 -3.53
CA CYS A 64 9.66 -21.46 -4.97
C CYS A 64 8.61 -22.44 -5.45
N TYR A 65 7.62 -21.92 -6.18
CA TYR A 65 6.54 -22.75 -6.69
C TYR A 65 6.01 -22.18 -8.01
N ASP A 66 6.23 -22.91 -9.10
CA ASP A 66 5.78 -22.50 -10.42
C ASP A 66 4.26 -22.37 -10.45
N ASP A 67 3.78 -21.24 -10.92
CA ASP A 67 2.33 -20.99 -11.01
C ASP A 67 1.74 -21.72 -12.20
N GLY A 68 0.41 -21.67 -12.32
CA GLY A 68 -0.26 -22.34 -13.42
C GLY A 68 -1.22 -21.42 -14.16
N GLY A 1 0.37 29.55 -16.01
CA GLY A 1 -0.30 30.82 -16.13
C GLY A 1 -1.79 30.67 -16.34
N SER A 2 -2.17 29.80 -17.27
CA SER A 2 -3.57 29.57 -17.58
C SER A 2 -3.90 28.07 -17.56
N SER A 3 -5.18 27.74 -17.54
CA SER A 3 -5.62 26.36 -17.53
C SER A 3 -7.09 26.24 -17.89
N GLY A 4 -7.49 25.07 -18.37
CA GLY A 4 -8.88 24.85 -18.75
C GLY A 4 -9.82 24.89 -17.56
N SER A 5 -9.47 24.15 -16.51
CA SER A 5 -10.30 24.09 -15.31
C SER A 5 -9.47 23.64 -14.11
N SER A 6 -9.33 24.53 -13.13
CA SER A 6 -8.56 24.23 -11.93
C SER A 6 -9.41 24.45 -10.68
N GLY A 7 -9.44 23.43 -9.81
CA GLY A 7 -10.21 23.52 -8.59
C GLY A 7 -11.69 23.31 -8.83
N GLY A 8 -12.36 24.32 -9.37
CA GLY A 8 -13.78 24.22 -9.63
C GLY A 8 -14.60 25.13 -8.75
N SER A 9 -15.23 24.56 -7.73
CA SER A 9 -16.06 25.32 -6.81
C SER A 9 -15.30 25.62 -5.51
N GLY A 10 -14.02 25.95 -5.64
CA GLY A 10 -13.21 26.25 -4.48
C GLY A 10 -12.77 25.00 -3.74
N HIS A 11 -11.91 24.22 -4.37
CA HIS A 11 -11.42 22.98 -3.77
C HIS A 11 -9.96 23.14 -3.33
N PHE A 12 -9.70 22.92 -2.04
CA PHE A 12 -8.35 23.03 -1.51
C PHE A 12 -8.13 22.03 -0.37
N ARG A 13 -7.22 21.10 -0.59
CA ARG A 13 -6.92 20.07 0.40
C ARG A 13 -5.68 19.28 0.01
N CYS A 14 -4.57 19.55 0.69
CA CYS A 14 -3.31 18.87 0.41
C CYS A 14 -3.33 17.45 0.96
N ASP A 15 -2.30 16.67 0.63
CA ASP A 15 -2.21 15.29 1.11
C ASP A 15 -1.14 15.16 2.18
N SER A 16 -1.10 16.12 3.09
CA SER A 16 -0.12 16.12 4.17
C SER A 16 0.08 14.71 4.71
N SER A 17 -1.01 14.00 4.94
CA SER A 17 -0.96 12.64 5.46
C SER A 17 -0.18 11.73 4.52
N ARG A 18 0.90 11.15 5.03
CA ARG A 18 1.75 10.27 4.24
C ARG A 18 1.70 8.84 4.78
N TRP A 19 0.51 8.40 5.17
CA TRP A 19 0.32 7.05 5.70
C TRP A 19 -0.78 6.32 4.96
N CYS A 20 -0.71 4.99 4.96
CA CYS A 20 -1.70 4.17 4.28
C CYS A 20 -2.87 3.85 5.21
N HIS A 21 -3.95 3.31 4.64
CA HIS A 21 -5.13 2.97 5.42
C HIS A 21 -5.51 1.50 5.19
N ASP A 22 -4.96 0.62 6.01
CA ASP A 22 -5.24 -0.81 5.90
C ASP A 22 -5.37 -1.45 7.28
N ASN A 23 -6.54 -2.00 7.57
CA ASN A 23 -6.78 -2.64 8.86
C ASN A 23 -6.67 -1.64 10.00
N GLY A 24 -7.16 -0.42 9.76
CA GLY A 24 -7.09 0.61 10.79
C GLY A 24 -5.67 0.86 11.26
N VAL A 25 -4.73 0.86 10.33
CA VAL A 25 -3.32 1.10 10.66
C VAL A 25 -2.68 2.06 9.68
N ASN A 26 -1.76 2.88 10.16
CA ASN A 26 -1.06 3.85 9.33
C ASN A 26 0.40 3.47 9.15
N TYR A 27 0.78 3.18 7.92
CA TYR A 27 2.17 2.80 7.62
C TYR A 27 2.87 3.90 6.83
N LYS A 28 4.05 4.29 7.32
CA LYS A 28 4.82 5.34 6.66
C LYS A 28 5.21 4.92 5.24
N ILE A 29 5.35 5.90 4.36
CA ILE A 29 5.71 5.64 2.97
C ILE A 29 6.94 4.74 2.89
N GLY A 30 6.74 3.54 2.34
CA GLY A 30 7.83 2.60 2.22
C GLY A 30 7.71 1.42 3.17
N GLU A 31 7.19 1.68 4.36
CA GLU A 31 7.01 0.64 5.37
C GLU A 31 6.19 -0.52 4.81
N LYS A 32 6.15 -1.62 5.56
CA LYS A 32 5.41 -2.80 5.15
C LYS A 32 4.65 -3.41 6.32
N TRP A 33 3.76 -4.34 6.03
CA TRP A 33 2.97 -5.00 7.06
C TRP A 33 2.43 -6.33 6.56
N ASP A 34 1.80 -7.08 7.46
CA ASP A 34 1.22 -8.38 7.11
C ASP A 34 -0.29 -8.37 7.32
N ARG A 35 -1.03 -8.65 6.25
CA ARG A 35 -2.49 -8.68 6.32
C ARG A 35 -3.04 -9.92 5.61
N GLN A 36 -4.35 -10.11 5.70
CA GLN A 36 -5.00 -11.25 5.09
C GLN A 36 -5.33 -10.96 3.62
N GLY A 37 -5.20 -11.97 2.77
CA GLY A 37 -5.49 -11.81 1.36
C GLY A 37 -6.79 -12.46 0.96
N GLU A 38 -7.55 -11.78 0.10
CA GLU A 38 -8.83 -12.30 -0.36
C GLU A 38 -8.79 -13.81 -0.51
N ASN A 39 -7.66 -14.33 -0.99
CA ASN A 39 -7.49 -15.76 -1.17
C ASN A 39 -7.69 -16.51 0.16
N GLY A 40 -6.84 -16.18 1.13
CA GLY A 40 -6.94 -16.84 2.43
C GLY A 40 -5.65 -16.73 3.22
N GLN A 41 -4.52 -16.74 2.52
CA GLN A 41 -3.22 -16.64 3.16
C GLN A 41 -2.83 -15.20 3.41
N MET A 42 -1.70 -15.00 4.09
CA MET A 42 -1.23 -13.65 4.40
C MET A 42 -0.51 -13.05 3.19
N MET A 43 -0.74 -11.76 2.96
CA MET A 43 -0.11 -11.06 1.85
C MET A 43 0.75 -9.91 2.34
N SER A 44 1.86 -9.66 1.66
CA SER A 44 2.78 -8.58 2.03
C SER A 44 2.50 -7.34 1.21
N CYS A 45 2.18 -6.24 1.89
CA CYS A 45 1.89 -4.98 1.22
C CYS A 45 2.99 -3.96 1.50
N THR A 46 3.39 -3.22 0.46
CA THR A 46 4.43 -2.20 0.60
C THR A 46 3.90 -0.83 0.23
N CYS A 47 4.16 0.15 1.10
CA CYS A 47 3.71 1.52 0.87
C CYS A 47 4.67 2.24 -0.08
N LEU A 48 4.12 2.74 -1.19
CA LEU A 48 4.92 3.46 -2.17
C LEU A 48 4.77 4.97 -2.01
N GLY A 49 3.52 5.41 -1.83
CA GLY A 49 3.26 6.83 -1.65
C GLY A 49 2.90 7.51 -2.96
N ASN A 50 1.74 7.17 -3.51
CA ASN A 50 1.28 7.75 -4.76
C ASN A 50 0.13 8.72 -4.52
N GLY A 51 0.44 9.88 -3.97
CA GLY A 51 -0.59 10.87 -3.70
C GLY A 51 -1.20 10.72 -2.33
N LYS A 52 -2.07 9.73 -2.16
CA LYS A 52 -2.71 9.47 -0.88
C LYS A 52 -1.93 8.44 -0.08
N GLY A 53 -1.44 7.40 -0.76
CA GLY A 53 -0.69 6.37 -0.08
C GLY A 53 -0.94 4.99 -0.68
N GLU A 54 -0.68 4.86 -1.98
CA GLU A 54 -0.88 3.59 -2.67
C GLU A 54 0.14 2.56 -2.21
N PHE A 55 -0.29 1.30 -2.12
CA PHE A 55 0.59 0.22 -1.70
C PHE A 55 0.31 -1.05 -2.49
N LYS A 56 1.37 -1.74 -2.87
CA LYS A 56 1.25 -2.98 -3.64
C LYS A 56 1.35 -4.20 -2.73
N CYS A 57 0.46 -5.17 -2.95
CA CYS A 57 0.46 -6.39 -2.14
C CYS A 57 0.77 -7.61 -3.01
N ASP A 58 1.68 -8.45 -2.53
CA ASP A 58 2.06 -9.65 -3.26
C ASP A 58 2.05 -10.88 -2.34
N PRO A 59 1.69 -12.03 -2.90
CA PRO A 59 1.63 -13.29 -2.15
C PRO A 59 3.02 -13.80 -1.75
N HIS A 60 3.15 -14.22 -0.50
CA HIS A 60 4.43 -14.73 0.00
C HIS A 60 4.90 -15.91 -0.83
N GLU A 61 6.22 -16.05 -0.97
CA GLU A 61 6.80 -17.14 -1.74
C GLU A 61 7.02 -18.37 -0.85
N ALA A 62 6.79 -19.54 -1.43
CA ALA A 62 6.95 -20.80 -0.70
C ALA A 62 8.41 -21.24 -0.71
N THR A 63 9.17 -20.75 -1.69
CA THR A 63 10.59 -21.11 -1.82
C THR A 63 11.46 -20.10 -1.10
N CYS A 64 11.83 -20.41 0.14
CA CYS A 64 12.67 -19.53 0.94
C CYS A 64 13.91 -19.11 0.16
N TYR A 65 14.65 -20.09 -0.34
CA TYR A 65 15.87 -19.83 -1.10
C TYR A 65 15.53 -19.21 -2.46
N ASP A 66 16.56 -18.76 -3.16
CA ASP A 66 16.37 -18.14 -4.47
C ASP A 66 17.70 -18.12 -5.25
N ASP A 67 17.63 -18.50 -6.53
CA ASP A 67 18.82 -18.51 -7.37
C ASP A 67 19.03 -17.15 -8.03
N GLY A 68 20.30 -16.81 -8.26
CA GLY A 68 20.62 -15.54 -8.88
C GLY A 68 20.74 -15.63 -10.39
N GLY A 1 9.22 20.80 7.92
CA GLY A 1 8.82 22.07 7.33
C GLY A 1 7.57 21.94 6.49
N SER A 2 7.17 23.04 5.87
CA SER A 2 5.97 23.06 5.03
C SER A 2 6.22 23.82 3.74
N SER A 3 5.35 23.62 2.76
CA SER A 3 5.48 24.29 1.47
C SER A 3 4.47 25.43 1.35
N GLY A 4 4.98 26.65 1.22
CA GLY A 4 4.12 27.82 1.10
C GLY A 4 4.60 28.79 0.05
N SER A 5 5.35 29.80 0.48
CA SER A 5 5.86 30.82 -0.43
C SER A 5 4.73 31.49 -1.20
N SER A 6 3.65 31.81 -0.49
CA SER A 6 2.50 32.45 -1.09
C SER A 6 2.26 31.94 -2.51
N GLY A 7 2.40 30.63 -2.69
CA GLY A 7 2.20 30.03 -3.99
C GLY A 7 0.80 29.49 -4.18
N GLY A 8 0.03 30.14 -5.07
CA GLY A 8 -1.33 29.70 -5.32
C GLY A 8 -1.88 30.26 -6.62
N SER A 9 -1.53 29.62 -7.73
CA SER A 9 -1.99 30.05 -9.05
C SER A 9 -3.44 29.63 -9.29
N GLY A 10 -3.71 28.34 -9.10
CA GLY A 10 -5.05 27.81 -9.31
C GLY A 10 -5.19 26.38 -8.83
N HIS A 11 -4.58 26.08 -7.68
CA HIS A 11 -4.65 24.73 -7.12
C HIS A 11 -6.06 24.42 -6.62
N PHE A 12 -6.59 23.28 -7.06
CA PHE A 12 -7.93 22.87 -6.66
C PHE A 12 -7.93 21.44 -6.13
N ARG A 13 -8.71 21.19 -5.09
CA ARG A 13 -8.79 19.87 -4.49
C ARG A 13 -7.44 19.16 -4.53
N CYS A 14 -6.39 19.88 -4.15
CA CYS A 14 -5.04 19.32 -4.15
C CYS A 14 -4.74 18.60 -2.84
N ASP A 15 -5.73 17.87 -2.34
CA ASP A 15 -5.58 17.13 -1.09
C ASP A 15 -4.60 15.98 -1.25
N SER A 16 -3.44 16.09 -0.61
CA SER A 16 -2.41 15.07 -0.69
C SER A 16 -2.18 14.42 0.67
N SER A 17 -2.27 13.09 0.70
CA SER A 17 -2.07 12.35 1.94
C SER A 17 -0.84 11.45 1.85
N ARG A 18 -0.14 11.31 2.99
CA ARG A 18 1.06 10.49 3.03
C ARG A 18 0.93 9.38 4.08
N TRP A 19 -0.30 8.87 4.22
CA TRP A 19 -0.56 7.81 5.20
C TRP A 19 -1.38 6.69 4.57
N CYS A 20 -1.17 5.47 5.05
CA CYS A 20 -1.88 4.31 4.53
C CYS A 20 -2.94 3.84 5.51
N HIS A 21 -4.21 4.01 5.14
CA HIS A 21 -5.32 3.59 6.00
C HIS A 21 -5.75 2.17 5.67
N ASP A 22 -5.09 1.19 6.30
CA ASP A 22 -5.41 -0.21 6.09
C ASP A 22 -5.45 -0.97 7.41
N ASN A 23 -6.55 -1.68 7.65
CA ASN A 23 -6.71 -2.44 8.87
C ASN A 23 -6.62 -1.54 10.09
N GLY A 24 -7.12 -0.32 9.96
CA GLY A 24 -7.08 0.63 11.06
C GLY A 24 -5.67 0.87 11.57
N VAL A 25 -4.71 0.87 10.65
CA VAL A 25 -3.32 1.09 11.01
C VAL A 25 -2.63 2.00 9.99
N ASN A 26 -1.78 2.89 10.49
CA ASN A 26 -1.06 3.81 9.62
C ASN A 26 0.32 3.26 9.27
N TYR A 27 0.73 3.47 8.02
CA TYR A 27 2.02 2.98 7.55
C TYR A 27 2.77 4.08 6.79
N LYS A 28 4.06 4.23 7.09
CA LYS A 28 4.89 5.23 6.44
C LYS A 28 5.30 4.78 5.04
N ILE A 29 5.73 5.73 4.22
CA ILE A 29 6.15 5.43 2.86
C ILE A 29 7.33 4.47 2.86
N GLY A 30 7.13 3.29 2.26
CA GLY A 30 8.19 2.31 2.19
C GLY A 30 7.95 1.13 3.12
N GLU A 31 7.37 1.41 4.29
CA GLU A 31 7.09 0.36 5.26
C GLU A 31 6.29 -0.77 4.64
N LYS A 32 6.11 -1.84 5.39
CA LYS A 32 5.36 -3.00 4.91
C LYS A 32 4.59 -3.66 6.05
N TRP A 33 3.40 -4.18 5.74
CA TRP A 33 2.58 -4.85 6.74
C TRP A 33 2.04 -6.17 6.20
N ASP A 34 1.41 -6.94 7.08
CA ASP A 34 0.86 -8.23 6.70
C ASP A 34 -0.67 -8.18 6.68
N ARG A 35 -1.27 -8.88 5.72
CA ARG A 35 -2.72 -8.91 5.60
C ARG A 35 -3.20 -10.31 5.23
N GLN A 36 -4.53 -10.46 5.11
CA GLN A 36 -5.12 -11.75 4.77
C GLN A 36 -5.20 -11.91 3.25
N GLY A 37 -4.91 -13.12 2.77
CA GLY A 37 -4.96 -13.39 1.35
C GLY A 37 -6.26 -14.06 0.94
N GLU A 38 -6.68 -13.81 -0.31
CA GLU A 38 -7.91 -14.39 -0.82
C GLU A 38 -8.00 -15.87 -0.46
N ASN A 39 -6.90 -16.59 -0.66
CA ASN A 39 -6.86 -18.02 -0.35
C ASN A 39 -6.92 -18.26 1.16
N GLY A 40 -6.12 -17.51 1.90
CA GLY A 40 -6.09 -17.66 3.35
C GLY A 40 -4.77 -17.27 3.95
N GLN A 41 -3.70 -17.45 3.18
CA GLN A 41 -2.36 -17.11 3.66
C GLN A 41 -2.22 -15.61 3.88
N MET A 42 -1.03 -15.19 4.31
CA MET A 42 -0.77 -13.77 4.57
C MET A 42 0.06 -13.17 3.43
N MET A 43 -0.25 -11.91 3.11
CA MET A 43 0.46 -11.22 2.04
C MET A 43 1.17 -9.98 2.58
N SER A 44 2.34 -9.68 2.02
CA SER A 44 3.11 -8.52 2.45
C SER A 44 2.79 -7.30 1.60
N CYS A 45 2.44 -6.21 2.27
CA CYS A 45 2.09 -4.96 1.58
C CYS A 45 3.27 -3.99 1.60
N THR A 46 3.29 -3.08 0.63
CA THR A 46 4.36 -2.09 0.55
C THR A 46 3.80 -0.70 0.25
N CYS A 47 3.91 0.19 1.23
CA CYS A 47 3.41 1.55 1.08
C CYS A 47 4.19 2.30 0.00
N LEU A 48 3.74 2.18 -1.24
CA LEU A 48 4.39 2.85 -2.37
C LEU A 48 4.40 4.36 -2.16
N GLY A 49 3.22 4.96 -2.11
CA GLY A 49 3.12 6.40 -1.92
C GLY A 49 2.75 7.12 -3.20
N ASN A 50 1.77 6.58 -3.91
CA ASN A 50 1.30 7.19 -5.16
C ASN A 50 0.14 8.14 -4.91
N GLY A 51 0.40 9.43 -5.04
CA GLY A 51 -0.64 10.43 -4.83
C GLY A 51 -1.19 10.39 -3.41
N LYS A 52 -2.25 9.59 -3.21
CA LYS A 52 -2.87 9.47 -1.90
C LYS A 52 -2.06 8.55 -1.00
N GLY A 53 -1.52 7.48 -1.58
CA GLY A 53 -0.72 6.55 -0.80
C GLY A 53 -1.07 5.11 -1.11
N GLU A 54 -0.93 4.71 -2.37
CA GLU A 54 -1.23 3.36 -2.80
C GLU A 54 -0.13 2.39 -2.35
N PHE A 55 -0.53 1.15 -2.07
CA PHE A 55 0.42 0.13 -1.63
C PHE A 55 0.31 -1.12 -2.49
N LYS A 56 1.44 -1.77 -2.74
CA LYS A 56 1.46 -2.99 -3.55
C LYS A 56 1.71 -4.21 -2.68
N CYS A 57 0.73 -5.11 -2.64
CA CYS A 57 0.84 -6.33 -1.85
C CYS A 57 1.00 -7.55 -2.75
N ASP A 58 2.15 -8.20 -2.67
CA ASP A 58 2.42 -9.38 -3.47
C ASP A 58 2.74 -10.58 -2.58
N PRO A 59 2.40 -11.78 -3.07
CA PRO A 59 2.64 -13.04 -2.33
C PRO A 59 4.13 -13.38 -2.25
N HIS A 60 4.66 -13.37 -1.02
CA HIS A 60 6.06 -13.69 -0.81
C HIS A 60 6.35 -15.15 -1.10
N GLU A 61 7.38 -15.39 -1.92
CA GLU A 61 7.75 -16.75 -2.29
C GLU A 61 8.47 -17.46 -1.14
N ALA A 62 7.72 -18.20 -0.33
CA ALA A 62 8.29 -18.92 0.80
C ALA A 62 7.89 -20.39 0.77
N THR A 63 8.84 -21.23 0.39
CA THR A 63 8.60 -22.67 0.32
C THR A 63 9.35 -23.42 1.41
N CYS A 64 8.68 -23.65 2.53
CA CYS A 64 9.28 -24.35 3.66
C CYS A 64 10.60 -23.69 4.06
N TYR A 65 10.60 -22.37 4.11
CA TYR A 65 11.79 -21.61 4.47
C TYR A 65 11.60 -20.90 5.81
N ASP A 66 12.10 -21.51 6.88
CA ASP A 66 11.98 -20.93 8.20
C ASP A 66 13.36 -20.74 8.84
N ASP A 67 14.37 -21.38 8.26
CA ASP A 67 15.73 -21.27 8.76
C ASP A 67 16.65 -20.64 7.73
N GLY A 68 17.64 -19.88 8.20
CA GLY A 68 18.56 -19.23 7.29
C GLY A 68 19.58 -18.38 8.02
N GLY A 1 0.01 -0.33 -17.28
CA GLY A 1 0.63 0.77 -17.99
C GLY A 1 -0.37 1.85 -18.38
N SER A 2 0.01 3.11 -18.14
CA SER A 2 -0.87 4.23 -18.46
C SER A 2 -0.08 5.53 -18.52
N SER A 3 -0.66 6.54 -19.15
CA SER A 3 -0.01 7.84 -19.28
C SER A 3 -0.93 8.96 -18.80
N GLY A 4 -0.91 9.21 -17.49
CA GLY A 4 -1.75 10.26 -16.93
C GLY A 4 -1.24 11.64 -17.24
N SER A 5 -1.71 12.20 -18.36
CA SER A 5 -1.29 13.54 -18.78
C SER A 5 -2.11 14.61 -18.07
N SER A 6 -3.43 14.50 -18.16
CA SER A 6 -4.33 15.47 -17.53
C SER A 6 -3.83 15.85 -16.14
N GLY A 7 -3.65 17.15 -15.92
CA GLY A 7 -3.18 17.62 -14.63
C GLY A 7 -4.26 18.32 -13.84
N GLY A 8 -4.47 19.60 -14.15
CA GLY A 8 -5.48 20.37 -13.45
C GLY A 8 -5.01 20.86 -12.10
N SER A 9 -5.73 21.81 -11.52
CA SER A 9 -5.37 22.37 -10.22
C SER A 9 -6.47 22.09 -9.20
N GLY A 10 -6.13 22.24 -7.92
CA GLY A 10 -7.10 22.01 -6.86
C GLY A 10 -6.76 22.76 -5.59
N HIS A 11 -7.60 22.62 -4.58
CA HIS A 11 -7.40 23.30 -3.30
C HIS A 11 -6.53 22.45 -2.37
N PHE A 12 -5.88 23.11 -1.42
CA PHE A 12 -5.01 22.43 -0.46
C PHE A 12 -5.63 22.44 0.93
N ARG A 13 -5.07 21.63 1.82
CA ARG A 13 -5.55 21.55 3.19
C ARG A 13 -4.43 21.20 4.15
N CYS A 14 -4.71 21.31 5.45
CA CYS A 14 -3.71 21.01 6.48
C CYS A 14 -3.43 19.51 6.55
N ASP A 15 -4.50 18.71 6.48
CA ASP A 15 -4.37 17.26 6.53
C ASP A 15 -3.69 16.73 5.28
N SER A 16 -2.64 15.94 5.47
CA SER A 16 -1.91 15.37 4.34
C SER A 16 -2.27 13.90 4.15
N SER A 17 -2.35 13.49 2.88
CA SER A 17 -2.69 12.10 2.55
C SER A 17 -1.44 11.26 2.35
N ARG A 18 -0.45 11.47 3.21
CA ARG A 18 0.81 10.73 3.13
C ARG A 18 0.78 9.51 4.04
N TRP A 19 -0.35 8.81 4.05
CA TRP A 19 -0.50 7.62 4.88
C TRP A 19 -1.27 6.53 4.14
N CYS A 20 -1.40 5.37 4.77
CA CYS A 20 -2.12 4.25 4.18
C CYS A 20 -3.14 3.67 5.16
N HIS A 21 -3.98 2.77 4.66
CA HIS A 21 -5.00 2.13 5.48
C HIS A 21 -5.53 0.87 4.82
N ASP A 22 -5.30 -0.27 5.47
CA ASP A 22 -5.75 -1.55 4.94
C ASP A 22 -6.48 -2.35 6.02
N ASN A 23 -5.84 -2.48 7.19
CA ASN A 23 -6.43 -3.22 8.30
C ASN A 23 -6.79 -2.29 9.44
N GLY A 24 -5.87 -1.40 9.79
CA GLY A 24 -6.12 -0.46 10.87
C GLY A 24 -4.85 -0.01 11.56
N VAL A 25 -3.77 0.12 10.78
CA VAL A 25 -2.48 0.53 11.32
C VAL A 25 -1.85 1.62 10.45
N ASN A 26 -1.15 2.55 11.10
CA ASN A 26 -0.51 3.65 10.39
C ASN A 26 0.88 3.22 9.89
N TYR A 27 1.05 3.24 8.57
CA TYR A 27 2.32 2.86 7.96
C TYR A 27 3.02 4.08 7.35
N LYS A 28 4.33 3.96 7.18
CA LYS A 28 5.11 5.05 6.60
C LYS A 28 5.52 4.72 5.17
N ILE A 29 5.71 5.76 4.37
CA ILE A 29 6.11 5.59 2.97
C ILE A 29 7.36 4.72 2.87
N GLY A 30 7.19 3.49 2.39
CA GLY A 30 8.31 2.58 2.23
C GLY A 30 8.21 1.39 3.16
N GLU A 31 7.54 1.57 4.29
CA GLU A 31 7.38 0.49 5.27
C GLU A 31 6.45 -0.60 4.72
N LYS A 32 6.29 -1.66 5.50
CA LYS A 32 5.43 -2.77 5.10
C LYS A 32 4.81 -3.45 6.32
N TRP A 33 3.71 -4.17 6.10
CA TRP A 33 3.03 -4.87 7.19
C TRP A 33 2.44 -6.18 6.70
N ASP A 34 1.74 -6.88 7.58
CA ASP A 34 1.12 -8.15 7.24
C ASP A 34 -0.39 -8.07 7.37
N ARG A 35 -1.10 -8.69 6.43
CA ARG A 35 -2.55 -8.68 6.44
C ARG A 35 -3.12 -9.82 5.60
N GLN A 36 -4.43 -9.97 5.61
CA GLN A 36 -5.10 -11.02 4.83
C GLN A 36 -5.56 -10.50 3.48
N GLY A 37 -5.33 -11.29 2.44
CA GLY A 37 -5.72 -10.88 1.10
C GLY A 37 -7.22 -10.98 0.89
N GLU A 38 -7.66 -12.01 0.17
CA GLU A 38 -9.08 -12.20 -0.10
C GLU A 38 -9.57 -13.51 0.50
N ASN A 39 -9.01 -14.61 0.03
CA ASN A 39 -9.39 -15.94 0.53
C ASN A 39 -8.87 -16.17 1.94
N GLY A 40 -7.54 -16.10 2.08
CA GLY A 40 -6.93 -16.31 3.38
C GLY A 40 -5.43 -16.52 3.29
N GLN A 41 -4.78 -15.76 2.41
CA GLN A 41 -3.34 -15.86 2.22
C GLN A 41 -2.64 -14.61 2.73
N MET A 42 -1.47 -14.80 3.36
CA MET A 42 -0.71 -13.68 3.88
C MET A 42 -0.13 -12.83 2.76
N MET A 43 -0.50 -11.54 2.76
CA MET A 43 -0.02 -10.63 1.73
C MET A 43 0.71 -9.45 2.36
N SER A 44 1.86 -9.10 1.79
CA SER A 44 2.67 -7.99 2.29
C SER A 44 2.44 -6.74 1.46
N CYS A 45 1.81 -5.74 2.06
CA CYS A 45 1.53 -4.48 1.38
C CYS A 45 2.66 -3.48 1.61
N THR A 46 3.13 -2.86 0.53
CA THR A 46 4.20 -1.89 0.61
C THR A 46 3.72 -0.51 0.19
N CYS A 47 3.83 0.45 1.09
CA CYS A 47 3.40 1.83 0.80
C CYS A 47 4.38 2.51 -0.14
N LEU A 48 4.14 2.36 -1.44
CA LEU A 48 5.00 2.96 -2.46
C LEU A 48 4.89 4.48 -2.42
N GLY A 49 3.66 4.98 -2.42
CA GLY A 49 3.45 6.43 -2.39
C GLY A 49 3.21 7.00 -3.78
N ASN A 50 2.16 6.55 -4.44
CA ASN A 50 1.82 7.03 -5.77
C ASN A 50 0.68 8.04 -5.72
N GLY A 51 1.03 9.31 -5.47
CA GLY A 51 0.02 10.35 -5.40
C GLY A 51 -0.84 10.24 -4.16
N LYS A 52 -1.90 9.44 -4.26
CA LYS A 52 -2.82 9.25 -3.14
C LYS A 52 -2.18 8.35 -2.07
N GLY A 53 -1.15 7.62 -2.46
CA GLY A 53 -0.49 6.73 -1.53
C GLY A 53 -0.90 5.28 -1.70
N GLU A 54 -0.69 4.75 -2.90
CA GLU A 54 -1.04 3.37 -3.21
C GLU A 54 0.00 2.40 -2.64
N PHE A 55 -0.44 1.18 -2.35
CA PHE A 55 0.46 0.17 -1.80
C PHE A 55 0.43 -1.11 -2.66
N LYS A 56 1.56 -1.81 -2.70
CA LYS A 56 1.66 -3.04 -3.47
C LYS A 56 1.56 -4.26 -2.56
N CYS A 57 0.47 -5.00 -2.71
CA CYS A 57 0.25 -6.20 -1.91
C CYS A 57 0.42 -7.47 -2.74
N ASP A 58 1.46 -8.23 -2.44
CA ASP A 58 1.74 -9.47 -3.16
C ASP A 58 1.83 -10.66 -2.20
N PRO A 59 1.40 -11.83 -2.68
CA PRO A 59 1.42 -13.06 -1.88
C PRO A 59 2.84 -13.57 -1.63
N HIS A 60 3.18 -13.78 -0.36
CA HIS A 60 4.50 -14.26 0.01
C HIS A 60 4.98 -15.33 -0.96
N GLU A 61 6.30 -15.41 -1.14
CA GLU A 61 6.89 -16.39 -2.05
C GLU A 61 6.81 -17.79 -1.45
N ALA A 62 7.31 -18.77 -2.20
CA ALA A 62 7.30 -20.16 -1.76
C ALA A 62 8.41 -20.41 -0.74
N THR A 63 8.22 -21.44 0.09
CA THR A 63 9.20 -21.78 1.10
C THR A 63 10.52 -22.21 0.48
N CYS A 64 10.44 -22.95 -0.61
CA CYS A 64 11.63 -23.42 -1.31
C CYS A 64 12.70 -22.34 -1.35
N TYR A 65 13.97 -22.76 -1.36
CA TYR A 65 15.09 -21.83 -1.38
C TYR A 65 14.78 -20.64 -2.28
N ASP A 66 14.38 -20.93 -3.51
CA ASP A 66 14.06 -19.88 -4.47
C ASP A 66 13.02 -20.37 -5.49
N ASP A 67 12.39 -19.43 -6.18
CA ASP A 67 11.38 -19.77 -7.18
C ASP A 67 11.94 -19.61 -8.60
N GLY A 68 11.75 -20.63 -9.43
CA GLY A 68 12.23 -20.58 -10.79
C GLY A 68 12.02 -21.89 -11.53
#